data_1Q3V
#
_entry.id   1Q3V
#
_cell.length_a   108.938
_cell.length_b   164.160
_cell.length_c   194.759
_cell.angle_alpha   90.00
_cell.angle_beta   90.00
_cell.angle_gamma   90.00
#
_symmetry.space_group_name_H-M   'P 21 21 21'
#
loop_
_entity.id
_entity.type
_entity.pdbx_description
1 polymer 'loxP DNA'
2 polymer 'loxP DNA'
3 polymer 'loxP DNA'
4 polymer 'Cre recombinase'
5 non-polymer 'IODIDE ION'
6 non-polymer 'MAGNESIUM ION'
7 water water
#
loop_
_entity_poly.entity_id
_entity_poly.type
_entity_poly.pdbx_seq_one_letter_code
_entity_poly.pdbx_strand_id
1 'polydeoxyribonucleotide' (DC)(DG)(DA)(DT)(DA)(DA)(DC)(UMP)(DT)(DC)(DG)(DT)(DA)(DT)(DA)(A3P) C,G
2 'polydeoxyribonucleotide'
;(DT)(DG)(DT)(DA)(DT)(DG)(DC)(DT)(DA)(DT)(DA)(DC)(DG)(DA)(DA)(DG)(DT)(DT)(DA)(DT)
(DC)
;
X,Y
3 'polydeoxyribonucleotide'
;(DG)(DG)(DA)(DT)(DA)(DA)(DC)(DT)(DT)(DC)(DG)(DT)(DA)(DT)(DA)(DG)(DC)(DA)(DT)(DA)
(DC)(DA)(DT)(DT)(DA)(DT)(DA)(DC)(DG)(DA)(DA)(DG)(DT)(DT)(DA)(DT)(DC)
;
D,H
4 'polypeptide(L)'
;FQVPMSNLLTVHQNLPALPVDATSDEVRKNLMDMFRDRQAFSEHTWKMLLSVCRSWAAWCKLNNRKWFPAEPEDVRDYLL
YLQARGLAVKTIQQHLGQLNMLHRRSGLPRPSDSNAVSLVMRRIRKENVDAGERAKQALAFERTDFDQVRSLMENSDRCQ
DIRNLAFLGIAYNTLLRIAEIARIRVKDISRTDGGRMLIHIGRTKTLVSTAGVEKALSLGVTKLVERWISVSGVADDPNN
YLFCRVRKNGVAAPSATSQLSTRALEGIFEATHRLIYGAKDDSGQRYLAWSGHSARVGAARDMARAGVSIPEIMQAGGWT
NVNIVMNYIRNLDSETGAMVRLLEDGD
;
A,B,E,F
#
loop_
_chem_comp.id
_chem_comp.type
_chem_comp.name
_chem_comp.formula
A3P RNA linking ADENOSINE-3'-5'-DIPHOSPHATE 'C10 H15 N5 O10 P2'
DA DNA linking 2'-DEOXYADENOSINE-5'-MONOPHOSPHATE 'C10 H14 N5 O6 P'
DC DNA linking 2'-DEOXYCYTIDINE-5'-MONOPHOSPHATE 'C9 H14 N3 O7 P'
DG DNA linking 2'-DEOXYGUANOSINE-5'-MONOPHOSPHATE 'C10 H14 N5 O7 P'
DT DNA linking THYMIDINE-5'-MONOPHOSPHATE 'C10 H15 N2 O8 P'
IOD non-polymer 'IODIDE ION' 'I -1'
MG non-polymer 'MAGNESIUM ION' 'Mg 2'
UMP non-polymer '2'-DEOXYURIDINE 5'-MONOPHOSPHATE' 'C9 H13 N2 O8 P'
#
# COMPACT_ATOMS: atom_id res chain seq x y z
N1 UMP A 8 -35.94 3.01 -21.36
C2 UMP A 8 -36.10 4.25 -21.96
N3 UMP A 8 -36.55 5.24 -21.13
C4 UMP A 8 -36.83 5.13 -19.78
C5 UMP A 8 -36.59 3.83 -19.22
C6 UMP A 8 -36.17 2.84 -20.02
O2 UMP A 8 -35.83 4.46 -23.12
O4 UMP A 8 -37.25 6.12 -19.17
C1' UMP A 8 -35.53 1.90 -22.22
C2' UMP A 8 -34.03 1.69 -22.29
C3' UMP A 8 -33.86 0.19 -22.32
C4' UMP A 8 -35.11 -0.36 -21.65
O3' UMP A 8 -33.75 -0.32 -23.63
O4' UMP A 8 -36.08 0.71 -21.66
C5' UMP A 8 -34.83 -0.76 -20.22
O5' UMP A 8 -36.05 -0.95 -19.55
P UMP A 8 -36.04 -1.55 -18.09
OP1 UMP A 8 -35.71 -3.01 -18.18
OP2 UMP A 8 -35.20 -0.66 -17.25
P1 A3P A 16 -16.88 5.38 -5.71
O1P A3P A 16 -17.56 4.06 -5.64
O2P A3P A 16 -15.45 5.56 -5.32
P2 A3P A 16 -18.47 11.56 -5.96
O4P A3P A 16 -17.63 12.67 -5.44
O5P A3P A 16 -19.43 10.98 -5.01
O5' A3P A 16 -17.52 10.45 -6.52
C5' A3P A 16 -18.01 9.11 -6.50
C4' A3P A 16 -17.32 8.38 -7.62
O4' A3P A 16 -16.52 9.32 -8.36
C3' A3P A 16 -16.29 7.43 -7.16
O3' A3P A 16 -17.02 6.19 -7.19
C2' A3P A 16 -15.01 7.57 -7.91
C1' A3P A 16 -15.46 8.60 -8.93
N9 A3P A 16 -14.63 9.62 -9.53
C8 A3P A 16 -14.28 10.80 -8.97
N7 A3P A 16 -13.55 11.55 -9.75
C5 A3P A 16 -13.42 10.83 -10.91
C6 A3P A 16 -12.78 11.11 -12.12
N6 A3P A 16 -12.20 12.30 -12.40
N1 A3P A 16 -12.77 10.15 -13.05
C2 A3P A 16 -13.34 8.97 -12.76
N3 A3P A 16 -14.00 8.60 -11.66
C4 A3P A 16 -14.03 9.61 -10.76
N1 UMP D 8 38.11 -2.21 17.02
C2 UMP D 8 38.96 -3.07 16.36
N3 UMP D 8 38.77 -4.40 16.62
C4 UMP D 8 37.82 -4.94 17.47
C5 UMP D 8 36.98 -3.99 18.11
C6 UMP D 8 37.14 -2.70 17.86
O2 UMP D 8 39.82 -2.70 15.58
O4 UMP D 8 37.75 -6.16 17.60
C1' UMP D 8 38.24 -0.76 16.81
C2' UMP D 8 36.94 -0.08 16.41
C3' UMP D 8 36.97 1.26 17.14
C4' UMP D 8 37.78 0.93 18.39
O3' UMP D 8 37.65 2.30 16.43
O4' UMP D 8 38.60 -0.21 18.06
C5' UMP D 8 36.97 0.66 19.64
O5' UMP D 8 35.77 -0.01 19.31
P UMP D 8 34.51 0.13 20.26
OP1 UMP D 8 34.25 1.58 20.47
OP2 UMP D 8 33.43 -0.72 19.69
P1 A3P D 16 15.52 -6.64 7.58
O1P A3P D 16 16.10 -5.44 8.19
O2P A3P D 16 14.37 -5.88 7.02
P2 A3P D 16 17.95 -12.35 6.28
O4P A3P D 16 17.35 -13.25 5.29
O5P A3P D 16 17.36 -12.32 7.65
O5' A3P D 16 17.86 -10.85 5.67
C5' A3P D 16 18.48 -9.84 6.49
C4' A3P D 16 18.09 -8.40 6.06
O4' A3P D 16 18.80 -8.18 4.79
C3' A3P D 16 16.65 -8.09 5.77
O3' A3P D 16 16.24 -6.86 6.35
C2' A3P D 16 16.46 -8.20 4.28
C1' A3P D 16 17.83 -7.74 3.82
N9 A3P D 16 18.39 -8.06 2.54
C8 A3P D 16 18.72 -9.30 2.08
N7 A3P D 16 19.29 -9.30 0.90
C5 A3P D 16 19.36 -7.98 0.57
C6 A3P D 16 19.88 -7.33 -0.54
N6 A3P D 16 20.49 -7.97 -1.55
N1 A3P D 16 19.76 -6.00 -0.59
C2 A3P D 16 19.14 -5.38 0.42
N3 A3P D 16 18.62 -5.87 1.53
C4 A3P D 16 18.76 -7.19 1.55
N ASN G 14 8.22 42.13 -11.65
CA ASN G 14 8.03 40.79 -11.03
C ASN G 14 9.32 39.97 -10.82
N LEU G 15 9.76 39.25 -11.86
CA LEU G 15 10.98 38.44 -11.80
C LEU G 15 12.25 39.29 -11.79
N PRO G 16 13.43 38.67 -11.57
CA PRO G 16 14.70 39.42 -11.54
C PRO G 16 14.97 40.24 -12.82
N ALA G 17 15.20 39.53 -13.92
CA ALA G 17 15.47 40.18 -15.20
C ALA G 17 15.90 39.19 -16.29
N LEU G 18 14.93 38.48 -16.87
CA LEU G 18 15.21 37.53 -17.95
C LEU G 18 15.88 38.39 -19.02
N PRO G 19 17.21 38.22 -19.18
CA PRO G 19 18.14 38.91 -20.11
C PRO G 19 17.69 39.24 -21.53
N VAL G 20 18.22 40.36 -22.02
CA VAL G 20 17.96 40.86 -23.37
C VAL G 20 18.47 39.84 -24.41
N ASP G 21 19.56 39.16 -24.07
CA ASP G 21 20.15 38.17 -24.96
C ASP G 21 20.26 36.78 -24.35
N ALA G 22 20.07 36.66 -23.04
CA ALA G 22 20.16 35.34 -22.40
C ALA G 22 18.86 34.58 -22.58
N THR G 23 17.75 35.26 -22.30
CA THR G 23 16.44 34.66 -22.49
C THR G 23 16.29 34.73 -23.99
N SER G 24 16.41 33.58 -24.66
CA SER G 24 16.33 33.58 -26.11
C SER G 24 15.32 32.62 -26.73
N ASP G 25 14.56 33.14 -27.70
CA ASP G 25 13.58 32.37 -28.45
C ASP G 25 12.20 32.28 -27.84
N GLU G 26 11.75 31.03 -27.74
CA GLU G 26 10.45 30.69 -27.21
C GLU G 26 10.41 30.64 -25.69
N VAL G 27 11.57 30.71 -25.04
CA VAL G 27 11.58 30.70 -23.58
C VAL G 27 10.94 32.02 -23.18
N ARG G 28 10.78 32.89 -24.18
CA ARG G 28 10.17 34.19 -24.02
C ARG G 28 8.68 33.99 -24.30
N LYS G 29 8.39 33.12 -25.26
CA LYS G 29 7.02 32.79 -25.61
C LYS G 29 6.41 32.16 -24.38
N ASN G 30 7.04 31.08 -23.90
CA ASN G 30 6.56 30.38 -22.72
C ASN G 30 6.40 31.28 -21.51
N LEU G 31 7.50 31.85 -21.06
CA LEU G 31 7.48 32.73 -19.90
C LEU G 31 6.37 33.76 -19.99
N MET G 32 6.03 34.11 -21.22
CA MET G 32 4.98 35.09 -21.47
C MET G 32 3.62 34.44 -21.21
N ASP G 33 3.47 33.20 -21.64
CA ASP G 33 2.23 32.47 -21.44
C ASP G 33 2.00 32.20 -19.97
N MET G 34 3.08 32.04 -19.21
CA MET G 34 2.96 31.77 -17.79
C MET G 34 2.41 32.98 -17.06
N PHE G 35 2.91 34.16 -17.39
CA PHE G 35 2.42 35.36 -16.73
C PHE G 35 1.03 35.73 -17.22
N ARG G 36 0.60 35.12 -18.33
CA ARG G 36 -0.71 35.40 -18.87
C ARG G 36 -1.72 34.66 -18.03
N ASP G 37 -1.42 33.41 -17.71
CA ASP G 37 -2.28 32.58 -16.87
C ASP G 37 -1.68 32.52 -15.48
N ARG G 38 -1.11 33.64 -15.06
CA ARG G 38 -0.48 33.74 -13.76
C ARG G 38 -1.42 33.23 -12.68
N GLN G 39 -2.70 33.49 -12.87
CA GLN G 39 -3.71 33.04 -11.92
C GLN G 39 -3.80 31.52 -11.80
N ALA G 40 -2.87 30.80 -12.42
CA ALA G 40 -2.88 29.34 -12.36
C ALA G 40 -2.25 28.83 -11.07
N PHE G 41 -1.59 29.71 -10.32
CA PHE G 41 -0.97 29.30 -9.07
C PHE G 41 -1.38 30.13 -7.86
N SER G 42 -1.19 29.54 -6.71
CA SER G 42 -1.51 30.22 -5.48
C SER G 42 -0.63 31.45 -5.39
N GLU G 43 -1.18 32.49 -4.77
CA GLU G 43 -0.47 33.74 -4.56
C GLU G 43 0.81 33.43 -3.76
N HIS G 44 0.71 32.51 -2.80
CA HIS G 44 1.85 32.13 -1.97
C HIS G 44 2.88 31.41 -2.82
N THR G 45 2.42 30.69 -3.82
CA THR G 45 3.35 30.01 -4.68
C THR G 45 4.21 31.04 -5.39
N TRP G 46 3.57 32.08 -5.92
CA TRP G 46 4.33 33.14 -6.59
C TRP G 46 5.33 33.79 -5.65
N LYS G 47 4.88 34.02 -4.42
CA LYS G 47 5.67 34.61 -3.35
C LYS G 47 6.99 33.85 -3.24
N MET G 48 6.88 32.53 -3.19
CA MET G 48 8.06 31.68 -3.03
C MET G 48 8.93 31.58 -4.26
N LEU G 49 8.31 31.53 -5.44
CA LEU G 49 9.06 31.50 -6.69
C LEU G 49 9.95 32.74 -6.72
N LEU G 50 9.34 33.91 -6.52
CA LEU G 50 10.06 35.18 -6.52
C LEU G 50 11.13 35.23 -5.46
N SER G 51 10.82 34.75 -4.26
CA SER G 51 11.81 34.80 -3.21
C SER G 51 13.05 33.98 -3.58
N VAL G 52 12.84 32.73 -4.02
CA VAL G 52 13.94 31.87 -4.43
C VAL G 52 14.75 32.52 -5.53
N CYS G 53 14.10 32.94 -6.61
CA CYS G 53 14.82 33.58 -7.70
C CYS G 53 15.69 34.72 -7.18
N ARG G 54 15.13 35.60 -6.36
CA ARG G 54 15.91 36.68 -5.77
C ARG G 54 17.12 36.08 -5.08
N SER G 55 16.86 35.12 -4.19
CA SER G 55 17.91 34.46 -3.45
C SER G 55 19.02 33.86 -4.36
N TRP G 56 18.60 33.18 -5.42
CA TRP G 56 19.57 32.59 -6.36
C TRP G 56 20.26 33.71 -7.16
N ALA G 57 19.47 34.66 -7.65
CA ALA G 57 19.98 35.78 -8.41
C ALA G 57 21.14 36.46 -7.66
N ALA G 58 20.90 36.78 -6.40
CA ALA G 58 21.88 37.44 -5.56
C ALA G 58 23.07 36.53 -5.34
N TRP G 59 22.81 35.23 -5.19
CA TRP G 59 23.94 34.37 -4.96
C TRP G 59 24.79 34.34 -6.20
N CYS G 60 24.13 34.34 -7.36
CA CYS G 60 24.81 34.34 -8.64
C CYS G 60 25.67 35.59 -8.79
N LYS G 61 25.10 36.78 -8.61
CA LYS G 61 25.92 37.99 -8.75
C LYS G 61 27.15 37.86 -7.90
N LEU G 62 26.95 37.70 -6.59
CA LEU G 62 28.05 37.60 -5.66
C LEU G 62 29.12 36.60 -6.10
N ASN G 63 28.72 35.56 -6.80
CA ASN G 63 29.66 34.55 -7.23
C ASN G 63 29.92 34.47 -8.72
N ASN G 64 29.62 35.56 -9.42
CA ASN G 64 29.89 35.64 -10.84
C ASN G 64 29.32 34.51 -11.69
N ARG G 65 28.03 34.21 -11.54
CA ARG G 65 27.43 33.14 -12.34
C ARG G 65 26.29 33.68 -13.15
N LYS G 66 26.00 33.03 -14.27
CA LYS G 66 24.89 33.44 -15.13
C LYS G 66 23.69 32.86 -14.42
N TRP G 67 22.68 33.68 -14.10
CA TRP G 67 21.53 33.17 -13.37
C TRP G 67 20.45 32.43 -14.17
N PHE G 68 20.42 32.59 -15.47
CA PHE G 68 19.39 31.92 -16.25
C PHE G 68 19.69 31.87 -17.75
N PRO G 69 19.64 30.67 -18.35
CA PRO G 69 19.33 29.37 -17.74
C PRO G 69 20.43 29.02 -16.75
N ALA G 70 20.09 28.24 -15.75
CA ALA G 70 21.05 27.85 -14.74
C ALA G 70 21.90 26.65 -15.17
N GLU G 71 23.21 26.75 -14.98
CA GLU G 71 24.12 25.67 -15.33
C GLU G 71 24.09 24.68 -14.18
N PRO G 72 24.00 23.38 -14.47
CA PRO G 72 23.97 22.41 -13.38
C PRO G 72 25.06 22.61 -12.31
N GLU G 73 26.30 22.66 -12.75
CA GLU G 73 27.41 22.83 -11.83
C GLU G 73 27.18 23.99 -10.86
N ASP G 74 26.60 25.09 -11.34
CA ASP G 74 26.35 26.22 -10.47
C ASP G 74 25.22 25.92 -9.52
N VAL G 75 24.12 25.32 -10.01
CA VAL G 75 23.00 24.97 -9.14
C VAL G 75 23.54 24.13 -7.99
N ARG G 76 24.47 23.26 -8.32
CA ARG G 76 25.04 22.42 -7.32
C ARG G 76 25.86 23.26 -6.36
N ASP G 77 26.70 24.15 -6.84
CA ASP G 77 27.48 24.92 -5.87
C ASP G 77 26.56 25.69 -4.94
N TYR G 78 25.41 26.10 -5.48
CA TYR G 78 24.41 26.87 -4.75
C TYR G 78 23.71 26.04 -3.68
N LEU G 79 23.41 24.79 -4.01
CA LEU G 79 22.78 23.92 -3.04
C LEU G 79 23.80 23.66 -1.92
N LEU G 80 25.06 23.40 -2.25
CA LEU G 80 26.02 23.16 -1.18
C LEU G 80 26.17 24.41 -0.37
N TYR G 81 25.82 25.54 -0.98
CA TYR G 81 25.92 26.82 -0.31
C TYR G 81 24.84 26.93 0.75
N LEU G 82 23.59 26.68 0.33
CA LEU G 82 22.43 26.74 1.21
C LEU G 82 22.62 25.79 2.40
N GLN G 83 23.21 24.64 2.14
CA GLN G 83 23.41 23.73 3.24
C GLN G 83 24.41 24.35 4.19
N ALA G 84 25.49 24.90 3.65
CA ALA G 84 26.51 25.48 4.52
C ALA G 84 25.97 26.64 5.33
N ARG G 85 24.91 27.28 4.84
CA ARG G 85 24.31 28.41 5.55
C ARG G 85 23.42 27.81 6.64
N GLY G 86 23.49 26.49 6.74
CA GLY G 86 22.76 25.78 7.75
C GLY G 86 21.27 25.69 7.61
N LEU G 87 20.74 25.78 6.41
CA LEU G 87 19.29 25.68 6.24
C LEU G 87 18.82 24.22 6.27
N ALA G 88 17.54 24.07 6.53
CA ALA G 88 16.90 22.77 6.59
C ALA G 88 16.73 22.15 5.19
N VAL G 89 16.78 20.81 5.12
CA VAL G 89 16.58 20.07 3.88
C VAL G 89 15.25 20.45 3.19
N LYS G 90 14.18 20.62 3.95
CA LYS G 90 12.89 20.98 3.33
C LYS G 90 13.00 22.30 2.57
N THR G 91 13.84 23.20 3.09
CA THR G 91 14.04 24.50 2.50
C THR G 91 14.88 24.41 1.21
N ILE G 92 15.99 23.67 1.31
CA ILE G 92 16.86 23.45 0.17
C ILE G 92 16.04 22.83 -0.94
N GLN G 93 15.17 21.88 -0.58
CA GLN G 93 14.29 21.25 -1.56
C GLN G 93 13.37 22.27 -2.21
N GLN G 94 12.95 23.27 -1.43
CA GLN G 94 12.07 24.32 -1.96
C GLN G 94 12.81 25.14 -3.03
N HIS G 95 14.06 25.46 -2.75
CA HIS G 95 14.84 26.25 -3.69
C HIS G 95 15.07 25.53 -5.01
N LEU G 96 15.43 24.25 -4.95
CA LEU G 96 15.66 23.53 -6.17
C LEU G 96 14.31 23.39 -6.87
N GLY G 97 13.27 23.22 -6.08
CA GLY G 97 11.96 23.05 -6.65
C GLY G 97 11.55 24.25 -7.48
N GLN G 98 11.61 25.46 -6.89
CA GLN G 98 11.21 26.67 -7.59
C GLN G 98 12.02 26.87 -8.87
N LEU G 99 13.31 26.57 -8.79
CA LEU G 99 14.20 26.66 -9.92
C LEU G 99 13.68 25.72 -11.01
N ASN G 100 13.38 24.48 -10.64
CA ASN G 100 12.87 23.54 -11.64
C ASN G 100 11.62 24.06 -12.29
N MET G 101 10.69 24.56 -11.49
CA MET G 101 9.47 25.08 -12.06
C MET G 101 9.79 26.17 -13.10
N LEU G 102 10.68 27.10 -12.74
CA LEU G 102 11.08 28.18 -13.65
C LEU G 102 11.52 27.55 -14.97
N HIS G 103 12.57 26.75 -14.91
CA HIS G 103 13.05 26.13 -16.13
C HIS G 103 12.01 25.34 -16.89
N ARG G 104 11.34 24.38 -16.26
CA ARG G 104 10.35 23.60 -17.01
C ARG G 104 9.28 24.48 -17.65
N ARG G 105 8.65 25.34 -16.86
CA ARG G 105 7.59 26.23 -17.33
C ARG G 105 8.11 27.31 -18.28
N SER G 106 9.32 27.12 -18.78
CA SER G 106 9.87 28.07 -19.72
C SER G 106 10.51 27.32 -20.88
N GLY G 107 10.35 25.99 -20.89
CA GLY G 107 10.86 25.18 -21.98
C GLY G 107 12.23 24.57 -21.87
N LEU G 108 13.04 25.09 -20.97
CA LEU G 108 14.40 24.59 -20.79
C LEU G 108 14.42 23.38 -19.85
N PRO G 109 15.38 22.46 -20.04
CA PRO G 109 15.50 21.28 -19.19
C PRO G 109 15.84 21.81 -17.79
N ARG G 110 15.30 21.15 -16.77
CA ARG G 110 15.49 21.58 -15.37
C ARG G 110 16.69 21.02 -14.63
N PRO G 111 17.25 21.79 -13.67
CA PRO G 111 18.39 21.23 -12.92
C PRO G 111 17.78 20.00 -12.26
N SER G 112 18.51 19.27 -11.44
CA SER G 112 17.82 18.14 -10.80
C SER G 112 17.31 17.17 -11.88
N ASP G 113 17.79 17.38 -13.10
CA ASP G 113 17.44 16.56 -14.23
C ASP G 113 18.80 16.18 -14.76
N SER G 114 19.81 16.42 -13.94
CA SER G 114 21.19 16.11 -14.29
C SER G 114 21.92 15.48 -13.11
N ASN G 115 22.78 14.49 -13.40
CA ASN G 115 23.53 13.80 -12.38
C ASN G 115 24.05 14.68 -11.29
N ALA G 116 24.85 15.68 -11.65
CA ALA G 116 25.41 16.56 -10.65
C ALA G 116 24.38 17.00 -9.59
N VAL G 117 23.32 17.69 -9.99
CA VAL G 117 22.34 18.15 -9.01
C VAL G 117 21.62 17.02 -8.28
N SER G 118 21.15 16.01 -8.99
CA SER G 118 20.49 14.90 -8.32
C SER G 118 21.40 14.27 -7.29
N LEU G 119 22.63 13.93 -7.67
CA LEU G 119 23.53 13.32 -6.67
C LEU G 119 23.82 14.21 -5.47
N VAL G 120 24.09 15.49 -5.72
CA VAL G 120 24.39 16.39 -4.61
C VAL G 120 23.21 16.51 -3.68
N MET G 121 22.02 16.55 -4.27
CA MET G 121 20.82 16.68 -3.47
C MET G 121 20.71 15.48 -2.52
N ARG G 122 20.86 14.29 -3.08
CA ARG G 122 20.79 13.07 -2.30
C ARG G 122 21.87 13.08 -1.20
N ARG G 123 23.06 13.53 -1.54
CA ARG G 123 24.14 13.58 -0.57
C ARG G 123 23.85 14.53 0.58
N ILE G 124 23.34 15.71 0.24
CA ILE G 124 22.99 16.73 1.22
C ILE G 124 21.94 16.15 2.17
N ARG G 125 20.92 15.52 1.62
CA ARG G 125 19.90 14.95 2.48
C ARG G 125 20.53 14.00 3.50
N LYS G 126 21.32 13.05 3.04
CA LYS G 126 21.94 12.12 3.98
C LYS G 126 22.79 12.87 4.98
N GLU G 127 23.88 13.49 4.54
CA GLU G 127 24.74 14.21 5.47
C GLU G 127 23.97 14.99 6.55
N ASN G 128 22.89 15.65 6.17
CA ASN G 128 22.09 16.45 7.12
C ASN G 128 21.29 15.67 8.16
N VAL G 129 20.76 14.51 7.76
CA VAL G 129 19.99 13.70 8.69
C VAL G 129 21.01 13.10 9.65
N ASP G 130 22.15 12.68 9.11
CA ASP G 130 23.19 12.13 9.95
C ASP G 130 23.72 13.18 10.91
N ALA G 131 23.33 14.43 10.71
CA ALA G 131 23.79 15.50 11.58
C ALA G 131 22.77 15.71 12.69
N GLY G 132 21.65 15.01 12.60
CA GLY G 132 20.62 15.10 13.62
C GLY G 132 19.48 16.05 13.34
N GLU G 133 19.46 16.60 12.14
CA GLU G 133 18.41 17.53 11.77
C GLU G 133 17.07 16.81 11.69
N ARG G 134 16.09 17.30 12.44
CA ARG G 134 14.77 16.68 12.41
C ARG G 134 13.66 17.70 12.27
N ALA G 135 12.60 17.29 11.61
CA ALA G 135 11.46 18.15 11.39
C ALA G 135 10.71 18.45 12.68
N LYS G 136 10.38 19.73 12.87
CA LYS G 136 9.68 20.21 14.04
C LYS G 136 8.19 20.45 13.70
N GLN G 137 7.31 20.38 14.70
CA GLN G 137 5.88 20.64 14.47
C GLN G 137 5.40 21.58 15.55
N ALA G 138 4.21 22.12 15.39
CA ALA G 138 3.66 23.07 16.36
C ALA G 138 3.50 22.51 17.76
N LEU G 139 3.66 23.41 18.72
CA LEU G 139 3.51 23.06 20.12
C LEU G 139 2.01 22.91 20.27
N ALA G 140 1.58 21.82 20.91
CA ALA G 140 0.15 21.56 21.06
C ALA G 140 -0.57 22.47 22.02
N PHE G 141 -1.83 22.71 21.68
CA PHE G 141 -2.74 23.51 22.49
C PHE G 141 -3.87 22.50 22.70
N GLU G 142 -3.79 21.74 23.79
CA GLU G 142 -4.80 20.73 24.07
C GLU G 142 -5.89 21.29 25.01
N ARG G 143 -6.88 20.46 25.32
CA ARG G 143 -7.98 20.85 26.19
C ARG G 143 -7.54 21.47 27.53
N THR G 144 -6.68 20.75 28.24
CA THR G 144 -6.23 21.27 29.51
C THR G 144 -5.66 22.67 29.41
N ASP G 145 -5.14 23.04 28.24
CA ASP G 145 -4.62 24.40 28.02
C ASP G 145 -5.75 25.41 27.82
N PHE G 146 -6.75 25.01 27.05
CA PHE G 146 -7.92 25.85 26.79
C PHE G 146 -8.66 26.08 28.08
N ASP G 147 -8.77 25.04 28.91
CA ASP G 147 -9.46 25.17 30.18
C ASP G 147 -8.75 26.13 31.11
N GLN G 148 -7.43 26.11 31.11
CA GLN G 148 -6.70 27.05 31.95
C GLN G 148 -6.82 28.49 31.45
N VAL G 149 -6.67 28.68 30.15
CA VAL G 149 -6.76 30.01 29.55
C VAL G 149 -8.12 30.61 29.80
N ARG G 150 -9.12 29.74 29.78
CA ARG G 150 -10.50 30.11 29.98
C ARG G 150 -10.74 30.56 31.42
N SER G 151 -10.34 29.71 32.36
CA SER G 151 -10.51 29.99 33.76
C SER G 151 -9.95 31.37 34.15
N LEU G 152 -9.05 31.87 33.31
CA LEU G 152 -8.43 33.16 33.56
C LEU G 152 -9.06 34.28 32.76
N MET G 153 -9.23 34.05 31.46
CA MET G 153 -9.77 35.09 30.59
C MET G 153 -11.28 35.24 30.55
N GLU G 154 -12.00 34.33 31.18
CA GLU G 154 -13.44 34.45 31.16
C GLU G 154 -13.91 35.56 32.07
N ASN G 155 -13.06 36.03 32.98
CA ASN G 155 -13.44 37.11 33.90
C ASN G 155 -13.03 38.50 33.44
N SER G 156 -12.47 38.62 32.24
CA SER G 156 -12.05 39.91 31.73
C SER G 156 -13.11 40.56 30.87
N ASP G 157 -13.35 41.84 31.09
CA ASP G 157 -14.35 42.54 30.29
C ASP G 157 -13.72 43.27 29.13
N ARG G 158 -12.39 43.29 29.11
CA ARG G 158 -11.65 43.93 28.05
C ARG G 158 -12.09 43.34 26.71
N CYS G 159 -12.42 44.19 25.77
CA CYS G 159 -12.87 43.77 24.46
C CYS G 159 -11.88 42.82 23.76
N GLN G 160 -10.59 43.10 23.92
CA GLN G 160 -9.55 42.29 23.32
C GLN G 160 -9.58 40.86 23.86
N ASP G 161 -9.65 40.74 25.18
CA ASP G 161 -9.69 39.43 25.82
C ASP G 161 -10.93 38.64 25.37
N ILE G 162 -12.08 39.31 25.29
CA ILE G 162 -13.25 38.57 24.85
C ILE G 162 -13.02 38.05 23.44
N ARG G 163 -12.48 38.88 22.55
CA ARG G 163 -12.21 38.45 21.19
C ARG G 163 -11.32 37.23 21.24
N ASN G 164 -10.13 37.40 21.80
CA ASN G 164 -9.15 36.31 21.87
C ASN G 164 -9.71 34.99 22.38
N LEU G 165 -10.48 35.01 23.47
CA LEU G 165 -11.04 33.78 24.02
C LEU G 165 -11.98 33.13 23.03
N ALA G 166 -12.76 33.95 22.32
CA ALA G 166 -13.67 33.41 21.32
C ALA G 166 -12.79 32.85 20.21
N PHE G 167 -11.66 33.49 19.94
CA PHE G 167 -10.81 32.96 18.88
C PHE G 167 -10.33 31.58 19.27
N LEU G 168 -9.61 31.50 20.38
CA LEU G 168 -9.07 30.24 20.85
C LEU G 168 -10.17 29.19 20.89
N GLY G 169 -11.31 29.55 21.50
CA GLY G 169 -12.42 28.61 21.57
C GLY G 169 -12.72 27.99 20.21
N ILE G 170 -12.94 28.84 19.19
CA ILE G 170 -13.23 28.37 17.85
C ILE G 170 -12.09 27.57 17.19
N ALA G 171 -10.84 27.96 17.42
CA ALA G 171 -9.74 27.24 16.77
C ALA G 171 -9.66 25.80 17.23
N TYR G 172 -9.77 25.61 18.54
CA TYR G 172 -9.70 24.32 19.15
C TYR G 172 -10.94 23.50 18.80
N ASN G 173 -12.10 24.09 18.95
CA ASN G 173 -13.36 23.41 18.67
C ASN G 173 -13.50 22.96 17.20
N THR G 174 -13.25 23.86 16.26
CA THR G 174 -13.40 23.51 14.83
C THR G 174 -12.17 22.97 14.10
N LEU G 175 -10.99 23.06 14.71
CA LEU G 175 -9.75 22.63 14.05
C LEU G 175 -9.49 23.34 12.69
N LEU G 176 -10.08 24.52 12.50
CA LEU G 176 -9.89 25.26 11.23
C LEU G 176 -8.52 25.91 11.16
N ARG G 177 -8.02 26.12 9.94
CA ARG G 177 -6.73 26.76 9.74
C ARG G 177 -6.89 28.26 9.95
N ILE G 178 -5.85 28.95 10.43
CA ILE G 178 -6.02 30.38 10.67
C ILE G 178 -6.54 31.18 9.47
N ALA G 179 -6.19 30.76 8.25
CA ALA G 179 -6.64 31.43 7.02
C ALA G 179 -8.16 31.31 6.86
N GLU G 180 -8.72 30.22 7.38
CA GLU G 180 -10.15 29.98 7.32
C GLU G 180 -10.90 30.73 8.41
N ILE G 181 -10.30 30.88 9.57
CA ILE G 181 -10.96 31.59 10.66
C ILE G 181 -11.06 33.09 10.32
N ALA G 182 -10.05 33.62 9.66
CA ALA G 182 -10.04 35.02 9.26
C ALA G 182 -11.12 35.30 8.21
N ARG G 183 -11.68 34.27 7.58
CA ARG G 183 -12.72 34.44 6.54
C ARG G 183 -14.15 34.23 6.99
N ILE G 184 -14.33 33.75 8.21
CA ILE G 184 -15.68 33.56 8.72
C ILE G 184 -16.29 34.96 8.77
N ARG G 185 -17.51 35.12 8.30
CA ARG G 185 -18.16 36.43 8.37
C ARG G 185 -19.60 36.22 8.85
N VAL G 186 -19.95 36.93 9.92
CA VAL G 186 -21.27 36.87 10.56
C VAL G 186 -22.35 36.04 9.86
N LYS G 187 -22.71 36.41 8.64
CA LYS G 187 -23.73 35.69 7.88
C LYS G 187 -23.44 34.19 7.72
N ASP G 188 -22.27 33.73 8.14
CA ASP G 188 -21.93 32.32 8.02
C ASP G 188 -22.31 31.54 9.25
N ILE G 189 -22.86 32.26 10.22
CA ILE G 189 -23.27 31.67 11.47
C ILE G 189 -24.78 31.50 11.53
N SER G 190 -25.21 30.30 11.90
CA SER G 190 -26.62 29.97 12.05
C SER G 190 -26.77 29.38 13.43
N ARG G 191 -27.97 28.90 13.79
CA ARG G 191 -28.16 28.32 15.11
C ARG G 191 -28.75 26.92 15.00
N THR G 192 -28.36 26.05 15.91
CA THR G 192 -28.83 24.68 15.93
C THR G 192 -30.01 24.60 16.86
N ASP G 193 -30.98 23.77 16.53
CA ASP G 193 -32.15 23.59 17.39
C ASP G 193 -31.67 23.29 18.80
N GLY G 194 -30.43 22.80 18.90
CA GLY G 194 -29.85 22.48 20.19
C GLY G 194 -29.57 23.77 20.95
N GLY G 195 -29.36 24.84 20.18
CA GLY G 195 -29.10 26.15 20.77
C GLY G 195 -27.63 26.53 20.76
N ARG G 196 -26.90 25.94 19.82
CA ARG G 196 -25.46 26.18 19.68
C ARG G 196 -25.17 26.61 18.26
N MET G 197 -24.15 27.43 18.08
CA MET G 197 -23.81 27.93 16.75
C MET G 197 -23.31 26.89 15.77
N LEU G 198 -23.44 27.22 14.49
CA LEU G 198 -23.00 26.34 13.42
C LEU G 198 -22.44 27.27 12.35
N ILE G 199 -21.15 27.12 12.06
CA ILE G 199 -20.45 27.96 11.09
C ILE G 199 -20.34 27.29 9.74
N HIS G 200 -20.92 27.91 8.71
CA HIS G 200 -20.82 27.35 7.36
C HIS G 200 -19.46 27.77 6.86
N ILE G 201 -18.82 26.96 6.04
CA ILE G 201 -17.50 27.33 5.54
C ILE G 201 -17.43 27.37 4.03
N GLY G 202 -18.02 28.42 3.44
CA GLY G 202 -17.99 28.57 2.00
C GLY G 202 -16.60 29.02 1.62
N ARG G 203 -16.29 29.09 0.33
CA ARG G 203 -14.95 29.51 -0.08
C ARG G 203 -13.95 28.55 0.58
N THR G 204 -14.17 27.26 0.42
CA THR G 204 -13.28 26.26 1.02
C THR G 204 -11.92 26.37 0.32
N LYS G 205 -11.05 25.39 0.58
CA LYS G 205 -9.72 25.41 -0.02
C LYS G 205 -9.56 24.51 -1.25
N THR G 206 -10.36 23.44 -1.31
CA THR G 206 -10.29 22.49 -2.42
C THR G 206 -11.63 22.36 -3.15
N LEU G 207 -11.60 21.78 -4.35
CA LEU G 207 -12.83 21.56 -5.12
C LEU G 207 -13.66 20.60 -4.26
N VAL G 208 -12.98 19.59 -3.74
CA VAL G 208 -13.58 18.57 -2.87
C VAL G 208 -13.08 18.88 -1.45
N SER G 209 -13.95 19.50 -0.65
CA SER G 209 -13.62 19.90 0.71
C SER G 209 -13.66 18.79 1.77
N THR G 210 -12.60 17.98 1.80
CA THR G 210 -12.45 16.87 2.73
C THR G 210 -12.78 17.16 4.21
N ALA G 211 -12.85 18.42 4.60
CA ALA G 211 -13.13 18.77 5.99
C ALA G 211 -14.60 18.97 6.29
N GLY G 212 -15.40 19.14 5.25
CA GLY G 212 -16.82 19.34 5.43
C GLY G 212 -17.29 20.69 4.88
N VAL G 213 -18.51 21.07 5.25
CA VAL G 213 -19.07 22.35 4.78
C VAL G 213 -19.56 23.21 5.94
N GLU G 214 -19.51 22.66 7.15
CA GLU G 214 -19.95 23.39 8.34
C GLU G 214 -19.36 22.83 9.63
N LYS G 215 -19.07 23.70 10.58
CA LYS G 215 -18.49 23.30 11.84
C LYS G 215 -19.45 23.70 12.96
N ALA G 216 -19.66 22.81 13.93
CA ALA G 216 -20.54 23.11 15.07
C ALA G 216 -19.73 23.40 16.33
N LEU G 217 -20.05 24.50 17.00
CA LEU G 217 -19.35 24.85 18.22
C LEU G 217 -20.17 24.34 19.39
N SER G 218 -19.51 23.80 20.40
CA SER G 218 -20.21 23.30 21.58
C SER G 218 -21.08 24.40 22.16
N LEU G 219 -21.71 24.12 23.30
CA LEU G 219 -22.54 25.12 23.94
C LEU G 219 -21.68 26.21 24.56
N GLY G 220 -20.66 25.78 25.30
CA GLY G 220 -19.78 26.72 25.96
C GLY G 220 -19.00 27.62 25.03
N VAL G 221 -18.49 27.08 23.92
CA VAL G 221 -17.73 27.88 22.96
C VAL G 221 -18.70 28.87 22.32
N THR G 222 -19.97 28.45 22.14
CA THR G 222 -20.98 29.33 21.54
C THR G 222 -21.15 30.52 22.46
N LYS G 223 -21.21 30.24 23.75
CA LYS G 223 -21.35 31.31 24.71
C LYS G 223 -20.16 32.25 24.54
N LEU G 224 -18.97 31.70 24.42
CA LEU G 224 -17.75 32.50 24.24
C LEU G 224 -17.85 33.43 23.03
N VAL G 225 -18.25 32.86 21.89
CA VAL G 225 -18.39 33.62 20.66
C VAL G 225 -19.50 34.67 20.72
N GLU G 226 -20.63 34.28 21.30
CA GLU G 226 -21.77 35.18 21.40
C GLU G 226 -21.41 36.46 22.16
N ARG G 227 -20.52 36.33 23.13
CA ARG G 227 -20.09 37.46 23.92
C ARG G 227 -19.20 38.39 23.11
N TRP G 228 -18.44 37.83 22.18
CA TRP G 228 -17.57 38.64 21.34
C TRP G 228 -18.45 39.40 20.37
N ILE G 229 -19.51 38.75 19.90
CA ILE G 229 -20.40 39.38 18.95
C ILE G 229 -21.16 40.57 19.53
N SER G 230 -21.69 40.40 20.74
CA SER G 230 -22.47 41.46 21.36
C SER G 230 -21.62 42.45 22.13
N VAL G 231 -20.38 42.65 21.72
CA VAL G 231 -19.54 43.58 22.44
C VAL G 231 -18.61 44.19 21.40
N SER G 232 -18.61 43.60 20.21
CA SER G 232 -17.79 44.05 19.09
C SER G 232 -18.69 44.77 18.11
N GLY G 233 -19.94 44.30 18.09
CA GLY G 233 -20.94 44.85 17.21
C GLY G 233 -20.62 44.51 15.79
N VAL G 234 -20.34 43.25 15.51
CA VAL G 234 -20.02 42.86 14.15
C VAL G 234 -21.29 42.45 13.43
N ALA G 235 -22.40 42.40 14.17
CA ALA G 235 -23.68 42.02 13.59
C ALA G 235 -24.21 43.11 12.68
N ASP G 236 -23.94 44.36 13.04
CA ASP G 236 -24.36 45.53 12.28
C ASP G 236 -24.50 45.31 10.77
N ASP G 237 -23.64 44.47 10.20
CA ASP G 237 -23.67 44.15 8.78
C ASP G 237 -23.35 42.67 8.66
N PRO G 238 -24.32 41.87 8.20
CA PRO G 238 -24.10 40.43 8.07
C PRO G 238 -22.83 40.09 7.30
N ASN G 239 -22.39 41.02 6.46
CA ASN G 239 -21.20 40.82 5.65
C ASN G 239 -19.89 41.08 6.39
N ASN G 240 -19.99 41.57 7.61
CA ASN G 240 -18.81 41.82 8.41
C ASN G 240 -18.08 40.51 8.68
N TYR G 241 -16.77 40.62 8.87
CA TYR G 241 -15.98 39.44 9.17
C TYR G 241 -16.16 39.16 10.67
N LEU G 242 -16.24 37.88 11.04
CA LEU G 242 -16.42 37.55 12.45
C LEU G 242 -15.39 38.22 13.34
N PHE G 243 -14.11 38.16 12.93
CA PHE G 243 -13.06 38.75 13.73
C PHE G 243 -12.52 40.03 13.11
N CYS G 244 -11.99 40.90 13.97
CA CYS G 244 -11.44 42.17 13.53
C CYS G 244 -10.54 42.77 14.61
N ARG G 245 -9.98 43.93 14.29
CA ARG G 245 -9.09 44.68 15.16
C ARG G 245 -9.77 45.19 16.44
N VAL G 246 -8.96 45.70 17.36
CA VAL G 246 -9.39 46.30 18.63
C VAL G 246 -8.17 47.14 18.99
N ARG G 247 -8.38 48.45 19.07
CA ARG G 247 -7.30 49.40 19.32
C ARG G 247 -6.95 49.76 20.75
N LYS G 248 -5.92 50.59 20.87
CA LYS G 248 -5.42 51.11 22.13
C LYS G 248 -6.54 51.21 23.18
N ASN G 249 -7.61 51.87 22.77
CA ASN G 249 -8.78 52.12 23.62
C ASN G 249 -9.76 50.96 23.79
N GLY G 250 -9.35 49.75 23.44
CA GLY G 250 -10.25 48.61 23.59
C GLY G 250 -11.61 48.73 22.92
N VAL G 251 -11.65 49.18 21.67
CA VAL G 251 -12.91 49.33 20.91
C VAL G 251 -12.83 48.57 19.58
N ALA G 252 -13.77 47.68 19.33
CA ALA G 252 -13.77 46.89 18.10
C ALA G 252 -13.96 47.75 16.88
N ALA G 253 -13.58 47.22 15.73
CA ALA G 253 -13.70 47.97 14.48
C ALA G 253 -14.04 47.04 13.33
N PRO G 254 -15.31 46.65 13.21
CA PRO G 254 -15.82 45.76 12.16
C PRO G 254 -15.53 46.20 10.73
N SER G 255 -15.60 45.24 9.81
CA SER G 255 -15.33 45.49 8.41
C SER G 255 -15.84 44.33 7.57
N ALA G 256 -16.25 44.61 6.34
CA ALA G 256 -16.71 43.55 5.46
C ALA G 256 -15.79 43.54 4.27
N THR G 257 -14.67 44.25 4.39
CA THR G 257 -13.71 44.34 3.31
C THR G 257 -12.30 43.91 3.76
N SER G 258 -11.97 44.19 5.02
CA SER G 258 -10.65 43.84 5.55
C SER G 258 -10.76 42.81 6.68
N GLN G 259 -10.16 41.65 6.51
CA GLN G 259 -10.21 40.62 7.53
C GLN G 259 -8.91 40.72 8.34
N LEU G 260 -8.90 40.19 9.56
CA LEU G 260 -7.70 40.20 10.40
C LEU G 260 -6.59 39.43 9.69
N SER G 261 -5.36 39.93 9.72
CA SER G 261 -4.30 39.18 9.05
C SER G 261 -4.05 37.89 9.82
N THR G 262 -3.66 36.84 9.12
CA THR G 262 -3.39 35.58 9.80
C THR G 262 -2.18 35.81 10.72
N ARG G 263 -1.46 36.88 10.47
CA ARG G 263 -0.32 37.19 11.31
C ARG G 263 -0.86 37.50 12.71
N ALA G 264 -1.91 38.30 12.75
CA ALA G 264 -2.56 38.70 13.98
C ALA G 264 -3.11 37.49 14.77
N LEU G 265 -3.72 36.55 14.07
CA LEU G 265 -4.24 35.34 14.70
C LEU G 265 -3.06 34.64 15.37
N GLU G 266 -2.00 34.41 14.61
CA GLU G 266 -0.80 33.80 15.18
C GLU G 266 -0.39 34.65 16.41
N GLY G 267 -0.64 35.94 16.33
CA GLY G 267 -0.30 36.82 17.44
C GLY G 267 -1.12 36.56 18.69
N ILE G 268 -2.37 36.15 18.52
CA ILE G 268 -3.23 35.84 19.66
C ILE G 268 -2.65 34.61 20.39
N PHE G 269 -2.33 33.57 19.63
CA PHE G 269 -1.79 32.36 20.23
C PHE G 269 -0.50 32.70 20.96
N GLU G 270 0.38 33.43 20.28
CA GLU G 270 1.64 33.77 20.90
C GLU G 270 1.44 34.45 22.23
N ALA G 271 0.67 35.53 22.21
CA ALA G 271 0.34 36.34 23.39
C ALA G 271 -0.30 35.56 24.53
N THR G 272 -1.29 34.74 24.21
CA THR G 272 -1.94 33.95 25.21
C THR G 272 -0.93 33.04 25.92
N HIS G 273 0.07 32.56 25.19
CA HIS G 273 1.09 31.70 25.75
C HIS G 273 2.03 32.53 26.61
N ARG G 274 2.21 33.78 26.21
CA ARG G 274 3.08 34.67 26.93
C ARG G 274 2.46 34.96 28.28
N LEU G 275 1.15 35.17 28.27
CA LEU G 275 0.38 35.48 29.48
C LEU G 275 0.50 34.41 30.54
N ILE G 276 0.30 33.16 30.14
CA ILE G 276 0.38 32.07 31.08
C ILE G 276 1.76 31.57 31.41
N TYR G 277 2.62 31.42 30.40
CA TYR G 277 3.96 30.92 30.67
C TYR G 277 5.09 31.94 30.64
N GLY G 278 4.80 33.17 30.21
CA GLY G 278 5.84 34.17 30.17
C GLY G 278 6.59 34.40 28.86
N ALA G 279 7.53 35.33 28.93
CA ALA G 279 8.37 35.71 27.82
C ALA G 279 8.96 34.49 27.19
N LYS G 280 9.21 34.58 25.89
CA LYS G 280 9.78 33.48 25.14
C LYS G 280 11.26 33.33 25.40
N ASP G 281 11.68 32.08 25.46
CA ASP G 281 13.08 31.72 25.69
C ASP G 281 14.01 32.49 24.75
N ASP G 282 15.27 32.58 25.11
CA ASP G 282 16.22 33.35 24.31
C ASP G 282 16.87 32.76 23.06
N SER G 283 16.77 31.44 22.87
CA SER G 283 17.35 30.84 21.67
C SER G 283 16.63 31.43 20.47
N GLY G 284 16.52 30.67 19.39
CA GLY G 284 15.81 31.21 18.25
C GLY G 284 14.93 30.14 17.66
N GLN G 285 14.68 29.10 18.44
CA GLN G 285 13.90 27.99 17.96
C GLN G 285 12.44 28.31 17.65
N ARG G 286 11.89 27.61 16.67
CA ARG G 286 10.50 27.82 16.33
C ARG G 286 9.68 27.00 17.33
N TYR G 287 8.36 27.23 17.32
CA TYR G 287 7.46 26.52 18.19
C TYR G 287 7.80 26.53 19.70
N LEU G 288 8.12 27.69 20.26
CA LEU G 288 8.42 27.78 21.69
C LEU G 288 7.21 28.34 22.45
N ALA G 289 6.14 28.59 21.71
CA ALA G 289 4.88 29.15 22.21
C ALA G 289 3.86 28.80 21.13
N TRP G 290 2.58 28.71 21.52
CA TRP G 290 1.55 28.36 20.57
C TRP G 290 1.64 29.13 19.24
N SER G 291 1.23 28.48 18.16
CA SER G 291 1.23 29.12 16.85
C SER G 291 -0.12 28.76 16.22
N GLY G 292 -0.23 29.00 14.92
CA GLY G 292 -1.48 28.75 14.22
C GLY G 292 -1.97 27.34 14.11
N HIS G 293 -1.07 26.37 14.21
CA HIS G 293 -1.49 24.99 14.09
C HIS G 293 -1.66 24.31 15.43
N SER G 294 -1.32 25.02 16.51
CA SER G 294 -1.37 24.47 17.85
C SER G 294 -2.68 23.79 18.25
N ALA G 295 -3.84 24.39 17.93
CA ALA G 295 -5.12 23.77 18.27
C ALA G 295 -5.31 22.46 17.49
N ARG G 296 -5.09 22.50 16.17
CA ARG G 296 -5.23 21.31 15.32
C ARG G 296 -4.50 20.11 15.94
N VAL G 297 -3.23 20.33 16.28
CA VAL G 297 -2.42 19.29 16.87
C VAL G 297 -3.04 18.82 18.20
N GLY G 298 -3.19 19.75 19.14
CA GLY G 298 -3.74 19.40 20.44
C GLY G 298 -5.05 18.65 20.32
N ALA G 299 -5.95 19.16 19.47
CA ALA G 299 -7.24 18.52 19.28
C ALA G 299 -7.08 17.09 18.76
N ALA G 300 -6.16 16.88 17.83
CA ALA G 300 -5.95 15.55 17.32
C ALA G 300 -5.57 14.69 18.53
N ARG G 301 -4.66 15.19 19.36
CA ARG G 301 -4.23 14.44 20.53
C ARG G 301 -5.43 14.20 21.48
N ASP G 302 -6.15 15.24 21.85
CA ASP G 302 -7.28 15.05 22.76
C ASP G 302 -8.25 13.98 22.28
N MET G 303 -8.54 13.97 20.99
CA MET G 303 -9.46 12.96 20.44
C MET G 303 -8.85 11.57 20.51
N ALA G 304 -7.57 11.45 20.19
CA ALA G 304 -6.90 10.17 20.24
C ALA G 304 -7.06 9.58 21.65
N ARG G 305 -6.81 10.41 22.67
CA ARG G 305 -6.90 9.93 24.05
C ARG G 305 -8.28 9.49 24.48
N ALA G 306 -9.30 10.12 23.91
CA ALA G 306 -10.69 9.79 24.23
C ALA G 306 -11.21 8.65 23.37
N GLY G 307 -10.31 7.92 22.74
CA GLY G 307 -10.70 6.81 21.89
C GLY G 307 -11.53 7.12 20.65
N VAL G 308 -10.98 7.87 19.71
CA VAL G 308 -11.72 8.18 18.49
C VAL G 308 -11.04 7.44 17.33
N SER G 309 -11.84 7.01 16.35
CA SER G 309 -11.29 6.29 15.22
C SER G 309 -10.45 7.20 14.37
N ILE G 310 -9.38 6.68 13.78
CA ILE G 310 -8.53 7.52 12.96
C ILE G 310 -9.40 8.24 11.94
N PRO G 311 -10.30 7.50 11.25
CA PRO G 311 -11.18 8.09 10.24
C PRO G 311 -12.00 9.26 10.78
N GLU G 312 -12.60 9.09 11.96
CA GLU G 312 -13.41 10.13 12.56
C GLU G 312 -12.59 11.40 12.91
N ILE G 313 -11.37 11.17 13.40
CA ILE G 313 -10.45 12.23 13.76
C ILE G 313 -10.16 13.03 12.49
N MET G 314 -9.55 12.34 11.52
CA MET G 314 -9.19 12.95 10.26
C MET G 314 -10.31 13.79 9.65
N GLN G 315 -11.54 13.33 9.74
CA GLN G 315 -12.62 14.13 9.18
C GLN G 315 -12.91 15.37 9.99
N ALA G 316 -12.76 15.25 11.31
CA ALA G 316 -13.04 16.34 12.22
C ALA G 316 -12.07 17.47 11.94
N GLY G 317 -10.98 17.16 11.25
CA GLY G 317 -10.01 18.19 10.95
C GLY G 317 -9.69 18.40 9.48
N GLY G 318 -10.40 17.70 8.59
CA GLY G 318 -10.15 17.86 7.16
C GLY G 318 -8.86 17.27 6.65
N TRP G 319 -8.32 16.31 7.38
CA TRP G 319 -7.09 15.67 6.96
C TRP G 319 -7.46 14.63 5.94
N THR G 320 -6.56 14.36 5.01
CA THR G 320 -6.79 13.36 3.99
C THR G 320 -5.67 12.31 4.00
N ASN G 321 -4.54 12.65 4.62
CA ASN G 321 -3.42 11.72 4.69
C ASN G 321 -3.10 11.36 6.15
N VAL G 322 -3.41 10.12 6.54
CA VAL G 322 -3.17 9.65 7.89
C VAL G 322 -1.79 9.91 8.44
N ASN G 323 -0.78 9.76 7.60
CA ASN G 323 0.58 9.97 8.08
C ASN G 323 0.69 11.21 8.96
N ILE G 324 -0.01 12.28 8.62
CA ILE G 324 0.10 13.49 9.41
C ILE G 324 -0.50 13.37 10.81
N VAL G 325 -1.76 12.97 10.93
CA VAL G 325 -2.32 12.87 12.27
C VAL G 325 -1.53 11.87 13.08
N MET G 326 -0.96 10.86 12.43
CA MET G 326 -0.18 9.89 13.17
C MET G 326 1.06 10.59 13.72
N ASN G 327 1.58 11.52 12.93
CA ASN G 327 2.75 12.28 13.32
C ASN G 327 2.44 13.11 14.56
N TYR G 328 1.16 13.39 14.75
CA TYR G 328 0.73 14.19 15.89
C TYR G 328 0.46 13.38 17.17
N ILE G 329 -0.03 12.17 17.02
CA ILE G 329 -0.32 11.35 18.18
C ILE G 329 0.73 10.26 18.41
N ARG G 330 1.86 10.34 17.70
CA ARG G 330 2.92 9.32 17.84
C ARG G 330 3.42 9.01 19.25
N ASN G 331 3.50 10.01 20.12
CA ASN G 331 4.01 9.78 21.47
C ASN G 331 2.96 9.48 22.55
N LEU G 332 1.73 9.19 22.14
CA LEU G 332 0.69 8.85 23.10
C LEU G 332 0.91 7.38 23.47
N ASP G 333 0.68 7.03 24.73
CA ASP G 333 0.86 5.65 25.18
C ASP G 333 -0.07 4.75 24.43
N SER G 334 -1.11 5.37 23.88
CA SER G 334 -2.11 4.69 23.09
C SER G 334 -1.50 4.08 21.83
N GLU G 335 -0.33 4.59 21.44
CA GLU G 335 0.35 4.14 20.22
C GLU G 335 1.76 3.57 20.43
N THR G 336 2.01 2.93 21.56
CA THR G 336 3.34 2.38 21.84
C THR G 336 3.75 1.17 21.01
N GLY G 337 2.79 0.43 20.48
CA GLY G 337 3.16 -0.71 19.66
C GLY G 337 2.77 -2.09 20.16
N ALA G 338 3.12 -3.09 19.36
CA ALA G 338 2.79 -4.47 19.70
C ALA G 338 3.83 -5.08 20.61
N MET G 339 5.08 -4.64 20.48
CA MET G 339 6.13 -5.18 21.32
C MET G 339 5.98 -4.79 22.78
N VAL G 340 5.42 -3.62 23.04
CA VAL G 340 5.22 -3.16 24.42
C VAL G 340 4.13 -4.03 25.05
N ARG G 341 3.04 -4.27 24.32
CA ARG G 341 1.97 -5.12 24.82
C ARG G 341 2.48 -6.51 25.19
N LEU G 342 3.20 -7.16 24.27
CA LEU G 342 3.74 -8.49 24.55
C LEU G 342 4.63 -8.53 25.77
N LEU G 343 5.50 -7.54 25.88
CA LEU G 343 6.44 -7.44 26.99
C LEU G 343 5.78 -7.16 28.33
N GLU G 344 4.61 -6.53 28.30
CA GLU G 344 3.91 -6.21 29.54
C GLU G 344 2.77 -7.19 29.81
N ASP G 345 3.06 -8.48 29.56
CA ASP G 345 2.15 -9.59 29.76
C ASP G 345 0.72 -9.29 29.39
N SER H 24 -2.01 12.71 -41.00
CA SER H 24 -0.80 11.96 -41.45
C SER H 24 -1.16 10.55 -41.89
N ASP H 25 -0.15 9.68 -42.00
CA ASP H 25 -0.36 8.31 -42.44
C ASP H 25 -0.47 7.32 -41.27
N GLU H 26 0.53 7.32 -40.39
CA GLU H 26 0.51 6.42 -39.22
C GLU H 26 -0.66 6.78 -38.32
N VAL H 27 -0.80 8.07 -38.03
CA VAL H 27 -1.87 8.56 -37.17
C VAL H 27 -3.22 7.95 -37.59
N ARG H 28 -3.44 7.86 -38.89
CA ARG H 28 -4.68 7.28 -39.41
C ARG H 28 -4.75 5.82 -38.97
N LYS H 29 -3.59 5.19 -38.85
CA LYS H 29 -3.50 3.79 -38.43
C LYS H 29 -3.76 3.63 -36.93
N ASN H 30 -2.89 4.22 -36.12
CA ASN H 30 -3.02 4.17 -34.66
C ASN H 30 -4.46 4.46 -34.26
N LEU H 31 -5.06 5.43 -34.93
CA LEU H 31 -6.45 5.77 -34.63
C LEU H 31 -7.34 4.61 -35.05
N MET H 32 -6.98 3.96 -36.15
CA MET H 32 -7.75 2.83 -36.65
C MET H 32 -7.69 1.62 -35.72
N ASP H 33 -6.48 1.26 -35.31
CA ASP H 33 -6.30 0.13 -34.40
C ASP H 33 -7.13 0.43 -33.17
N MET H 34 -7.04 1.67 -32.70
CA MET H 34 -7.79 2.13 -31.53
C MET H 34 -9.27 1.84 -31.69
N PHE H 35 -9.83 2.19 -32.84
CA PHE H 35 -11.24 1.97 -33.11
C PHE H 35 -11.50 0.46 -33.19
N ARG H 36 -10.57 -0.24 -33.83
CA ARG H 36 -10.67 -1.68 -34.00
C ARG H 36 -11.07 -2.41 -32.73
N ASP H 37 -10.15 -2.45 -31.76
CA ASP H 37 -10.41 -3.10 -30.50
C ASP H 37 -11.02 -2.09 -29.52
N ARG H 38 -11.85 -1.20 -30.07
CA ARG H 38 -12.51 -0.17 -29.27
C ARG H 38 -13.22 -0.78 -28.09
N GLN H 39 -13.32 -2.10 -28.11
CA GLN H 39 -13.99 -2.82 -27.04
C GLN H 39 -13.07 -3.02 -25.83
N ALA H 40 -11.79 -2.66 -25.98
CA ALA H 40 -10.83 -2.79 -24.89
C ALA H 40 -11.04 -1.66 -23.90
N PHE H 41 -11.99 -0.79 -24.22
CA PHE H 41 -12.31 0.33 -23.37
C PHE H 41 -13.73 0.29 -22.91
N SER H 42 -14.05 1.18 -21.99
CA SER H 42 -15.39 1.24 -21.44
C SER H 42 -16.34 1.81 -22.46
N GLU H 43 -17.59 1.36 -22.38
CA GLU H 43 -18.61 1.83 -23.28
C GLU H 43 -18.73 3.36 -23.08
N HIS H 44 -18.94 3.77 -21.82
CA HIS H 44 -19.07 5.18 -21.48
C HIS H 44 -17.86 6.01 -21.87
N THR H 45 -16.69 5.39 -21.89
CA THR H 45 -15.49 6.10 -22.29
C THR H 45 -15.66 6.56 -23.74
N TRP H 46 -16.06 5.63 -24.61
CA TRP H 46 -16.25 5.94 -26.02
C TRP H 46 -17.39 6.94 -26.19
N LYS H 47 -18.51 6.67 -25.53
CA LYS H 47 -19.65 7.57 -25.59
C LYS H 47 -19.17 8.99 -25.30
N MET H 48 -18.42 9.18 -24.21
CA MET H 48 -17.94 10.51 -23.85
C MET H 48 -16.88 11.08 -24.78
N LEU H 49 -16.11 10.22 -25.43
CA LEU H 49 -15.09 10.70 -26.35
C LEU H 49 -15.79 11.44 -27.47
N LEU H 50 -16.66 10.72 -28.17
CA LEU H 50 -17.41 11.27 -29.28
C LEU H 50 -18.15 12.55 -28.90
N SER H 51 -18.94 12.48 -27.84
CA SER H 51 -19.68 13.64 -27.39
C SER H 51 -18.77 14.87 -27.30
N VAL H 52 -17.57 14.70 -26.75
CA VAL H 52 -16.65 15.82 -26.63
C VAL H 52 -16.16 16.28 -28.00
N CYS H 53 -15.78 15.34 -28.86
CA CYS H 53 -15.33 15.71 -30.19
C CYS H 53 -16.44 16.43 -30.95
N ARG H 54 -17.69 16.18 -30.59
CA ARG H 54 -18.77 16.86 -31.27
C ARG H 54 -18.79 18.30 -30.75
N SER H 55 -18.75 18.46 -29.43
CA SER H 55 -18.74 19.80 -28.85
C SER H 55 -17.56 20.60 -29.35
N TRP H 56 -16.40 19.93 -29.47
CA TRP H 56 -15.17 20.57 -29.95
C TRP H 56 -15.34 20.96 -31.42
N ALA H 57 -15.60 19.97 -32.27
CA ALA H 57 -15.77 20.23 -33.71
C ALA H 57 -16.72 21.40 -33.93
N ALA H 58 -17.88 21.34 -33.27
CA ALA H 58 -18.89 22.38 -33.36
C ALA H 58 -18.26 23.76 -33.17
N TRP H 59 -17.76 24.01 -31.97
CA TRP H 59 -17.10 25.27 -31.65
C TRP H 59 -15.96 25.56 -32.63
N CYS H 60 -15.23 24.50 -33.01
CA CYS H 60 -14.12 24.64 -33.94
C CYS H 60 -14.54 25.25 -35.27
N LYS H 61 -15.63 24.73 -35.85
CA LYS H 61 -16.13 25.22 -37.14
C LYS H 61 -16.62 26.67 -37.02
N LEU H 62 -17.57 26.89 -36.11
CA LEU H 62 -18.12 28.24 -35.88
C LEU H 62 -17.04 29.30 -35.58
N ASN H 63 -15.81 28.87 -35.31
CA ASN H 63 -14.71 29.79 -35.02
C ASN H 63 -13.57 29.70 -36.02
N ASN H 64 -13.82 28.97 -37.11
CA ASN H 64 -12.85 28.80 -38.19
C ASN H 64 -11.49 28.28 -37.75
N ARG H 65 -11.48 27.26 -36.91
CA ARG H 65 -10.22 26.68 -36.45
C ARG H 65 -10.18 25.20 -36.77
N LYS H 66 -9.00 24.70 -37.11
CA LYS H 66 -8.84 23.29 -37.43
C LYS H 66 -9.27 22.50 -36.19
N TRP H 67 -9.53 21.21 -36.31
CA TRP H 67 -9.97 20.44 -35.15
C TRP H 67 -9.05 19.26 -34.82
N PHE H 68 -7.98 19.09 -35.58
CA PHE H 68 -7.06 17.98 -35.33
C PHE H 68 -5.91 18.01 -36.33
N PRO H 69 -4.66 18.13 -35.86
CA PRO H 69 -4.28 18.24 -34.44
C PRO H 69 -4.82 19.54 -33.87
N ALA H 70 -5.32 19.48 -32.65
CA ALA H 70 -5.84 20.67 -32.00
C ALA H 70 -4.63 21.46 -31.54
N GLU H 71 -4.54 22.71 -31.99
CA GLU H 71 -3.43 23.54 -31.61
C GLU H 71 -3.69 24.18 -30.26
N PRO H 72 -2.70 24.14 -29.37
CA PRO H 72 -2.76 24.69 -28.02
C PRO H 72 -3.70 25.86 -27.82
N GLU H 73 -3.36 26.99 -28.42
CA GLU H 73 -4.17 28.18 -28.28
C GLU H 73 -5.64 27.96 -28.51
N ASP H 74 -5.97 27.18 -29.53
CA ASP H 74 -7.36 26.91 -29.84
C ASP H 74 -7.97 26.14 -28.69
N VAL H 75 -7.29 25.07 -28.28
CA VAL H 75 -7.74 24.26 -27.16
C VAL H 75 -7.94 25.15 -25.93
N ARG H 76 -7.10 26.16 -25.79
CA ARG H 76 -7.22 27.08 -24.67
C ARG H 76 -8.42 28.00 -24.80
N ASP H 77 -8.59 28.61 -25.98
CA ASP H 77 -9.72 29.52 -26.23
C ASP H 77 -11.01 28.76 -25.98
N TYR H 78 -10.97 27.48 -26.36
CA TYR H 78 -12.10 26.59 -26.19
C TYR H 78 -12.38 26.32 -24.71
N LEU H 79 -11.38 25.83 -23.98
CA LEU H 79 -11.57 25.54 -22.55
C LEU H 79 -12.07 26.83 -21.88
N LEU H 80 -11.53 27.96 -22.32
CA LEU H 80 -11.98 29.22 -21.74
C LEU H 80 -13.44 29.46 -22.11
N TYR H 81 -13.82 28.92 -23.28
CA TYR H 81 -15.19 29.04 -23.75
C TYR H 81 -16.15 28.25 -22.87
N LEU H 82 -15.72 27.04 -22.49
CA LEU H 82 -16.53 26.18 -21.62
C LEU H 82 -16.66 26.81 -20.24
N GLN H 83 -15.61 27.45 -19.74
CA GLN H 83 -15.73 28.08 -18.44
C GLN H 83 -16.76 29.18 -18.63
N ALA H 84 -16.69 29.84 -19.79
CA ALA H 84 -17.62 30.92 -20.11
C ALA H 84 -19.05 30.41 -20.07
N ARG H 85 -19.32 29.35 -20.82
CA ARG H 85 -20.64 28.77 -20.90
C ARG H 85 -21.17 28.29 -19.54
N GLY H 86 -20.47 28.63 -18.46
CA GLY H 86 -20.91 28.23 -17.13
C GLY H 86 -20.74 26.79 -16.66
N LEU H 87 -19.97 25.98 -17.39
CA LEU H 87 -19.76 24.59 -17.00
C LEU H 87 -18.91 24.41 -15.75
N ALA H 88 -19.09 23.26 -15.12
CA ALA H 88 -18.37 22.90 -13.91
C ALA H 88 -16.91 22.57 -14.26
N VAL H 89 -16.04 22.58 -13.25
CA VAL H 89 -14.62 22.29 -13.43
C VAL H 89 -14.47 20.85 -13.91
N LYS H 90 -15.07 19.94 -13.15
CA LYS H 90 -15.03 18.53 -13.47
C LYS H 90 -15.44 18.27 -14.94
N THR H 91 -16.48 18.96 -15.40
CA THR H 91 -16.94 18.81 -16.77
C THR H 91 -15.88 19.29 -17.77
N ILE H 92 -15.25 20.43 -17.44
CA ILE H 92 -14.23 20.99 -18.31
C ILE H 92 -13.02 20.07 -18.43
N GLN H 93 -12.60 19.51 -17.31
CA GLN H 93 -11.46 18.61 -17.34
C GLN H 93 -11.77 17.43 -18.25
N GLN H 94 -13.00 16.94 -18.19
CA GLN H 94 -13.41 15.81 -19.03
C GLN H 94 -13.13 16.13 -20.49
N HIS H 95 -13.55 17.31 -20.93
CA HIS H 95 -13.33 17.67 -22.31
C HIS H 95 -11.82 17.63 -22.59
N LEU H 96 -11.07 18.39 -21.82
CA LEU H 96 -9.62 18.45 -21.96
C LEU H 96 -9.02 17.05 -21.90
N GLY H 97 -9.56 16.22 -21.01
CA GLY H 97 -9.08 14.86 -20.89
C GLY H 97 -9.35 13.98 -22.09
N GLN H 98 -10.52 14.14 -22.71
CA GLN H 98 -10.83 13.34 -23.88
C GLN H 98 -9.95 13.82 -25.02
N LEU H 99 -9.88 15.13 -25.16
CA LEU H 99 -9.07 15.70 -26.19
C LEU H 99 -7.66 15.13 -26.09
N ASN H 100 -7.16 14.94 -24.86
CA ASN H 100 -5.82 14.39 -24.69
C ASN H 100 -5.73 12.93 -25.07
N MET H 101 -6.74 12.13 -24.70
CA MET H 101 -6.72 10.71 -25.02
C MET H 101 -6.59 10.52 -26.52
N LEU H 102 -7.44 11.20 -27.28
CA LEU H 102 -7.43 11.14 -28.75
C LEU H 102 -6.04 11.43 -29.30
N HIS H 103 -5.46 12.54 -28.87
CA HIS H 103 -4.14 12.91 -29.33
C HIS H 103 -3.01 11.94 -29.00
N ARG H 104 -2.91 11.53 -27.74
CA ARG H 104 -1.83 10.61 -27.37
C ARG H 104 -2.10 9.23 -27.92
N ARG H 105 -3.36 8.79 -27.88
CA ARG H 105 -3.68 7.47 -28.37
C ARG H 105 -3.39 7.33 -29.85
N SER H 106 -3.37 8.46 -30.56
CA SER H 106 -3.09 8.46 -32.00
C SER H 106 -1.62 8.73 -32.30
N GLY H 107 -0.81 8.92 -31.25
CA GLY H 107 0.61 9.13 -31.46
C GLY H 107 1.13 10.55 -31.46
N LEU H 108 0.25 11.53 -31.27
CA LEU H 108 0.67 12.93 -31.25
C LEU H 108 0.79 13.48 -29.84
N PRO H 109 1.55 14.58 -29.66
CA PRO H 109 1.68 15.15 -28.32
C PRO H 109 0.33 15.67 -27.86
N ARG H 110 0.06 15.57 -26.56
CA ARG H 110 -1.21 16.04 -25.99
C ARG H 110 -1.30 17.56 -25.93
N PRO H 111 -2.50 18.11 -26.16
CA PRO H 111 -2.60 19.57 -26.08
C PRO H 111 -2.24 20.06 -24.65
N SER H 112 -2.37 19.16 -23.68
CA SER H 112 -2.07 19.48 -22.29
C SER H 112 -0.55 19.52 -22.05
N ASP H 113 0.20 19.02 -23.04
CA ASP H 113 1.66 19.00 -22.97
C ASP H 113 2.16 20.41 -23.25
N SER H 114 1.25 21.32 -23.57
CA SER H 114 1.62 22.69 -23.88
C SER H 114 1.38 23.69 -22.75
N ASN H 115 2.48 24.28 -22.30
CA ASN H 115 2.46 25.27 -21.25
C ASN H 115 1.20 26.13 -21.21
N ALA H 116 0.59 26.42 -22.35
CA ALA H 116 -0.61 27.24 -22.42
C ALA H 116 -1.89 26.53 -22.01
N VAL H 117 -2.02 25.27 -22.39
CA VAL H 117 -3.20 24.48 -22.04
C VAL H 117 -3.17 23.96 -20.61
N SER H 118 -2.01 23.46 -20.19
CA SER H 118 -1.88 22.93 -18.84
C SER H 118 -2.13 24.00 -17.80
N LEU H 119 -1.83 25.24 -18.16
CA LEU H 119 -2.00 26.37 -17.24
C LEU H 119 -3.40 26.91 -17.20
N VAL H 120 -4.00 27.11 -18.36
CA VAL H 120 -5.35 27.65 -18.39
C VAL H 120 -6.29 26.71 -17.61
N MET H 121 -6.01 25.41 -17.65
CA MET H 121 -6.84 24.46 -16.94
C MET H 121 -6.75 24.64 -15.43
N ARG H 122 -5.52 24.80 -14.94
CA ARG H 122 -5.27 25.01 -13.52
C ARG H 122 -5.96 26.31 -13.13
N ARG H 123 -5.78 27.31 -13.98
CA ARG H 123 -6.37 28.61 -13.74
C ARG H 123 -7.87 28.54 -13.57
N ILE H 124 -8.55 27.99 -14.58
CA ILE H 124 -10.00 27.87 -14.52
C ILE H 124 -10.46 27.14 -13.27
N ARG H 125 -9.70 26.14 -12.81
CA ARG H 125 -10.11 25.45 -11.58
C ARG H 125 -9.97 26.41 -10.42
N LYS H 126 -8.75 26.93 -10.26
CA LYS H 126 -8.43 27.89 -9.19
C LYS H 126 -9.50 28.97 -9.09
N GLU H 127 -9.82 29.59 -10.22
CA GLU H 127 -10.83 30.64 -10.23
C GLU H 127 -12.21 30.21 -9.79
N ASN H 128 -12.68 29.06 -10.29
CA ASN H 128 -14.01 28.58 -9.92
C ASN H 128 -14.08 28.18 -8.45
N VAL H 129 -13.04 27.52 -7.94
CA VAL H 129 -13.06 27.12 -6.55
C VAL H 129 -13.00 28.39 -5.74
N ASP H 130 -11.92 29.15 -5.92
CA ASP H 130 -11.73 30.42 -5.22
C ASP H 130 -12.97 31.29 -5.25
N ALA H 131 -13.79 31.16 -6.30
CA ALA H 131 -15.01 31.93 -6.35
C ALA H 131 -15.88 31.26 -5.29
N GLY H 132 -16.56 30.19 -5.66
CA GLY H 132 -17.39 29.47 -4.71
C GLY H 132 -17.60 28.00 -5.05
N GLU H 133 -17.69 27.69 -6.35
CA GLU H 133 -17.93 26.32 -6.82
C GLU H 133 -17.30 25.20 -6.00
N ARG H 134 -18.05 24.13 -5.86
CA ARG H 134 -17.61 22.97 -5.09
C ARG H 134 -18.24 21.73 -5.73
N ALA H 135 -17.67 20.57 -5.44
CA ALA H 135 -18.14 19.30 -6.00
C ALA H 135 -19.34 18.81 -5.21
N LYS H 136 -20.37 18.37 -5.92
CA LYS H 136 -21.55 17.88 -5.25
C LYS H 136 -21.39 16.39 -5.01
N GLN H 137 -22.10 15.87 -4.04
CA GLN H 137 -22.03 14.46 -3.71
C GLN H 137 -23.46 13.92 -3.66
N ALA H 138 -23.64 12.60 -3.74
CA ALA H 138 -24.97 12.04 -3.68
C ALA H 138 -25.58 12.31 -2.30
N LEU H 139 -26.91 12.38 -2.24
CA LEU H 139 -27.59 12.60 -0.97
C LEU H 139 -27.58 11.29 -0.23
N ALA H 140 -27.12 11.31 1.02
CA ALA H 140 -27.01 10.11 1.83
C ALA H 140 -28.27 9.27 1.98
N PHE H 141 -28.04 7.97 2.16
CA PHE H 141 -29.08 6.98 2.39
C PHE H 141 -28.46 6.09 3.47
N GLU H 142 -28.55 6.55 4.72
CA GLU H 142 -27.98 5.85 5.86
C GLU H 142 -28.89 4.79 6.45
N ARG H 143 -28.32 3.95 7.31
CA ARG H 143 -29.06 2.89 8.00
C ARG H 143 -30.44 3.38 8.46
N THR H 144 -30.45 4.57 9.02
CA THR H 144 -31.65 5.21 9.53
C THR H 144 -32.74 5.27 8.47
N ASP H 145 -32.35 5.61 7.26
CA ASP H 145 -33.29 5.73 6.16
C ASP H 145 -33.76 4.37 5.70
N PHE H 146 -32.88 3.37 5.84
CA PHE H 146 -33.19 2.01 5.44
C PHE H 146 -34.31 1.47 6.32
N ASP H 147 -34.09 1.49 7.64
CA ASP H 147 -35.09 1.01 8.60
C ASP H 147 -36.46 1.56 8.27
N GLN H 148 -36.53 2.88 8.07
CA GLN H 148 -37.79 3.52 7.72
C GLN H 148 -38.37 2.83 6.49
N VAL H 149 -37.75 3.08 5.33
CA VAL H 149 -38.21 2.50 4.08
C VAL H 149 -38.60 1.04 4.21
N ARG H 150 -37.98 0.35 5.18
CA ARG H 150 -38.31 -1.05 5.42
C ARG H 150 -39.65 -1.07 6.16
N SER H 151 -39.65 -0.71 7.44
CA SER H 151 -40.91 -0.67 8.18
C SER H 151 -41.77 0.37 7.50
N LEU H 152 -42.34 -0.02 6.36
CA LEU H 152 -43.17 0.87 5.58
C LEU H 152 -43.38 0.20 4.22
N MET H 153 -42.68 -0.92 4.02
CA MET H 153 -42.79 -1.70 2.79
C MET H 153 -42.62 -3.17 3.15
N GLU H 154 -41.94 -3.40 4.27
CA GLU H 154 -41.67 -4.72 4.81
C GLU H 154 -42.86 -5.66 4.64
N ASN H 155 -44.05 -5.18 4.98
CA ASN H 155 -45.28 -5.97 4.90
C ASN H 155 -45.91 -6.09 3.52
N SER H 156 -45.81 -5.03 2.72
CA SER H 156 -46.39 -5.05 1.37
C SER H 156 -46.17 -6.37 0.64
N ASP H 157 -47.15 -6.77 -0.14
CA ASP H 157 -47.09 -8.01 -0.90
C ASP H 157 -46.97 -7.72 -2.39
N ARG H 158 -46.92 -6.44 -2.75
CA ARG H 158 -46.80 -6.04 -4.15
C ARG H 158 -45.54 -6.65 -4.75
N CYS H 159 -45.63 -7.08 -6.00
CA CYS H 159 -44.48 -7.69 -6.64
C CYS H 159 -43.30 -6.72 -6.77
N GLN H 160 -43.57 -5.44 -7.01
CA GLN H 160 -42.47 -4.49 -7.14
C GLN H 160 -42.06 -3.89 -5.81
N ASP H 161 -42.99 -3.79 -4.87
CA ASP H 161 -42.66 -3.24 -3.57
C ASP H 161 -41.71 -4.22 -2.89
N ILE H 162 -41.77 -5.48 -3.31
CA ILE H 162 -40.90 -6.51 -2.76
C ILE H 162 -39.53 -6.43 -3.43
N ARG H 163 -39.52 -6.21 -4.75
CA ARG H 163 -38.26 -6.11 -5.47
C ARG H 163 -37.44 -4.93 -5.00
N ASN H 164 -38.03 -3.75 -5.08
CA ASN H 164 -37.35 -2.54 -4.66
C ASN H 164 -36.69 -2.65 -3.28
N LEU H 165 -37.44 -3.13 -2.29
CA LEU H 165 -36.86 -3.25 -0.95
C LEU H 165 -35.67 -4.21 -0.92
N ALA H 166 -35.67 -5.18 -1.84
CA ALA H 166 -34.56 -6.15 -1.91
C ALA H 166 -33.37 -5.47 -2.58
N PHE H 167 -33.64 -4.47 -3.42
CA PHE H 167 -32.60 -3.71 -4.11
C PHE H 167 -31.95 -2.75 -3.10
N LEU H 168 -32.78 -1.94 -2.46
CA LEU H 168 -32.27 -1.01 -1.47
C LEU H 168 -31.49 -1.76 -0.38
N GLY H 169 -31.88 -3.00 -0.14
CA GLY H 169 -31.16 -3.79 0.86
C GLY H 169 -29.74 -4.05 0.39
N ILE H 170 -29.62 -4.69 -0.77
CA ILE H 170 -28.32 -5.00 -1.36
C ILE H 170 -27.44 -3.76 -1.49
N ALA H 171 -27.99 -2.70 -2.05
CA ALA H 171 -27.23 -1.47 -2.25
C ALA H 171 -26.54 -0.97 -0.98
N TYR H 172 -27.31 -0.81 0.08
CA TYR H 172 -26.75 -0.34 1.34
C TYR H 172 -25.83 -1.37 1.96
N ASN H 173 -26.25 -2.61 1.90
CA ASN H 173 -25.48 -3.67 2.51
C ASN H 173 -24.16 -3.93 1.82
N THR H 174 -24.13 -3.83 0.48
CA THR H 174 -22.91 -4.11 -0.24
C THR H 174 -22.12 -2.92 -0.77
N LEU H 175 -22.76 -1.76 -0.82
CA LEU H 175 -22.14 -0.54 -1.33
C LEU H 175 -21.87 -0.65 -2.83
N LEU H 176 -22.30 -1.74 -3.45
CA LEU H 176 -22.10 -1.90 -4.89
C LEU H 176 -22.75 -0.77 -5.68
N ARG H 177 -22.17 -0.46 -6.84
CA ARG H 177 -22.68 0.59 -7.73
C ARG H 177 -23.81 0.03 -8.56
N ILE H 178 -24.79 0.85 -8.90
CA ILE H 178 -25.95 0.35 -9.66
C ILE H 178 -25.61 -0.51 -10.86
N ALA H 179 -24.65 -0.11 -11.69
CA ALA H 179 -24.27 -0.90 -12.85
C ALA H 179 -23.80 -2.28 -12.43
N GLU H 180 -23.26 -2.38 -11.23
CA GLU H 180 -22.78 -3.65 -10.71
C GLU H 180 -23.97 -4.49 -10.26
N ILE H 181 -24.89 -3.87 -9.54
CA ILE H 181 -26.07 -4.57 -9.05
C ILE H 181 -26.94 -5.07 -10.21
N ALA H 182 -26.97 -4.29 -11.28
CA ALA H 182 -27.75 -4.62 -12.47
C ALA H 182 -27.22 -5.81 -13.25
N ARG H 183 -25.95 -6.15 -13.06
CA ARG H 183 -25.39 -7.29 -13.77
C ARG H 183 -25.41 -8.58 -12.98
N ILE H 184 -25.91 -8.56 -11.75
CA ILE H 184 -25.96 -9.78 -10.94
C ILE H 184 -26.88 -10.86 -11.53
N ARG H 185 -26.40 -12.10 -11.61
CA ARG H 185 -27.19 -13.24 -12.12
C ARG H 185 -27.39 -14.24 -10.98
N VAL H 186 -28.54 -14.88 -10.94
CA VAL H 186 -28.81 -15.83 -9.88
C VAL H 186 -27.68 -16.82 -9.63
N LYS H 187 -26.99 -17.22 -10.70
CA LYS H 187 -25.89 -18.16 -10.59
C LYS H 187 -24.67 -17.58 -9.88
N ASP H 188 -24.67 -16.26 -9.66
CA ASP H 188 -23.56 -15.63 -8.98
C ASP H 188 -23.82 -15.60 -7.49
N ILE H 189 -24.92 -16.21 -7.05
CA ILE H 189 -25.25 -16.23 -5.64
C ILE H 189 -24.93 -17.57 -5.01
N SER H 190 -24.45 -17.52 -3.77
CA SER H 190 -24.10 -18.71 -3.02
C SER H 190 -24.37 -18.42 -1.55
N ARG H 191 -24.09 -19.36 -0.66
CA ARG H 191 -24.35 -19.12 0.75
C ARG H 191 -23.27 -19.61 1.71
N THR H 192 -23.23 -18.98 2.87
CA THR H 192 -22.29 -19.34 3.90
C THR H 192 -22.99 -20.42 4.71
N ASP H 193 -22.25 -21.15 5.54
CA ASP H 193 -22.89 -22.19 6.34
C ASP H 193 -23.86 -21.51 7.30
N GLY H 194 -23.50 -20.31 7.75
CA GLY H 194 -24.38 -19.57 8.63
C GLY H 194 -25.64 -19.16 7.91
N GLY H 195 -25.70 -19.48 6.62
CA GLY H 195 -26.88 -19.17 5.82
C GLY H 195 -27.06 -17.73 5.37
N ARG H 196 -25.97 -17.08 4.97
CA ARG H 196 -26.05 -15.70 4.48
C ARG H 196 -25.76 -15.72 2.98
N MET H 197 -26.50 -14.92 2.22
CA MET H 197 -26.24 -14.88 0.78
C MET H 197 -24.86 -14.29 0.58
N LEU H 198 -24.23 -14.66 -0.52
CA LEU H 198 -22.88 -14.20 -0.78
C LEU H 198 -22.69 -13.98 -2.28
N ILE H 199 -23.25 -12.87 -2.75
CA ILE H 199 -23.17 -12.49 -4.15
C ILE H 199 -21.74 -12.45 -4.67
N HIS H 200 -21.55 -12.67 -5.96
CA HIS H 200 -20.21 -12.61 -6.51
C HIS H 200 -20.18 -11.57 -7.62
N ILE H 201 -19.26 -10.63 -7.52
CA ILE H 201 -19.14 -9.57 -8.52
C ILE H 201 -17.90 -9.82 -9.37
N GLY H 202 -17.99 -9.57 -10.67
CA GLY H 202 -16.86 -9.80 -11.53
C GLY H 202 -16.25 -8.57 -12.17
N ARG H 203 -17.07 -7.60 -12.54
CA ARG H 203 -16.52 -6.40 -13.14
C ARG H 203 -17.07 -5.19 -12.44
N THR H 204 -16.16 -4.36 -11.94
CA THR H 204 -16.54 -3.13 -11.25
C THR H 204 -15.79 -2.03 -11.97
N LYS H 205 -16.00 -0.79 -11.54
CA LYS H 205 -15.33 0.35 -12.16
C LYS H 205 -13.80 0.28 -12.03
N THR H 206 -13.33 -0.30 -10.94
CA THR H 206 -11.90 -0.38 -10.66
C THR H 206 -11.18 -1.67 -11.00
N LEU H 207 -11.89 -2.74 -11.32
CA LEU H 207 -11.16 -3.96 -11.69
C LEU H 207 -11.94 -4.95 -12.53
N VAL H 208 -11.22 -5.55 -13.47
CA VAL H 208 -11.77 -6.53 -14.40
C VAL H 208 -10.90 -7.79 -14.43
N SER H 209 -11.33 -8.82 -13.68
CA SER H 209 -10.59 -10.08 -13.61
C SER H 209 -11.51 -11.24 -13.32
N THR H 210 -11.02 -12.44 -13.60
CA THR H 210 -11.79 -13.66 -13.38
C THR H 210 -11.80 -14.03 -11.91
N ALA H 211 -11.00 -13.35 -11.13
CA ALA H 211 -10.95 -13.63 -9.70
C ALA H 211 -12.19 -13.05 -9.05
N GLY H 212 -12.42 -11.76 -9.28
CA GLY H 212 -13.57 -11.09 -8.71
C GLY H 212 -13.64 -11.13 -7.18
N VAL H 213 -14.56 -10.36 -6.63
CA VAL H 213 -14.73 -10.31 -5.18
C VAL H 213 -16.12 -10.78 -4.76
N GLU H 214 -16.24 -11.24 -3.51
CA GLU H 214 -17.51 -11.73 -2.96
C GLU H 214 -18.07 -10.83 -1.86
N LYS H 215 -19.24 -10.26 -2.09
CA LYS H 215 -19.87 -9.39 -1.11
C LYS H 215 -20.99 -10.17 -0.39
N ALA H 216 -20.91 -10.26 0.93
CA ALA H 216 -21.92 -10.99 1.72
C ALA H 216 -23.03 -10.10 2.23
N LEU H 217 -24.24 -10.66 2.34
CA LEU H 217 -25.38 -9.91 2.84
C LEU H 217 -25.68 -10.36 4.27
N SER H 218 -26.39 -9.52 5.02
CA SER H 218 -26.76 -9.87 6.40
C SER H 218 -27.87 -10.91 6.36
N LEU H 219 -28.23 -11.42 7.53
CA LEU H 219 -29.30 -12.41 7.61
C LEU H 219 -30.61 -11.72 7.26
N GLY H 220 -30.84 -10.56 7.84
CA GLY H 220 -32.05 -9.83 7.55
C GLY H 220 -32.18 -9.52 6.08
N VAL H 221 -31.11 -9.00 5.48
CA VAL H 221 -31.14 -8.63 4.06
C VAL H 221 -31.10 -9.84 3.14
N THR H 222 -30.48 -10.93 3.58
CA THR H 222 -30.41 -12.11 2.74
C THR H 222 -31.84 -12.61 2.59
N LYS H 223 -32.63 -12.35 3.63
CA LYS H 223 -34.04 -12.72 3.69
C LYS H 223 -34.85 -11.94 2.64
N LEU H 224 -34.70 -10.61 2.64
CA LEU H 224 -35.41 -9.76 1.70
C LEU H 224 -35.16 -10.20 0.26
N VAL H 225 -34.04 -10.87 0.03
CA VAL H 225 -33.72 -11.33 -1.30
C VAL H 225 -34.34 -12.70 -1.55
N GLU H 226 -34.22 -13.60 -0.57
CA GLU H 226 -34.77 -14.95 -0.71
C GLU H 226 -36.24 -14.85 -1.11
N ARG H 227 -36.88 -13.74 -0.73
CA ARG H 227 -38.28 -13.51 -1.04
C ARG H 227 -38.49 -13.08 -2.48
N TRP H 228 -37.96 -11.92 -2.84
CA TRP H 228 -38.08 -11.41 -4.21
C TRP H 228 -37.76 -12.50 -5.23
N ILE H 229 -36.81 -13.38 -4.87
CA ILE H 229 -36.40 -14.47 -5.77
C ILE H 229 -37.58 -15.41 -6.06
N SER H 230 -38.36 -15.75 -5.03
CA SER H 230 -39.50 -16.64 -5.20
C SER H 230 -40.65 -15.88 -5.86
N VAL H 231 -41.08 -14.81 -5.21
CA VAL H 231 -42.17 -13.96 -5.70
C VAL H 231 -42.07 -13.53 -7.16
N SER H 232 -40.91 -13.71 -7.79
CA SER H 232 -40.73 -13.32 -9.19
C SER H 232 -40.16 -14.47 -9.99
N GLY H 233 -39.80 -15.54 -9.30
CA GLY H 233 -39.24 -16.71 -9.96
C GLY H 233 -38.18 -16.45 -11.01
N VAL H 234 -37.22 -15.61 -10.69
CA VAL H 234 -36.14 -15.33 -11.64
C VAL H 234 -35.24 -16.54 -11.58
N ALA H 235 -35.44 -17.31 -10.52
CA ALA H 235 -34.66 -18.50 -10.25
C ALA H 235 -35.05 -19.73 -11.08
N ASP H 236 -35.59 -19.51 -12.28
CA ASP H 236 -35.97 -20.64 -13.12
C ASP H 236 -34.97 -20.85 -14.24
N ASP H 237 -33.94 -20.02 -14.24
CA ASP H 237 -32.86 -20.11 -15.23
C ASP H 237 -31.66 -19.52 -14.51
N PRO H 238 -30.67 -20.36 -14.17
CA PRO H 238 -29.52 -19.81 -13.47
C PRO H 238 -28.96 -18.53 -14.08
N ASN H 239 -28.93 -18.43 -15.41
CA ASN H 239 -28.39 -17.24 -16.06
C ASN H 239 -29.32 -16.03 -16.09
N ASN H 240 -30.22 -15.98 -15.12
CA ASN H 240 -31.15 -14.87 -15.03
C ASN H 240 -30.64 -13.73 -14.16
N TYR H 241 -30.82 -12.50 -14.62
CA TYR H 241 -30.40 -11.34 -13.86
C TYR H 241 -31.28 -11.22 -12.63
N LEU H 242 -30.66 -11.28 -11.47
CA LEU H 242 -31.39 -11.19 -10.22
C LEU H 242 -32.49 -10.13 -10.24
N PHE H 243 -32.22 -8.97 -10.82
CA PHE H 243 -33.23 -7.92 -10.84
C PHE H 243 -33.78 -7.68 -12.26
N CYS H 244 -35.10 -7.65 -12.35
CA CYS H 244 -35.80 -7.45 -13.61
C CYS H 244 -37.00 -6.55 -13.41
N ARG H 245 -37.49 -5.97 -14.51
CA ARG H 245 -38.63 -5.07 -14.45
C ARG H 245 -39.93 -5.75 -14.06
N VAL H 246 -40.89 -4.94 -13.65
CA VAL H 246 -42.22 -5.38 -13.25
C VAL H 246 -43.16 -4.57 -14.12
N ARG H 247 -44.33 -5.13 -14.46
CA ARG H 247 -45.30 -4.41 -15.30
C ARG H 247 -46.51 -4.02 -14.50
N LYS H 248 -47.30 -3.09 -15.04
CA LYS H 248 -48.50 -2.56 -14.39
C LYS H 248 -49.25 -3.58 -13.53
N ASN H 249 -49.46 -4.77 -14.09
CA ASN H 249 -50.19 -5.84 -13.41
C ASN H 249 -49.51 -6.43 -12.19
N GLY H 250 -48.24 -6.10 -11.97
CA GLY H 250 -47.52 -6.61 -10.82
C GLY H 250 -46.97 -8.01 -11.05
N VAL H 251 -46.49 -8.28 -12.25
CA VAL H 251 -45.94 -9.60 -12.57
C VAL H 251 -44.49 -9.38 -12.99
N ALA H 252 -43.61 -10.25 -12.51
CA ALA H 252 -42.19 -10.16 -12.82
C ALA H 252 -41.93 -10.17 -14.33
N ALA H 253 -40.68 -10.39 -14.71
CA ALA H 253 -40.28 -10.42 -16.12
C ALA H 253 -38.81 -10.80 -16.28
N PRO H 254 -38.42 -11.97 -15.74
CA PRO H 254 -37.04 -12.46 -15.82
C PRO H 254 -36.43 -12.35 -17.21
N SER H 255 -35.10 -12.44 -17.29
CA SER H 255 -34.39 -12.39 -18.55
C SER H 255 -32.93 -12.78 -18.39
N ALA H 256 -32.26 -12.99 -19.50
CA ALA H 256 -30.86 -13.37 -19.46
C ALA H 256 -30.15 -12.65 -20.58
N THR H 257 -30.88 -11.79 -21.27
CA THR H 257 -30.31 -11.03 -22.37
C THR H 257 -30.54 -9.55 -22.14
N SER H 258 -31.34 -9.22 -21.13
CA SER H 258 -31.63 -7.84 -20.83
C SER H 258 -31.52 -7.52 -19.35
N GLN H 259 -30.59 -6.64 -19.00
CA GLN H 259 -30.42 -6.25 -17.60
C GLN H 259 -31.40 -5.16 -17.33
N LEU H 260 -31.64 -4.91 -16.06
CA LEU H 260 -32.54 -3.84 -15.71
C LEU H 260 -31.69 -2.60 -15.90
N SER H 261 -32.24 -1.62 -16.60
CA SER H 261 -31.53 -0.38 -16.86
C SER H 261 -31.07 0.30 -15.56
N THR H 262 -29.87 0.88 -15.57
CA THR H 262 -29.37 1.57 -14.37
C THR H 262 -30.22 2.81 -14.13
N ARG H 263 -30.79 3.35 -15.21
CA ARG H 263 -31.67 4.51 -15.12
C ARG H 263 -32.86 4.13 -14.24
N ALA H 264 -33.23 2.85 -14.29
CA ALA H 264 -34.36 2.37 -13.52
C ALA H 264 -33.98 2.31 -12.05
N LEU H 265 -32.78 1.84 -11.81
CA LEU H 265 -32.28 1.73 -10.44
C LEU H 265 -32.20 3.12 -9.83
N GLU H 266 -31.80 4.10 -10.63
CA GLU H 266 -31.73 5.47 -10.13
C GLU H 266 -33.15 5.87 -9.81
N GLY H 267 -34.09 5.36 -10.60
CA GLY H 267 -35.49 5.66 -10.37
C GLY H 267 -35.98 5.16 -9.03
N ILE H 268 -35.75 3.89 -8.76
CA ILE H 268 -36.16 3.29 -7.51
C ILE H 268 -35.81 4.18 -6.33
N PHE H 269 -34.57 4.69 -6.31
CA PHE H 269 -34.14 5.56 -5.23
C PHE H 269 -35.04 6.80 -5.10
N GLU H 270 -35.24 7.51 -6.20
CA GLU H 270 -36.07 8.72 -6.19
C GLU H 270 -37.44 8.33 -5.67
N ALA H 271 -38.04 7.37 -6.35
CA ALA H 271 -39.35 6.87 -5.98
C ALA H 271 -39.41 6.66 -4.47
N THR H 272 -38.48 5.91 -3.92
CA THR H 272 -38.50 5.64 -2.48
C THR H 272 -38.30 6.92 -1.66
N HIS H 273 -37.73 7.94 -2.31
CA HIS H 273 -37.52 9.20 -1.62
C HIS H 273 -38.85 9.95 -1.63
N ARG H 274 -39.53 9.91 -2.77
CA ARG H 274 -40.83 10.55 -2.91
C ARG H 274 -41.79 9.98 -1.87
N LEU H 275 -41.88 8.66 -1.87
CA LEU H 275 -42.72 7.91 -0.94
C LEU H 275 -42.65 8.46 0.49
N ILE H 276 -41.59 9.20 0.83
CA ILE H 276 -41.46 9.72 2.17
C ILE H 276 -41.35 11.24 2.28
N TYR H 277 -40.70 11.89 1.33
CA TYR H 277 -40.53 13.32 1.44
C TYR H 277 -41.26 14.14 0.38
N GLY H 278 -42.29 13.54 -0.17
CA GLY H 278 -43.08 14.24 -1.17
C GLY H 278 -42.39 14.36 -2.50
N ALA H 279 -42.55 15.52 -3.13
CA ALA H 279 -41.96 15.77 -4.45
C ALA H 279 -40.66 16.55 -4.38
N LYS H 280 -39.81 16.29 -5.36
CA LYS H 280 -38.51 16.94 -5.47
C LYS H 280 -38.74 18.42 -5.77
N ASP H 281 -38.44 19.25 -4.77
CA ASP H 281 -38.58 20.68 -4.90
C ASP H 281 -38.03 21.16 -6.25
N ASP H 282 -38.66 22.16 -6.85
CA ASP H 282 -38.18 22.67 -8.12
C ASP H 282 -37.07 23.69 -7.91
N SER H 283 -35.83 23.23 -8.08
CA SER H 283 -34.65 24.07 -7.89
C SER H 283 -33.65 23.78 -8.99
N GLY H 284 -33.94 22.75 -9.78
CA GLY H 284 -33.06 22.38 -10.88
C GLY H 284 -31.78 21.68 -10.45
N GLN H 285 -31.28 21.99 -9.25
CA GLN H 285 -30.05 21.39 -8.75
C GLN H 285 -30.11 19.88 -8.67
N ARG H 286 -28.95 19.24 -8.60
CA ARG H 286 -28.89 17.78 -8.49
C ARG H 286 -28.94 17.34 -7.05
N TYR H 287 -28.85 16.04 -6.84
CA TYR H 287 -28.87 15.43 -5.52
C TYR H 287 -29.94 15.99 -4.59
N LEU H 288 -31.13 16.25 -5.15
CA LEU H 288 -32.24 16.77 -4.34
C LEU H 288 -33.04 15.63 -3.74
N ALA H 289 -32.66 14.40 -4.09
CA ALA H 289 -33.32 13.20 -3.58
C ALA H 289 -32.45 11.99 -3.90
N TRP H 290 -32.47 10.98 -3.04
CA TRP H 290 -31.67 9.77 -3.26
C TRP H 290 -31.44 9.41 -4.70
N SER H 291 -30.26 8.86 -4.98
CA SER H 291 -29.89 8.46 -6.33
C SER H 291 -29.01 7.25 -6.28
N GLY H 292 -28.44 6.90 -7.43
CA GLY H 292 -27.57 5.75 -7.54
C GLY H 292 -26.50 5.57 -6.48
N HIS H 293 -25.75 6.62 -6.15
CA HIS H 293 -24.67 6.49 -5.16
C HIS H 293 -25.02 6.64 -3.67
N SER H 294 -26.22 7.11 -3.38
CA SER H 294 -26.71 7.35 -2.01
C SER H 294 -26.46 6.20 -1.04
N ALA H 295 -26.58 4.97 -1.51
CA ALA H 295 -26.33 3.83 -0.64
C ALA H 295 -24.86 3.82 -0.21
N ARG H 296 -23.95 4.04 -1.18
CA ARG H 296 -22.52 4.05 -0.92
C ARG H 296 -22.12 5.09 0.10
N VAL H 297 -22.39 6.34 -0.24
CA VAL H 297 -22.00 7.38 0.68
C VAL H 297 -22.63 7.11 2.03
N GLY H 298 -23.92 6.79 2.04
CA GLY H 298 -24.61 6.52 3.28
C GLY H 298 -23.92 5.48 4.12
N ALA H 299 -23.66 4.32 3.53
CA ALA H 299 -23.00 3.25 4.25
C ALA H 299 -21.61 3.68 4.67
N ALA H 300 -20.87 4.33 3.76
CA ALA H 300 -19.52 4.80 4.07
C ALA H 300 -19.61 5.60 5.36
N ARG H 301 -20.57 6.52 5.43
CA ARG H 301 -20.71 7.30 6.64
C ARG H 301 -21.05 6.45 7.85
N ASP H 302 -22.18 5.74 7.84
CA ASP H 302 -22.54 4.92 9.00
C ASP H 302 -21.37 4.10 9.52
N MET H 303 -20.50 3.64 8.64
CA MET H 303 -19.36 2.85 9.09
C MET H 303 -18.39 3.75 9.84
N ALA H 304 -18.27 4.98 9.36
CA ALA H 304 -17.37 5.93 9.98
C ALA H 304 -17.74 6.16 11.44
N ARG H 305 -19.01 6.54 11.67
CA ARG H 305 -19.54 6.80 13.01
C ARG H 305 -19.37 5.58 13.90
N ALA H 306 -19.79 4.43 13.41
CA ALA H 306 -19.68 3.21 14.18
C ALA H 306 -18.25 2.95 14.62
N GLY H 307 -17.31 3.72 14.08
CA GLY H 307 -15.91 3.54 14.43
C GLY H 307 -15.17 2.46 13.66
N VAL H 308 -15.66 2.06 12.50
CA VAL H 308 -14.99 1.03 11.70
C VAL H 308 -13.63 1.55 11.25
N SER H 309 -12.64 0.66 11.15
CA SER H 309 -11.30 1.06 10.71
C SER H 309 -11.17 1.38 9.22
N ILE H 310 -10.06 1.99 8.84
CA ILE H 310 -9.81 2.36 7.46
C ILE H 310 -9.75 1.11 6.59
N PRO H 311 -8.88 0.15 6.96
CA PRO H 311 -8.81 -1.06 6.14
C PRO H 311 -10.13 -1.80 6.02
N GLU H 312 -11.04 -1.60 6.97
CA GLU H 312 -12.33 -2.30 6.91
C GLU H 312 -13.33 -1.57 6.03
N ILE H 313 -13.21 -0.24 5.97
CA ILE H 313 -14.11 0.56 5.16
C ILE H 313 -13.68 0.46 3.71
N MET H 314 -12.37 0.51 3.50
CA MET H 314 -11.88 0.39 2.14
C MET H 314 -12.34 -0.95 1.59
N GLN H 315 -12.24 -1.98 2.42
CA GLN H 315 -12.66 -3.32 2.02
C GLN H 315 -14.14 -3.35 1.65
N ALA H 316 -14.96 -2.68 2.44
CA ALA H 316 -16.40 -2.66 2.23
C ALA H 316 -16.85 -1.92 0.98
N GLY H 317 -16.05 -0.97 0.56
CA GLY H 317 -16.44 -0.17 -0.60
C GLY H 317 -15.64 -0.40 -1.85
N GLY H 318 -14.63 -1.28 -1.78
CA GLY H 318 -13.83 -1.53 -2.95
C GLY H 318 -12.87 -0.38 -3.23
N TRP H 319 -12.38 0.26 -2.17
CA TRP H 319 -11.44 1.35 -2.29
C TRP H 319 -10.10 0.80 -1.84
N THR H 320 -9.00 1.28 -2.41
CA THR H 320 -7.72 0.76 -1.99
C THR H 320 -6.81 1.85 -1.47
N ASN H 321 -7.39 2.99 -1.11
CA ASN H 321 -6.58 4.08 -0.59
C ASN H 321 -7.37 4.94 0.39
N VAL H 322 -6.68 5.35 1.45
CA VAL H 322 -7.29 6.16 2.49
C VAL H 322 -7.94 7.43 1.92
N ASN H 323 -7.28 7.98 0.92
CA ASN H 323 -7.69 9.23 0.29
C ASN H 323 -8.84 9.14 -0.72
N ILE H 324 -9.84 8.34 -0.43
CA ILE H 324 -11.02 8.26 -1.30
C ILE H 324 -12.16 7.98 -0.35
N VAL H 325 -11.82 7.28 0.72
CA VAL H 325 -12.76 6.94 1.78
C VAL H 325 -13.05 8.25 2.50
N MET H 326 -11.97 8.95 2.83
CA MET H 326 -12.07 10.26 3.50
C MET H 326 -12.86 11.09 2.54
N ASN H 327 -12.51 10.86 1.27
CA ASN H 327 -13.17 11.54 0.18
C ASN H 327 -14.62 11.19 0.29
N TYR H 328 -14.96 9.94 0.65
CA TYR H 328 -16.44 9.73 0.73
C TYR H 328 -17.12 10.32 1.98
N ILE H 329 -16.47 11.23 2.72
CA ILE H 329 -17.12 11.79 3.92
C ILE H 329 -17.06 13.32 4.03
N ARG H 330 -18.05 13.86 4.75
CA ARG H 330 -18.24 15.29 5.03
C ARG H 330 -19.34 15.21 6.10
N ASN H 331 -19.07 14.32 7.06
CA ASN H 331 -19.91 13.95 8.21
C ASN H 331 -20.88 14.84 8.99
N LEU H 332 -21.38 14.25 10.07
CA LEU H 332 -22.35 14.80 11.00
C LEU H 332 -22.60 16.29 11.01
N ASP H 333 -23.87 16.65 10.83
CA ASP H 333 -24.31 18.03 10.81
C ASP H 333 -24.85 18.37 12.21
N SER H 334 -25.35 19.60 12.37
CA SER H 334 -25.90 20.09 13.65
C SER H 334 -24.99 19.76 14.84
N GLU H 335 -25.57 19.21 15.90
CA GLU H 335 -24.81 18.84 17.10
C GLU H 335 -23.58 17.98 16.77
N THR H 336 -23.35 17.76 15.48
CA THR H 336 -22.24 16.95 14.98
C THR H 336 -21.85 15.83 15.94
N GLY H 337 -20.55 15.73 16.20
CA GLY H 337 -20.01 14.71 17.08
C GLY H 337 -18.62 15.10 17.57
N ALA H 338 -17.76 14.10 17.70
CA ALA H 338 -16.38 14.24 18.16
C ALA H 338 -16.10 15.48 19.02
N MET H 339 -15.40 16.46 18.48
CA MET H 339 -15.07 17.65 19.24
C MET H 339 -16.22 18.17 20.11
N VAL H 340 -17.42 18.27 19.56
CA VAL H 340 -18.51 18.77 20.37
C VAL H 340 -18.80 17.80 21.51
N ARG H 341 -18.89 16.52 21.17
CA ARG H 341 -19.15 15.50 22.18
C ARG H 341 -18.05 15.56 23.24
N LEU H 342 -16.84 15.84 22.78
CA LEU H 342 -15.69 15.89 23.66
C LEU H 342 -15.74 17.03 24.68
N LEU H 343 -16.03 18.22 24.17
CA LEU H 343 -16.10 19.41 25.01
C LEU H 343 -17.28 19.37 25.97
N GLU H 344 -18.48 19.23 25.41
CA GLU H 344 -19.69 19.21 26.23
C GLU H 344 -19.68 18.11 27.25
N ASP H 345 -18.86 17.09 27.03
CA ASP H 345 -18.78 15.98 27.95
C ASP H 345 -18.04 16.37 29.23
N ASP I 25 19.76 -13.49 -38.04
CA ASP I 25 21.25 -13.48 -38.19
C ASP I 25 21.92 -13.56 -36.83
N GLU I 26 21.85 -12.47 -36.07
CA GLU I 26 22.44 -12.44 -34.74
C GLU I 26 21.58 -13.24 -33.76
N VAL I 27 20.26 -13.09 -33.92
CA VAL I 27 19.29 -13.79 -33.09
C VAL I 27 19.69 -15.25 -32.93
N ARG I 28 20.15 -15.85 -34.02
CA ARG I 28 20.56 -17.24 -34.03
C ARG I 28 21.56 -17.52 -32.92
N LYS I 29 22.48 -16.59 -32.69
CA LYS I 29 23.49 -16.74 -31.64
C LYS I 29 22.78 -16.66 -30.28
N ASN I 30 21.94 -15.63 -30.13
CA ASN I 30 21.18 -15.45 -28.89
C ASN I 30 20.53 -16.77 -28.57
N LEU I 31 19.81 -17.31 -29.54
CA LEU I 31 19.13 -18.58 -29.40
C LEU I 31 20.08 -19.66 -28.92
N MET I 32 21.28 -19.71 -29.48
CA MET I 32 22.23 -20.74 -29.06
C MET I 32 22.58 -20.59 -27.59
N ASP I 33 22.77 -19.35 -27.14
CA ASP I 33 23.10 -19.10 -25.74
C ASP I 33 21.87 -19.37 -24.90
N MET I 34 20.72 -18.96 -25.41
CA MET I 34 19.46 -19.17 -24.72
C MET I 34 19.38 -20.65 -24.37
N PHE I 35 19.92 -21.49 -25.25
CA PHE I 35 19.93 -22.94 -25.06
C PHE I 35 21.09 -23.39 -24.20
N ARG I 36 22.24 -22.77 -24.40
CA ARG I 36 23.45 -23.13 -23.65
C ARG I 36 23.19 -23.17 -22.15
N ASP I 37 22.25 -22.35 -21.70
CA ASP I 37 21.88 -22.30 -20.30
C ASP I 37 20.38 -22.51 -20.21
N ARG I 38 19.92 -23.65 -20.73
CA ARG I 38 18.50 -23.97 -20.69
C ARG I 38 18.18 -24.33 -19.25
N GLN I 39 19.24 -24.51 -18.47
CA GLN I 39 19.17 -24.86 -17.06
C GLN I 39 18.61 -23.71 -16.23
N ALA I 40 18.49 -22.54 -16.84
CA ALA I 40 17.97 -21.38 -16.16
C ALA I 40 16.46 -21.43 -15.94
N PHE I 41 15.84 -22.55 -16.34
CA PHE I 41 14.39 -22.69 -16.17
C PHE I 41 13.98 -24.11 -15.74
N SER I 42 12.69 -24.27 -15.47
CA SER I 42 12.14 -25.56 -15.06
C SER I 42 11.75 -26.33 -16.30
N GLU I 43 11.88 -27.65 -16.22
CA GLU I 43 11.51 -28.50 -17.34
C GLU I 43 10.05 -28.15 -17.64
N HIS I 44 9.32 -27.80 -16.58
CA HIS I 44 7.91 -27.45 -16.67
C HIS I 44 7.63 -26.19 -17.49
N THR I 45 8.59 -25.27 -17.51
CA THR I 45 8.44 -24.06 -18.30
C THR I 45 8.67 -24.48 -19.76
N TRP I 46 9.83 -25.07 -20.00
CA TRP I 46 10.17 -25.53 -21.34
C TRP I 46 9.04 -26.34 -21.95
N LYS I 47 8.32 -27.10 -21.13
CA LYS I 47 7.20 -27.88 -21.63
C LYS I 47 6.22 -26.93 -22.31
N MET I 48 5.80 -25.93 -21.56
CA MET I 48 4.85 -24.98 -22.07
C MET I 48 5.43 -24.11 -23.20
N LEU I 49 6.70 -23.74 -23.11
CA LEU I 49 7.30 -22.94 -24.18
C LEU I 49 7.08 -23.66 -25.50
N LEU I 50 7.52 -24.93 -25.53
CA LEU I 50 7.39 -25.79 -26.70
C LEU I 50 5.93 -26.05 -27.02
N SER I 51 5.18 -26.43 -25.99
CA SER I 51 3.78 -26.71 -26.18
C SER I 51 3.06 -25.56 -26.88
N VAL I 52 3.45 -24.31 -26.59
CA VAL I 52 2.79 -23.18 -27.23
C VAL I 52 3.41 -22.87 -28.59
N CYS I 53 4.74 -22.84 -28.66
CA CYS I 53 5.41 -22.59 -29.94
C CYS I 53 4.76 -23.51 -30.96
N ARG I 54 4.57 -24.78 -30.58
CA ARG I 54 3.91 -25.75 -31.45
C ARG I 54 2.61 -25.15 -31.96
N SER I 55 1.67 -24.96 -31.04
CA SER I 55 0.36 -24.39 -31.36
C SER I 55 0.45 -23.13 -32.22
N TRP I 56 1.49 -22.33 -32.01
CA TRP I 56 1.70 -21.09 -32.77
C TRP I 56 2.03 -21.45 -34.22
N ALA I 57 3.14 -22.17 -34.41
CA ALA I 57 3.57 -22.61 -35.73
C ALA I 57 2.39 -23.26 -36.43
N ALA I 58 1.74 -24.18 -35.75
CA ALA I 58 0.57 -24.85 -36.32
C ALA I 58 -0.35 -23.80 -36.93
N TRP I 59 -0.91 -22.94 -36.08
CA TRP I 59 -1.83 -21.93 -36.55
C TRP I 59 -1.25 -21.08 -37.70
N CYS I 60 0.01 -20.69 -37.60
CA CYS I 60 0.60 -19.88 -38.65
C CYS I 60 0.55 -20.61 -40.00
N LYS I 61 1.18 -21.78 -40.06
CA LYS I 61 1.18 -22.57 -41.28
C LYS I 61 -0.21 -23.16 -41.42
N LEU I 62 -1.13 -22.32 -41.90
CA LEU I 62 -2.52 -22.71 -42.07
C LEU I 62 -3.24 -21.40 -42.27
N ASN I 63 -2.48 -20.32 -42.15
CA ASN I 63 -2.99 -18.97 -42.33
C ASN I 63 -1.99 -18.16 -43.12
N ASN I 64 -0.83 -18.76 -43.38
CA ASN I 64 0.26 -18.14 -44.14
C ASN I 64 1.00 -17.08 -43.35
N ARG I 65 1.56 -17.47 -42.22
CA ARG I 65 2.25 -16.49 -41.39
C ARG I 65 3.64 -16.96 -40.95
N LYS I 66 4.61 -16.04 -40.93
CA LYS I 66 5.95 -16.40 -40.45
C LYS I 66 5.79 -16.57 -38.94
N TRP I 67 5.97 -17.79 -38.44
CA TRP I 67 5.81 -18.01 -37.01
C TRP I 67 6.93 -17.38 -36.21
N PHE I 68 7.97 -16.91 -36.89
CA PHE I 68 9.09 -16.30 -36.21
C PHE I 68 10.10 -15.63 -37.14
N PRO I 69 10.40 -14.37 -36.92
CA PRO I 69 9.89 -13.52 -35.84
C PRO I 69 8.41 -13.23 -36.02
N ALA I 70 7.65 -13.38 -34.95
CA ALA I 70 6.22 -13.14 -34.98
C ALA I 70 5.92 -11.66 -35.17
N GLU I 71 4.96 -11.36 -36.03
CA GLU I 71 4.57 -9.98 -36.27
C GLU I 71 3.34 -9.68 -35.41
N PRO I 72 3.38 -8.56 -34.67
CA PRO I 72 2.27 -8.17 -33.80
C PRO I 72 0.89 -8.34 -34.42
N GLU I 73 0.79 -8.04 -35.71
CA GLU I 73 -0.49 -8.15 -36.41
C GLU I 73 -0.96 -9.60 -36.40
N ASP I 74 -0.02 -10.52 -36.60
CA ASP I 74 -0.34 -11.93 -36.62
C ASP I 74 -0.80 -12.38 -35.23
N VAL I 75 0.12 -12.27 -34.26
CA VAL I 75 -0.15 -12.63 -32.88
C VAL I 75 -1.56 -12.21 -32.47
N ARG I 76 -1.90 -10.96 -32.78
CA ARG I 76 -3.22 -10.46 -32.45
C ARG I 76 -4.26 -11.44 -32.96
N ASP I 77 -4.26 -11.65 -34.27
CA ASP I 77 -5.20 -12.58 -34.90
C ASP I 77 -5.17 -13.92 -34.18
N TYR I 78 -3.97 -14.36 -33.79
CA TYR I 78 -3.80 -15.62 -33.08
C TYR I 78 -4.52 -15.56 -31.73
N LEU I 79 -4.08 -14.67 -30.85
CA LEU I 79 -4.70 -14.53 -29.54
C LEU I 79 -6.22 -14.47 -29.70
N LEU I 80 -6.68 -13.70 -30.68
CA LEU I 80 -8.12 -13.57 -30.91
C LEU I 80 -8.73 -14.90 -31.27
N TYR I 81 -7.91 -15.78 -31.82
CA TYR I 81 -8.31 -17.12 -32.22
C TYR I 81 -8.50 -18.05 -31.03
N LEU I 82 -7.54 -18.03 -30.11
CA LEU I 82 -7.60 -18.87 -28.91
C LEU I 82 -8.85 -18.50 -28.09
N GLN I 83 -9.27 -17.24 -28.18
CA GLN I 83 -10.47 -16.81 -27.47
C GLN I 83 -11.67 -17.51 -28.09
N ALA I 84 -11.65 -17.63 -29.41
CA ALA I 84 -12.73 -18.25 -30.15
C ALA I 84 -12.74 -19.75 -29.88
N ARG I 85 -11.58 -20.29 -29.54
CA ARG I 85 -11.46 -21.71 -29.25
C ARG I 85 -12.02 -22.04 -27.85
N GLY I 86 -12.35 -21.01 -27.07
CA GLY I 86 -12.91 -21.21 -25.74
C GLY I 86 -11.94 -21.23 -24.57
N LEU I 87 -10.66 -21.00 -24.86
CA LEU I 87 -9.64 -21.02 -23.83
C LEU I 87 -9.80 -19.88 -22.83
N ALA I 88 -9.45 -20.14 -21.57
CA ALA I 88 -9.56 -19.15 -20.51
C ALA I 88 -8.53 -18.02 -20.67
N VAL I 89 -8.79 -16.89 -20.01
CA VAL I 89 -7.89 -15.74 -20.09
C VAL I 89 -6.49 -16.11 -19.63
N LYS I 90 -6.41 -16.86 -18.54
CA LYS I 90 -5.11 -17.25 -17.98
C LYS I 90 -4.24 -18.01 -18.99
N THR I 91 -4.91 -18.81 -19.83
CA THR I 91 -4.22 -19.60 -20.84
C THR I 91 -3.72 -18.74 -22.00
N ILE I 92 -4.58 -17.85 -22.50
CA ILE I 92 -4.22 -16.95 -23.59
C ILE I 92 -3.01 -16.14 -23.12
N GLN I 93 -2.95 -15.91 -21.81
CA GLN I 93 -1.85 -15.14 -21.23
C GLN I 93 -0.55 -15.95 -21.27
N GLN I 94 -0.65 -17.25 -20.98
CA GLN I 94 0.51 -18.15 -21.01
C GLN I 94 1.05 -18.22 -22.43
N HIS I 95 0.14 -18.31 -23.39
CA HIS I 95 0.53 -18.36 -24.80
C HIS I 95 1.30 -17.11 -25.17
N LEU I 96 0.66 -15.96 -24.96
CA LEU I 96 1.30 -14.69 -25.27
C LEU I 96 2.57 -14.58 -24.45
N GLY I 97 2.50 -15.04 -23.21
CA GLY I 97 3.66 -14.99 -22.35
C GLY I 97 4.84 -15.77 -22.88
N GLN I 98 4.64 -17.03 -23.27
CA GLN I 98 5.76 -17.81 -23.78
C GLN I 98 6.26 -17.30 -25.10
N LEU I 99 5.36 -16.72 -25.85
CA LEU I 99 5.72 -16.18 -27.13
C LEU I 99 6.75 -15.09 -26.84
N ASN I 100 6.47 -14.28 -25.82
CA ASN I 100 7.38 -13.20 -25.45
C ASN I 100 8.74 -13.73 -25.04
N MET I 101 8.76 -14.52 -23.98
CA MET I 101 10.01 -15.09 -23.50
C MET I 101 10.90 -15.56 -24.64
N LEU I 102 10.28 -16.13 -25.68
CA LEU I 102 11.02 -16.64 -26.83
C LEU I 102 11.74 -15.52 -27.56
N HIS I 103 11.02 -14.44 -27.81
CA HIS I 103 11.55 -13.28 -28.52
C HIS I 103 12.53 -12.46 -27.67
N ARG I 104 12.24 -12.31 -26.39
CA ARG I 104 13.13 -11.54 -25.55
C ARG I 104 14.48 -12.23 -25.49
N ARG I 105 14.48 -13.54 -25.29
CA ARG I 105 15.73 -14.27 -25.21
C ARG I 105 16.41 -14.48 -26.55
N SER I 106 16.27 -13.48 -27.43
CA SER I 106 16.89 -13.51 -28.75
C SER I 106 17.15 -12.10 -29.27
N GLY I 107 17.29 -11.17 -28.33
CA GLY I 107 17.56 -9.78 -28.63
C GLY I 107 16.49 -9.22 -29.56
N LEU I 108 15.31 -9.80 -29.47
CA LEU I 108 14.21 -9.39 -30.34
C LEU I 108 13.07 -8.72 -29.58
N PRO I 109 12.27 -7.89 -30.28
CA PRO I 109 11.13 -7.16 -29.72
C PRO I 109 9.98 -8.10 -29.37
N ARG I 110 9.61 -8.18 -28.10
CA ARG I 110 8.50 -9.06 -27.69
C ARG I 110 7.13 -8.53 -28.14
N PRO I 111 6.31 -9.39 -28.76
CA PRO I 111 4.98 -9.00 -29.23
C PRO I 111 4.06 -8.23 -28.26
N SER I 112 4.38 -8.26 -26.97
CA SER I 112 3.57 -7.56 -25.97
C SER I 112 3.86 -6.06 -25.98
N ASP I 113 5.02 -5.71 -26.53
CA ASP I 113 5.41 -4.32 -26.61
C ASP I 113 4.76 -3.65 -27.83
N SER I 114 3.84 -4.36 -28.47
CA SER I 114 3.15 -3.82 -29.63
C SER I 114 1.76 -3.31 -29.24
N ASN I 115 1.42 -2.13 -29.71
CA ASN I 115 0.15 -1.50 -29.40
C ASN I 115 -1.07 -2.30 -29.82
N ALA I 116 -0.91 -3.25 -30.74
CA ALA I 116 -2.06 -4.01 -31.19
C ALA I 116 -2.38 -5.15 -30.24
N VAL I 117 -1.33 -5.88 -29.86
CA VAL I 117 -1.45 -7.02 -28.96
C VAL I 117 -1.99 -6.63 -27.58
N SER I 118 -1.29 -5.75 -26.89
CA SER I 118 -1.74 -5.34 -25.56
C SER I 118 -3.14 -4.78 -25.66
N LEU I 119 -3.48 -4.21 -26.81
CA LEU I 119 -4.81 -3.65 -27.03
C LEU I 119 -5.92 -4.71 -27.11
N VAL I 120 -5.64 -5.86 -27.73
CA VAL I 120 -6.63 -6.92 -27.84
C VAL I 120 -6.77 -7.70 -26.56
N MET I 121 -5.64 -7.91 -25.88
CA MET I 121 -5.62 -8.64 -24.61
C MET I 121 -6.53 -7.95 -23.59
N ARG I 122 -6.55 -6.63 -23.64
CA ARG I 122 -7.39 -5.85 -22.75
C ARG I 122 -8.83 -6.01 -23.24
N ARG I 123 -8.97 -6.21 -24.53
CA ARG I 123 -10.26 -6.41 -25.18
C ARG I 123 -10.79 -7.73 -24.68
N ILE I 124 -9.97 -8.76 -24.88
CA ILE I 124 -10.31 -10.10 -24.49
C ILE I 124 -10.61 -10.25 -23.00
N ARG I 125 -9.68 -9.85 -22.14
CA ARG I 125 -9.89 -9.98 -20.70
C ARG I 125 -11.25 -9.45 -20.30
N LYS I 126 -11.58 -8.24 -20.75
CA LYS I 126 -12.87 -7.64 -20.43
C LYS I 126 -13.99 -8.45 -21.07
N GLU I 127 -13.86 -8.68 -22.36
CA GLU I 127 -14.85 -9.43 -23.11
C GLU I 127 -15.20 -10.76 -22.42
N ASN I 128 -14.17 -11.50 -22.01
CA ASN I 128 -14.37 -12.79 -21.36
C ASN I 128 -14.94 -12.73 -19.96
N VAL I 129 -14.31 -11.96 -19.09
CA VAL I 129 -14.81 -11.85 -17.72
C VAL I 129 -16.21 -11.29 -17.76
N ASP I 130 -16.45 -10.41 -18.72
CA ASP I 130 -17.75 -9.78 -18.87
C ASP I 130 -18.74 -10.82 -19.36
N ALA I 131 -18.25 -11.74 -20.18
CA ALA I 131 -19.10 -12.80 -20.70
C ALA I 131 -19.41 -13.81 -19.61
N GLY I 132 -18.79 -13.63 -18.46
CA GLY I 132 -19.05 -14.52 -17.34
C GLY I 132 -17.94 -15.48 -16.95
N GLU I 133 -16.83 -15.50 -17.69
CA GLU I 133 -15.73 -16.40 -17.35
C GLU I 133 -15.40 -16.21 -15.89
N ARG I 134 -14.77 -17.21 -15.27
CA ARG I 134 -14.49 -17.09 -13.85
C ARG I 134 -13.46 -18.12 -13.39
N ALA I 135 -12.53 -17.69 -12.53
CA ALA I 135 -11.46 -18.54 -12.03
C ALA I 135 -11.85 -19.42 -10.85
N LYS I 136 -11.49 -20.71 -10.92
CA LYS I 136 -11.80 -21.64 -9.86
C LYS I 136 -10.58 -22.10 -9.07
N GLN I 137 -10.83 -22.86 -8.01
CA GLN I 137 -9.79 -23.39 -7.14
C GLN I 137 -10.16 -24.79 -6.66
N ALA I 138 -9.17 -25.50 -6.14
CA ALA I 138 -9.39 -26.87 -5.67
C ALA I 138 -10.57 -27.02 -4.71
N LEU I 139 -11.13 -28.22 -4.67
CA LEU I 139 -12.25 -28.51 -3.79
C LEU I 139 -11.63 -28.82 -2.44
N ALA I 140 -12.04 -28.09 -1.41
CA ALA I 140 -11.51 -28.24 -0.07
C ALA I 140 -11.57 -29.65 0.51
N PHE I 141 -10.49 -30.06 1.15
CA PHE I 141 -10.40 -31.36 1.82
C PHE I 141 -10.17 -30.99 3.28
N GLU I 142 -11.25 -30.61 3.94
CA GLU I 142 -11.19 -30.17 5.33
C GLU I 142 -10.98 -31.27 6.35
N ARG I 143 -11.11 -30.89 7.62
CA ARG I 143 -10.95 -31.83 8.72
C ARG I 143 -12.07 -32.87 8.69
N THR I 144 -13.31 -32.39 8.67
CA THR I 144 -14.45 -33.28 8.62
C THR I 144 -14.22 -34.40 7.61
N ASP I 145 -13.51 -34.08 6.53
CA ASP I 145 -13.23 -35.07 5.50
C ASP I 145 -12.10 -36.03 5.86
N PHE I 146 -11.20 -35.59 6.73
CA PHE I 146 -10.10 -36.47 7.14
C PHE I 146 -10.63 -37.49 8.13
N ASP I 147 -11.54 -37.05 9.02
CA ASP I 147 -12.11 -37.94 10.00
C ASP I 147 -13.02 -38.98 9.36
N GLN I 148 -13.84 -38.57 8.42
CA GLN I 148 -14.72 -39.49 7.75
C GLN I 148 -13.88 -40.53 7.02
N VAL I 149 -12.89 -40.06 6.28
CA VAL I 149 -11.99 -40.93 5.54
C VAL I 149 -11.13 -41.78 6.46
N ARG I 150 -10.85 -41.29 7.66
CA ARG I 150 -10.03 -42.05 8.59
C ARG I 150 -10.86 -43.20 9.10
N SER I 151 -12.13 -42.92 9.34
CA SER I 151 -13.04 -43.94 9.80
C SER I 151 -12.93 -45.14 8.84
N LEU I 152 -13.72 -45.10 7.78
CA LEU I 152 -13.71 -46.18 6.79
C LEU I 152 -12.41 -46.24 5.99
N MET I 153 -11.38 -46.88 6.56
CA MET I 153 -10.08 -47.03 5.91
C MET I 153 -9.06 -47.24 7.03
N GLU I 154 -9.52 -46.94 8.25
CA GLU I 154 -8.75 -47.05 9.48
C GLU I 154 -8.43 -48.48 9.83
N ASN I 155 -9.47 -49.31 9.90
CA ASN I 155 -9.33 -50.72 10.26
C ASN I 155 -8.98 -51.64 9.09
N SER I 156 -8.53 -51.07 7.98
CA SER I 156 -8.18 -51.88 6.84
C SER I 156 -6.79 -52.47 7.03
N ASP I 157 -6.51 -53.55 6.31
CA ASP I 157 -5.22 -54.21 6.43
C ASP I 157 -4.45 -54.13 5.12
N ARG I 158 -5.17 -53.89 4.02
CA ARG I 158 -4.54 -53.82 2.70
C ARG I 158 -3.36 -52.87 2.67
N CYS I 159 -2.26 -53.37 2.14
CA CYS I 159 -1.03 -52.63 2.03
C CYS I 159 -1.20 -51.36 1.19
N GLN I 160 -2.44 -51.03 0.85
CA GLN I 160 -2.73 -49.82 0.07
C GLN I 160 -3.63 -48.86 0.85
N ASP I 161 -4.72 -49.38 1.39
CA ASP I 161 -5.61 -48.55 2.18
C ASP I 161 -4.81 -47.97 3.34
N ILE I 162 -3.62 -48.50 3.56
CA ILE I 162 -2.74 -47.99 4.62
C ILE I 162 -1.97 -46.82 4.02
N ARG I 163 -1.21 -47.11 2.97
CA ARG I 163 -0.41 -46.09 2.30
C ARG I 163 -1.21 -44.81 2.01
N ASN I 164 -2.40 -45.00 1.45
CA ASN I 164 -3.28 -43.89 1.11
C ASN I 164 -3.71 -43.06 2.30
N LEU I 165 -4.10 -43.73 3.38
CA LEU I 165 -4.54 -43.03 4.58
C LEU I 165 -3.41 -42.25 5.24
N ALA I 166 -2.18 -42.65 4.97
CA ALA I 166 -1.01 -41.95 5.53
C ALA I 166 -0.61 -40.79 4.62
N PHE I 167 -0.93 -40.90 3.33
CA PHE I 167 -0.62 -39.83 2.39
C PHE I 167 -1.61 -38.73 2.65
N LEU I 168 -2.84 -39.10 2.97
CA LEU I 168 -3.84 -38.08 3.24
C LEU I 168 -3.51 -37.38 4.55
N GLY I 169 -2.93 -38.13 5.49
CA GLY I 169 -2.60 -37.57 6.78
C GLY I 169 -1.52 -36.53 6.61
N ILE I 170 -0.56 -36.82 5.76
CA ILE I 170 0.51 -35.88 5.55
C ILE I 170 0.04 -34.68 4.75
N ALA I 171 -0.77 -34.92 3.71
CA ALA I 171 -1.26 -33.83 2.89
C ALA I 171 -1.93 -32.73 3.73
N TYR I 172 -2.79 -33.14 4.66
CA TYR I 172 -3.52 -32.20 5.51
C TYR I 172 -2.74 -31.71 6.72
N ASN I 173 -1.67 -32.40 7.08
CA ASN I 173 -0.91 -31.99 8.25
C ASN I 173 0.34 -31.18 7.94
N THR I 174 0.72 -31.05 6.68
CA THR I 174 1.92 -30.30 6.36
C THR I 174 1.64 -29.33 5.24
N LEU I 175 0.41 -29.41 4.71
CA LEU I 175 0.00 -28.56 3.60
C LEU I 175 1.09 -28.53 2.54
N LEU I 176 1.91 -29.58 2.48
CA LEU I 176 2.98 -29.65 1.48
C LEU I 176 2.38 -29.86 0.12
N ARG I 177 3.02 -29.35 -0.94
CA ARG I 177 2.52 -29.55 -2.29
C ARG I 177 2.80 -31.01 -2.64
N ILE I 178 1.96 -31.62 -3.48
CA ILE I 178 2.17 -33.02 -3.82
C ILE I 178 3.59 -33.31 -4.30
N ALA I 179 4.10 -32.48 -5.21
CA ALA I 179 5.46 -32.67 -5.74
C ALA I 179 6.49 -32.71 -4.62
N GLU I 180 6.12 -32.17 -3.47
CA GLU I 180 7.01 -32.16 -2.31
C GLU I 180 6.83 -33.45 -1.53
N ILE I 181 5.60 -33.92 -1.40
CA ILE I 181 5.34 -35.14 -0.64
C ILE I 181 6.02 -36.31 -1.35
N ALA I 182 6.08 -36.23 -2.68
CA ALA I 182 6.72 -37.27 -3.46
C ALA I 182 8.20 -37.39 -3.14
N ARG I 183 8.94 -36.29 -3.20
CA ARG I 183 10.39 -36.30 -2.93
C ARG I 183 10.82 -36.67 -1.51
N ILE I 184 9.88 -36.73 -0.59
CA ILE I 184 10.20 -37.10 0.80
C ILE I 184 10.80 -38.51 0.80
N ARG I 185 11.78 -38.74 1.67
CA ARG I 185 12.39 -40.06 1.76
C ARG I 185 12.90 -40.35 3.16
N VAL I 186 12.54 -41.53 3.69
CA VAL I 186 12.92 -41.97 5.04
C VAL I 186 14.03 -41.18 5.76
N LYS I 187 15.21 -41.04 5.15
CA LYS I 187 16.28 -40.26 5.78
C LYS I 187 15.62 -39.06 6.44
N ASP I 188 15.06 -38.21 5.60
CA ASP I 188 14.36 -37.00 5.99
C ASP I 188 13.55 -37.18 7.28
N ILE I 189 12.89 -38.32 7.44
CA ILE I 189 12.09 -38.53 8.63
C ILE I 189 12.92 -38.72 9.90
N SER I 190 12.45 -38.12 11.00
CA SER I 190 13.12 -38.23 12.28
C SER I 190 12.03 -38.17 13.35
N ARG I 191 12.42 -38.07 14.62
CA ARG I 191 11.41 -38.02 15.67
C ARG I 191 11.68 -37.02 16.79
N THR I 192 10.58 -36.55 17.38
CA THR I 192 10.61 -35.58 18.47
C THR I 192 10.32 -36.30 19.77
N ASP I 193 11.10 -35.98 20.80
CA ASP I 193 10.93 -36.58 22.12
C ASP I 193 9.48 -36.53 22.58
N GLY I 194 8.66 -35.78 21.85
CA GLY I 194 7.25 -35.70 22.19
C GLY I 194 6.57 -36.98 21.76
N GLY I 195 7.21 -37.68 20.83
CA GLY I 195 6.66 -38.93 20.34
C GLY I 195 5.97 -38.72 19.01
N ARG I 196 6.43 -37.69 18.28
CA ARG I 196 5.88 -37.34 16.98
C ARG I 196 6.99 -37.21 15.95
N MET I 197 6.71 -37.62 14.71
CA MET I 197 7.69 -37.55 13.63
C MET I 197 7.98 -36.12 13.18
N LEU I 198 9.02 -35.98 12.35
CA LEU I 198 9.41 -34.67 11.88
C LEU I 198 10.11 -34.81 10.52
N ILE I 199 9.34 -34.61 9.45
CA ILE I 199 9.89 -34.71 8.10
C ILE I 199 10.82 -33.57 7.78
N HIS I 200 12.11 -33.86 7.61
CA HIS I 200 13.03 -32.79 7.24
C HIS I 200 12.69 -32.50 5.79
N ILE I 201 12.59 -31.22 5.46
CA ILE I 201 12.22 -30.81 4.11
C ILE I 201 13.41 -30.25 3.34
N GLY I 202 14.48 -31.04 3.25
CA GLY I 202 15.66 -30.61 2.53
C GLY I 202 15.34 -30.39 1.06
N ARG I 203 16.29 -29.86 0.31
CA ARG I 203 16.08 -29.59 -1.13
C ARG I 203 14.77 -28.85 -1.42
N THR I 204 14.70 -27.60 -0.98
CA THR I 204 13.52 -26.76 -1.18
C THR I 204 13.40 -26.47 -2.67
N LYS I 205 12.59 -25.47 -2.99
CA LYS I 205 12.38 -25.06 -4.37
C LYS I 205 12.33 -23.54 -4.38
N THR I 206 13.24 -22.95 -3.60
CA THR I 206 13.37 -21.51 -3.47
C THR I 206 14.58 -21.26 -2.58
N LEU I 207 15.31 -20.19 -2.81
CA LEU I 207 16.48 -19.88 -2.00
C LEU I 207 15.99 -19.51 -0.61
N VAL I 208 15.01 -18.61 -0.56
CA VAL I 208 14.39 -18.14 0.68
C VAL I 208 13.06 -18.90 0.81
N SER I 209 13.11 -20.08 1.43
CA SER I 209 11.93 -20.92 1.62
C SER I 209 10.94 -20.41 2.67
N THR I 210 9.90 -19.70 2.21
CA THR I 210 8.89 -19.13 3.09
C THR I 210 8.26 -20.09 4.09
N ALA I 211 8.23 -21.37 3.74
CA ALA I 211 7.67 -22.37 4.64
C ALA I 211 8.84 -22.83 5.48
N GLY I 212 8.60 -23.70 6.44
CA GLY I 212 9.71 -24.15 7.28
C GLY I 212 10.79 -24.97 6.58
N VAL I 213 11.72 -25.48 7.37
CA VAL I 213 12.79 -26.33 6.88
C VAL I 213 12.54 -27.64 7.62
N GLU I 214 11.33 -27.76 8.15
CA GLU I 214 10.90 -28.94 8.90
C GLU I 214 9.40 -28.94 9.16
N LYS I 215 8.72 -30.00 8.74
CA LYS I 215 7.28 -30.13 8.96
C LYS I 215 7.10 -31.24 9.98
N ALA I 216 6.22 -31.04 10.97
CA ALA I 216 6.00 -32.05 12.02
C ALA I 216 4.60 -32.67 12.09
N LEU I 217 4.50 -33.98 11.86
CA LEU I 217 3.21 -34.69 11.90
C LEU I 217 2.65 -34.68 13.32
N SER I 218 1.32 -34.73 13.43
CA SER I 218 0.68 -34.74 14.75
C SER I 218 0.99 -36.07 15.41
N LEU I 219 0.19 -36.45 16.40
CA LEU I 219 0.40 -37.73 17.06
C LEU I 219 -0.24 -38.80 16.19
N GLY I 220 -1.55 -38.74 16.06
CA GLY I 220 -2.27 -39.69 15.25
C GLY I 220 -1.60 -39.89 13.90
N VAL I 221 -1.48 -38.81 13.13
CA VAL I 221 -0.86 -38.86 11.81
C VAL I 221 0.54 -39.49 11.86
N THR I 222 1.17 -39.49 13.02
CA THR I 222 2.50 -40.11 13.12
C THR I 222 2.31 -41.62 13.09
N LYS I 223 1.45 -42.10 13.98
CA LYS I 223 1.13 -43.51 14.11
C LYS I 223 0.77 -44.04 12.72
N LEU I 224 -0.20 -43.39 12.10
CA LEU I 224 -0.68 -43.73 10.76
C LEU I 224 0.42 -43.85 9.71
N VAL I 225 1.43 -42.99 9.80
CA VAL I 225 2.52 -43.03 8.83
C VAL I 225 3.45 -44.19 9.16
N GLU I 226 3.62 -44.46 10.44
CA GLU I 226 4.46 -45.57 10.87
C GLU I 226 3.90 -46.86 10.31
N ARG I 227 2.61 -47.08 10.56
CA ARG I 227 1.95 -48.27 10.06
C ARG I 227 2.39 -48.51 8.63
N TRP I 228 2.34 -47.47 7.79
CA TRP I 228 2.76 -47.63 6.40
C TRP I 228 4.25 -47.96 6.32
N ILE I 229 5.08 -47.30 7.14
CA ILE I 229 6.53 -47.55 7.10
C ILE I 229 6.94 -48.99 7.32
N SER I 230 6.21 -49.72 8.16
CA SER I 230 6.51 -51.12 8.42
C SER I 230 5.99 -51.96 7.26
N VAL I 231 4.67 -52.00 7.12
CA VAL I 231 4.01 -52.75 6.06
C VAL I 231 4.62 -52.53 4.66
N SER I 232 5.36 -51.45 4.47
CA SER I 232 5.97 -51.16 3.16
C SER I 232 7.39 -51.67 3.05
N GLY I 233 8.12 -51.57 4.15
CA GLY I 233 9.51 -52.02 4.17
C GLY I 233 10.41 -51.03 3.46
N VAL I 234 9.95 -49.79 3.35
CA VAL I 234 10.74 -48.77 2.69
C VAL I 234 11.82 -48.39 3.68
N ALA I 235 11.58 -48.80 4.92
CA ALA I 235 12.51 -48.54 6.02
C ALA I 235 13.93 -48.94 5.63
N ASP I 236 14.08 -50.18 5.19
CA ASP I 236 15.38 -50.71 4.77
C ASP I 236 16.36 -49.62 4.35
N ASP I 237 16.37 -49.30 3.07
CA ASP I 237 17.25 -48.27 2.56
C ASP I 237 16.68 -46.92 2.95
N PRO I 238 17.51 -46.02 3.49
CA PRO I 238 17.06 -44.69 3.90
C PRO I 238 16.84 -43.77 2.69
N ASN I 239 17.58 -43.99 1.61
CA ASN I 239 17.42 -43.18 0.40
C ASN I 239 16.11 -43.50 -0.31
N ASN I 240 15.36 -44.44 0.25
CA ASN I 240 14.08 -44.87 -0.31
C ASN I 240 13.01 -43.79 -0.16
N TYR I 241 12.25 -43.56 -1.23
CA TYR I 241 11.20 -42.56 -1.15
C TYR I 241 10.09 -43.08 -0.25
N LEU I 242 9.72 -42.29 0.74
CA LEU I 242 8.67 -42.67 1.68
C LEU I 242 7.48 -43.35 0.99
N PHE I 243 6.99 -42.72 -0.08
CA PHE I 243 5.85 -43.28 -0.80
C PHE I 243 6.26 -43.95 -2.10
N CYS I 244 5.58 -45.06 -2.40
CA CYS I 244 5.87 -45.83 -3.61
C CYS I 244 4.66 -46.58 -4.18
N ARG I 245 4.91 -47.21 -5.32
CA ARG I 245 3.95 -47.99 -6.08
C ARG I 245 3.47 -49.19 -5.26
N VAL I 246 2.25 -49.67 -5.53
CA VAL I 246 1.65 -50.83 -4.83
C VAL I 246 0.76 -51.63 -5.79
N ARG I 247 1.31 -52.69 -6.39
CA ARG I 247 0.61 -53.54 -7.36
C ARG I 247 -0.66 -54.24 -6.90
N LYS I 248 -1.44 -54.71 -7.88
CA LYS I 248 -2.73 -55.36 -7.64
C LYS I 248 -2.83 -56.46 -6.58
N ASN I 249 -1.70 -57.00 -6.13
CA ASN I 249 -1.72 -58.05 -5.11
C ASN I 249 -1.78 -57.50 -3.69
N GLY I 250 -1.11 -56.39 -3.44
CA GLY I 250 -1.10 -55.80 -2.11
C GLY I 250 0.29 -55.79 -1.51
N VAL I 251 1.29 -55.61 -2.37
CA VAL I 251 2.68 -55.59 -1.95
C VAL I 251 3.36 -54.35 -2.51
N ALA I 252 3.90 -53.53 -1.61
CA ALA I 252 4.59 -52.32 -2.02
C ALA I 252 5.92 -52.71 -2.62
N ALA I 253 6.44 -51.85 -3.49
CA ALA I 253 7.73 -52.13 -4.12
C ALA I 253 8.64 -50.91 -3.94
N PRO I 254 9.12 -50.70 -2.70
CA PRO I 254 10.00 -49.57 -2.40
C PRO I 254 11.03 -49.31 -3.49
N SER I 255 11.55 -48.09 -3.53
CA SER I 255 12.54 -47.71 -4.53
C SER I 255 13.29 -46.48 -4.03
N ALA I 256 14.42 -46.21 -4.66
CA ALA I 256 15.22 -45.05 -4.28
C ALA I 256 15.71 -44.39 -5.56
N THR I 257 15.15 -44.83 -6.68
CA THR I 257 15.51 -44.27 -7.99
C THR I 257 14.31 -43.58 -8.60
N SER I 258 13.14 -44.19 -8.43
CA SER I 258 11.90 -43.61 -8.96
C SER I 258 10.93 -43.30 -7.84
N GLN I 259 10.31 -42.14 -7.92
CA GLN I 259 9.34 -41.74 -6.91
C GLN I 259 7.94 -41.82 -7.47
N LEU I 260 6.99 -42.03 -6.57
CA LEU I 260 5.59 -42.15 -6.92
C LEU I 260 5.13 -40.89 -7.65
N SER I 261 4.96 -40.97 -8.97
CA SER I 261 4.54 -39.80 -9.75
C SER I 261 3.44 -38.94 -9.11
N THR I 262 3.51 -37.64 -9.38
CA THR I 262 2.54 -36.68 -8.87
C THR I 262 1.13 -37.06 -9.33
N ARG I 263 1.05 -37.58 -10.55
CA ARG I 263 -0.22 -38.01 -11.14
C ARG I 263 -0.88 -39.06 -10.26
N ALA I 264 -0.08 -40.01 -9.80
CA ALA I 264 -0.58 -41.06 -8.92
C ALA I 264 -1.15 -40.41 -7.66
N LEU I 265 -0.36 -39.56 -7.00
CA LEU I 265 -0.81 -38.88 -5.79
C LEU I 265 -2.14 -38.17 -6.00
N GLU I 266 -2.28 -37.51 -7.14
CA GLU I 266 -3.53 -36.83 -7.46
C GLU I 266 -4.64 -37.87 -7.45
N GLY I 267 -4.37 -39.02 -8.07
CA GLY I 267 -5.34 -40.09 -8.10
C GLY I 267 -5.75 -40.49 -6.70
N ILE I 268 -4.77 -40.71 -5.84
CA ILE I 268 -5.06 -41.08 -4.47
C ILE I 268 -6.14 -40.18 -3.91
N PHE I 269 -6.11 -38.89 -4.29
CA PHE I 269 -7.11 -37.94 -3.83
C PHE I 269 -8.42 -38.25 -4.56
N GLU I 270 -8.32 -38.32 -5.88
CA GLU I 270 -9.46 -38.61 -6.76
C GLU I 270 -10.23 -39.84 -6.26
N ALA I 271 -9.51 -40.94 -6.09
CA ALA I 271 -10.09 -42.19 -5.61
C ALA I 271 -10.85 -42.02 -4.30
N THR I 272 -10.15 -41.62 -3.26
CA THR I 272 -10.79 -41.42 -1.96
C THR I 272 -12.09 -40.62 -2.07
N HIS I 273 -12.12 -39.63 -2.94
CA HIS I 273 -13.33 -38.82 -3.10
C HIS I 273 -14.43 -39.68 -3.71
N ARG I 274 -14.07 -40.44 -4.74
CA ARG I 274 -15.02 -41.33 -5.42
C ARG I 274 -15.59 -42.38 -4.47
N LEU I 275 -14.76 -42.86 -3.54
CA LEU I 275 -15.17 -43.88 -2.59
C LEU I 275 -16.27 -43.38 -1.65
N ILE I 276 -16.57 -42.08 -1.68
CA ILE I 276 -17.57 -41.55 -0.78
C ILE I 276 -18.72 -40.82 -1.48
N TYR I 277 -18.48 -40.32 -2.69
CA TYR I 277 -19.52 -39.59 -3.41
C TYR I 277 -19.78 -40.09 -4.84
N GLY I 278 -19.41 -41.33 -5.11
CA GLY I 278 -19.62 -41.87 -6.44
C GLY I 278 -18.65 -41.30 -7.46
N ALA I 279 -19.07 -41.24 -8.72
CA ALA I 279 -18.21 -40.71 -9.77
C ALA I 279 -18.58 -39.29 -10.13
N LYS I 280 -17.74 -38.67 -10.96
CA LYS I 280 -17.95 -37.31 -11.41
C LYS I 280 -19.04 -37.28 -12.48
N ASP I 281 -19.52 -36.09 -12.80
CA ASP I 281 -20.57 -35.95 -13.81
C ASP I 281 -20.11 -36.38 -15.19
N ASP I 282 -20.96 -36.11 -16.18
CA ASP I 282 -20.67 -36.41 -17.57
C ASP I 282 -20.08 -35.09 -18.06
N SER I 283 -20.22 -34.09 -17.20
CA SER I 283 -19.73 -32.73 -17.43
C SER I 283 -18.21 -32.76 -17.54
N GLY I 284 -17.61 -31.65 -17.93
CA GLY I 284 -16.17 -31.62 -18.05
C GLY I 284 -15.50 -30.70 -17.05
N GLN I 285 -16.28 -30.21 -16.07
CA GLN I 285 -15.77 -29.29 -15.04
C GLN I 285 -14.56 -29.81 -14.29
N ARG I 286 -13.66 -28.90 -13.93
CA ARG I 286 -12.47 -29.25 -13.19
C ARG I 286 -12.77 -29.06 -11.71
N TYR I 287 -12.08 -29.81 -10.86
CA TYR I 287 -12.28 -29.72 -9.42
C TYR I 287 -13.62 -30.29 -8.94
N LEU I 288 -14.12 -31.32 -9.62
CA LEU I 288 -15.38 -31.94 -9.22
C LEU I 288 -15.09 -32.91 -8.09
N ALA I 289 -13.82 -33.29 -7.95
CA ALA I 289 -13.38 -34.20 -6.91
C ALA I 289 -12.00 -33.77 -6.42
N TRP I 290 -11.72 -34.01 -5.15
CA TRP I 290 -10.44 -33.61 -4.56
C TRP I 290 -9.21 -33.72 -5.47
N SER I 291 -8.24 -32.83 -5.26
CA SER I 291 -6.98 -32.80 -6.01
C SER I 291 -5.81 -32.37 -5.11
N GLY I 292 -4.61 -32.38 -5.68
CA GLY I 292 -3.41 -32.01 -4.94
C GLY I 292 -3.48 -30.91 -3.88
N HIS I 293 -4.09 -29.79 -4.22
CA HIS I 293 -4.21 -28.65 -3.30
C HIS I 293 -5.36 -28.76 -2.33
N SER I 294 -6.28 -29.68 -2.61
CA SER I 294 -7.46 -29.85 -1.76
C SER I 294 -7.12 -29.91 -0.27
N ALA I 295 -5.90 -30.31 0.04
CA ALA I 295 -5.48 -30.41 1.44
C ALA I 295 -5.25 -28.99 1.96
N ARG I 296 -4.34 -28.29 1.30
CA ARG I 296 -3.98 -26.93 1.62
C ARG I 296 -5.21 -26.06 1.90
N VAL I 297 -6.09 -25.98 0.90
CA VAL I 297 -7.28 -25.16 1.02
C VAL I 297 -8.07 -25.53 2.27
N GLY I 298 -8.28 -26.83 2.48
CA GLY I 298 -9.02 -27.29 3.63
C GLY I 298 -8.28 -26.90 4.89
N ALA I 299 -7.00 -27.23 4.91
CA ALA I 299 -6.16 -26.90 6.04
C ALA I 299 -6.36 -25.40 6.34
N ALA I 300 -6.20 -24.56 5.32
CA ALA I 300 -6.37 -23.14 5.52
C ALA I 300 -7.72 -22.86 6.18
N ARG I 301 -8.79 -23.25 5.51
CA ARG I 301 -10.13 -23.01 6.02
C ARG I 301 -10.35 -23.45 7.48
N ASP I 302 -9.68 -24.52 7.90
CA ASP I 302 -9.89 -24.96 9.28
C ASP I 302 -9.19 -24.04 10.24
N MET I 303 -7.92 -23.76 9.98
CA MET I 303 -7.19 -22.86 10.87
C MET I 303 -7.99 -21.57 11.00
N ALA I 304 -8.61 -21.16 9.91
CA ALA I 304 -9.41 -19.95 9.93
C ALA I 304 -10.52 -20.12 10.96
N ARG I 305 -11.37 -21.11 10.74
CA ARG I 305 -12.47 -21.33 11.68
C ARG I 305 -11.99 -21.37 13.12
N ALA I 306 -10.76 -21.85 13.32
CA ALA I 306 -10.20 -21.97 14.65
C ALA I 306 -9.87 -20.62 15.24
N GLY I 307 -9.27 -19.76 14.44
CA GLY I 307 -8.93 -18.43 14.92
C GLY I 307 -7.47 -18.10 14.77
N VAL I 308 -6.76 -18.86 13.94
CA VAL I 308 -5.35 -18.62 13.70
C VAL I 308 -5.17 -17.31 12.93
N SER I 309 -4.23 -16.49 13.38
CA SER I 309 -3.94 -15.21 12.73
C SER I 309 -3.47 -15.44 11.30
N ILE I 310 -3.75 -14.49 10.40
CA ILE I 310 -3.32 -14.65 9.03
C ILE I 310 -1.83 -14.93 8.91
N PRO I 311 -1.00 -14.27 9.74
CA PRO I 311 0.44 -14.54 9.62
C PRO I 311 0.80 -15.99 9.97
N GLU I 312 0.15 -16.54 10.98
CA GLU I 312 0.43 -17.92 11.37
C GLU I 312 0.01 -18.89 10.28
N ILE I 313 -1.17 -18.66 9.72
CA ILE I 313 -1.69 -19.50 8.66
C ILE I 313 -0.78 -19.40 7.45
N MET I 314 -0.57 -18.18 6.95
CA MET I 314 0.27 -17.97 5.77
C MET I 314 1.57 -18.74 5.83
N GLN I 315 2.14 -18.83 7.01
CA GLN I 315 3.41 -19.53 7.14
C GLN I 315 3.20 -21.03 7.18
N ALA I 316 2.27 -21.49 8.01
CA ALA I 316 1.99 -22.92 8.13
C ALA I 316 1.85 -23.51 6.72
N GLY I 317 1.45 -22.68 5.77
CA GLY I 317 1.30 -23.14 4.41
C GLY I 317 2.49 -22.80 3.54
N GLY I 318 3.25 -21.79 3.95
CA GLY I 318 4.41 -21.41 3.15
C GLY I 318 3.99 -20.39 2.11
N TRP I 319 2.91 -19.68 2.42
CA TRP I 319 2.38 -18.66 1.54
C TRP I 319 3.09 -17.36 1.76
N THR I 320 3.24 -16.59 0.69
CA THR I 320 3.89 -15.29 0.72
C THR I 320 2.89 -14.19 0.44
N ASN I 321 1.93 -14.47 -0.45
CA ASN I 321 0.88 -13.50 -0.78
C ASN I 321 -0.15 -13.66 0.34
N VAL I 322 -1.09 -12.75 0.44
CA VAL I 322 -2.09 -12.88 1.50
C VAL I 322 -3.45 -13.02 0.85
N ASN I 323 -3.52 -12.67 -0.42
CA ASN I 323 -4.78 -12.77 -1.15
C ASN I 323 -5.13 -14.22 -1.40
N ILE I 324 -4.14 -15.01 -1.79
CA ILE I 324 -4.36 -16.43 -2.06
C ILE I 324 -5.05 -17.10 -0.88
N VAL I 325 -4.64 -16.76 0.33
CA VAL I 325 -5.26 -17.36 1.49
C VAL I 325 -6.67 -16.83 1.68
N MET I 326 -6.82 -15.52 1.51
CA MET I 326 -8.13 -14.92 1.68
C MET I 326 -9.08 -15.49 0.65
N ASN I 327 -8.49 -15.99 -0.43
CA ASN I 327 -9.26 -16.60 -1.50
C ASN I 327 -9.91 -17.87 -1.03
N TYR I 328 -9.15 -18.70 -0.33
CA TYR I 328 -9.65 -19.96 0.16
C TYR I 328 -10.70 -19.84 1.24
N ILE I 329 -10.62 -18.80 2.06
CA ILE I 329 -11.58 -18.60 3.14
C ILE I 329 -12.53 -17.44 2.92
N ARG I 330 -12.68 -16.98 1.69
CA ARG I 330 -13.54 -15.84 1.41
C ARG I 330 -15.03 -16.07 1.67
N ASN I 331 -15.42 -17.31 1.93
CA ASN I 331 -16.82 -17.59 2.16
C ASN I 331 -17.15 -18.07 3.56
N LEU I 332 -16.25 -17.85 4.50
CA LEU I 332 -16.54 -18.27 5.86
C LEU I 332 -17.41 -17.17 6.49
N ASP I 333 -18.12 -17.50 7.55
CA ASP I 333 -18.98 -16.50 8.19
C ASP I 333 -18.17 -15.46 8.95
N SER I 334 -16.91 -15.78 9.22
CA SER I 334 -16.04 -14.87 9.93
C SER I 334 -15.53 -13.74 9.03
N GLU I 335 -15.37 -14.03 7.74
CA GLU I 335 -14.88 -13.03 6.81
C GLU I 335 -16.01 -12.38 6.01
N THR I 336 -17.16 -12.11 6.63
CA THR I 336 -18.27 -11.52 5.88
C THR I 336 -18.23 -10.02 5.64
N GLY I 337 -17.47 -9.29 6.44
CA GLY I 337 -17.40 -7.85 6.24
C GLY I 337 -17.92 -7.02 7.40
N ALA I 338 -17.61 -5.73 7.36
CA ALA I 338 -18.04 -4.82 8.42
C ALA I 338 -19.52 -4.46 8.36
N MET I 339 -20.05 -4.24 7.16
CA MET I 339 -21.45 -3.86 6.99
C MET I 339 -22.38 -4.89 7.61
N VAL I 340 -22.10 -6.17 7.43
CA VAL I 340 -22.92 -7.23 8.02
C VAL I 340 -22.94 -7.05 9.53
N ARG I 341 -21.76 -7.06 10.13
CA ARG I 341 -21.65 -6.88 11.58
C ARG I 341 -22.52 -5.68 12.00
N LEU I 342 -22.41 -4.58 11.27
CA LEU I 342 -23.17 -3.39 11.59
C LEU I 342 -24.69 -3.58 11.58
N LEU I 343 -25.19 -4.31 10.59
CA LEU I 343 -26.63 -4.53 10.45
C LEU I 343 -27.25 -5.44 11.51
N GLU I 344 -26.46 -6.39 12.01
CA GLU I 344 -26.95 -7.33 13.02
C GLU I 344 -26.58 -6.82 14.40
N ASP I 345 -25.66 -5.86 14.45
CA ASP I 345 -25.21 -5.29 15.70
C ASP I 345 -24.52 -6.33 16.60
N SER J 24 34.97 7.04 -23.69
CA SER J 24 34.00 8.09 -24.11
C SER J 24 34.18 9.34 -23.27
N ASP J 25 33.58 10.44 -23.69
CA ASP J 25 33.67 11.70 -22.94
C ASP J 25 32.61 11.70 -21.86
N GLU J 26 31.39 11.32 -22.22
CA GLU J 26 30.30 11.27 -21.25
C GLU J 26 30.55 10.21 -20.18
N VAL J 27 31.09 9.07 -20.58
CA VAL J 27 31.35 8.03 -19.63
C VAL J 27 32.30 8.52 -18.54
N ARG J 28 33.49 8.98 -18.92
CA ARG J 28 34.39 9.44 -17.88
C ARG J 28 33.77 10.63 -17.13
N LYS J 29 32.74 11.25 -17.70
CA LYS J 29 32.11 12.37 -17.02
C LYS J 29 31.05 11.88 -16.03
N ASN J 30 30.33 10.82 -16.40
CA ASN J 30 29.34 10.27 -15.50
C ASN J 30 30.02 9.71 -14.26
N LEU J 31 31.17 9.09 -14.44
CA LEU J 31 31.89 8.54 -13.31
C LEU J 31 32.45 9.59 -12.39
N MET J 32 33.12 10.57 -12.94
CA MET J 32 33.66 11.63 -12.10
C MET J 32 32.53 12.25 -11.26
N ASP J 33 31.34 12.35 -11.85
CA ASP J 33 30.20 12.91 -11.15
C ASP J 33 29.87 12.09 -9.91
N MET J 34 29.82 10.77 -10.08
CA MET J 34 29.52 9.86 -9.00
C MET J 34 30.58 9.86 -7.92
N PHE J 35 31.84 9.73 -8.30
CA PHE J 35 32.89 9.75 -7.30
C PHE J 35 32.89 11.01 -6.46
N ARG J 36 32.68 12.15 -7.12
CA ARG J 36 32.68 13.42 -6.43
C ARG J 36 31.65 13.47 -5.31
N ASP J 37 30.48 12.87 -5.56
CA ASP J 37 29.41 12.82 -4.57
C ASP J 37 29.18 11.38 -4.13
N ARG J 38 30.28 10.67 -3.88
CA ARG J 38 30.22 9.27 -3.45
C ARG J 38 29.46 9.16 -2.15
N GLN J 39 29.46 10.23 -1.36
CA GLN J 39 28.76 10.28 -0.09
C GLN J 39 27.23 10.29 -0.26
N ALA J 40 26.75 10.12 -1.47
CA ALA J 40 25.30 10.09 -1.67
C ALA J 40 24.89 8.62 -1.56
N PHE J 41 25.89 7.76 -1.39
CA PHE J 41 25.67 6.34 -1.25
C PHE J 41 26.17 5.88 0.12
N SER J 42 25.73 4.71 0.55
CA SER J 42 26.16 4.19 1.84
C SER J 42 27.63 3.85 1.72
N GLU J 43 28.37 4.00 2.82
CA GLU J 43 29.78 3.67 2.80
C GLU J 43 29.91 2.18 2.55
N HIS J 44 28.87 1.44 2.93
CA HIS J 44 28.87 0.00 2.70
C HIS J 44 28.73 -0.29 1.22
N THR J 45 28.02 0.59 0.50
CA THR J 45 27.90 0.38 -0.93
C THR J 45 29.27 0.63 -1.50
N TRP J 46 29.97 1.67 -1.06
CA TRP J 46 31.30 1.87 -1.60
C TRP J 46 32.20 0.70 -1.28
N LYS J 47 32.24 0.27 -0.02
CA LYS J 47 33.10 -0.85 0.33
C LYS J 47 32.94 -2.06 -0.58
N MET J 48 31.69 -2.42 -0.88
CA MET J 48 31.43 -3.56 -1.74
C MET J 48 31.68 -3.27 -3.21
N LEU J 49 31.48 -2.04 -3.65
CA LEU J 49 31.73 -1.74 -5.06
C LEU J 49 33.20 -1.98 -5.31
N LEU J 50 34.01 -1.51 -4.37
CA LEU J 50 35.45 -1.63 -4.49
C LEU J 50 35.93 -3.07 -4.35
N SER J 51 35.39 -3.80 -3.37
CA SER J 51 35.78 -5.18 -3.15
C SER J 51 35.48 -6.04 -4.39
N VAL J 52 34.26 -5.91 -4.93
CA VAL J 52 33.89 -6.69 -6.10
C VAL J 52 34.74 -6.31 -7.29
N CYS J 53 35.08 -5.02 -7.41
CA CYS J 53 35.91 -4.58 -8.51
C CYS J 53 37.29 -5.22 -8.47
N ARG J 54 38.05 -4.97 -7.42
CA ARG J 54 39.36 -5.58 -7.38
C ARG J 54 39.23 -7.07 -7.69
N SER J 55 38.26 -7.74 -7.08
CA SER J 55 38.07 -9.16 -7.34
C SER J 55 37.78 -9.45 -8.82
N TRP J 56 37.01 -8.57 -9.46
CA TRP J 56 36.69 -8.72 -10.88
C TRP J 56 37.87 -8.33 -11.75
N ALA J 57 38.75 -7.48 -11.23
CA ALA J 57 39.92 -7.05 -11.98
C ALA J 57 40.95 -8.15 -11.91
N ALA J 58 41.17 -8.66 -10.71
CA ALA J 58 42.13 -9.74 -10.50
C ALA J 58 41.87 -10.80 -11.54
N TRP J 59 40.77 -11.52 -11.40
CA TRP J 59 40.41 -12.54 -12.34
C TRP J 59 40.55 -12.03 -13.78
N CYS J 60 40.09 -10.80 -14.02
CA CYS J 60 40.15 -10.24 -15.36
C CYS J 60 41.55 -10.18 -15.95
N LYS J 61 42.53 -9.93 -15.11
CA LYS J 61 43.91 -9.85 -15.57
C LYS J 61 44.45 -11.25 -15.78
N LEU J 62 44.38 -12.06 -14.73
CA LEU J 62 44.85 -13.44 -14.78
C LEU J 62 43.86 -14.25 -15.61
N ASN J 63 43.63 -13.79 -16.84
CA ASN J 63 42.73 -14.43 -17.78
C ASN J 63 42.78 -13.59 -19.04
N ASN J 64 43.48 -12.47 -18.91
CA ASN J 64 43.70 -11.53 -19.99
C ASN J 64 42.42 -11.04 -20.69
N ARG J 65 41.57 -10.34 -19.93
CA ARG J 65 40.32 -9.79 -20.45
C ARG J 65 40.14 -8.33 -20.03
N LYS J 66 39.39 -7.57 -20.82
CA LYS J 66 39.13 -6.16 -20.51
C LYS J 66 38.16 -6.10 -19.35
N TRP J 67 38.51 -5.38 -18.29
CA TRP J 67 37.61 -5.30 -17.15
C TRP J 67 36.62 -4.13 -17.18
N PHE J 68 36.68 -3.28 -18.21
CA PHE J 68 35.75 -2.15 -18.30
C PHE J 68 35.89 -1.31 -19.58
N PRO J 69 34.79 -1.15 -20.33
CA PRO J 69 33.48 -1.75 -20.02
C PRO J 69 33.54 -3.26 -20.09
N ALA J 70 32.82 -3.90 -19.20
CA ALA J 70 32.81 -5.35 -19.16
C ALA J 70 32.11 -5.94 -20.38
N GLU J 71 32.69 -7.01 -20.92
CA GLU J 71 32.13 -7.69 -22.07
C GLU J 71 31.21 -8.76 -21.49
N PRO J 72 29.94 -8.82 -21.96
CA PRO J 72 29.01 -9.82 -21.43
C PRO J 72 29.57 -11.23 -21.30
N GLU J 73 30.17 -11.74 -22.37
CA GLU J 73 30.71 -13.09 -22.35
C GLU J 73 31.81 -13.29 -21.32
N ASP J 74 32.49 -12.21 -20.92
CA ASP J 74 33.55 -12.33 -19.92
C ASP J 74 32.93 -12.40 -18.52
N VAL J 75 31.86 -11.63 -18.32
CA VAL J 75 31.16 -11.60 -17.04
C VAL J 75 30.59 -12.98 -16.74
N ARG J 76 29.99 -13.58 -17.76
CA ARG J 76 29.42 -14.91 -17.58
C ARG J 76 30.49 -15.86 -17.10
N ASP J 77 31.67 -15.75 -17.69
CA ASP J 77 32.76 -16.60 -17.28
C ASP J 77 33.05 -16.37 -15.80
N TYR J 78 33.25 -15.11 -15.45
CA TYR J 78 33.53 -14.74 -14.08
C TYR J 78 32.46 -15.23 -13.12
N LEU J 79 31.19 -15.01 -13.45
CA LEU J 79 30.12 -15.45 -12.57
C LEU J 79 30.23 -16.95 -12.37
N LEU J 80 30.53 -17.68 -13.44
CA LEU J 80 30.67 -19.11 -13.34
C LEU J 80 31.89 -19.50 -12.53
N TYR J 81 32.93 -18.71 -12.67
CA TYR J 81 34.15 -18.97 -11.93
C TYR J 81 33.81 -18.85 -10.45
N LEU J 82 32.88 -17.95 -10.13
CA LEU J 82 32.46 -17.75 -8.74
C LEU J 82 31.66 -18.93 -8.24
N GLN J 83 30.77 -19.45 -9.08
CA GLN J 83 29.98 -20.62 -8.70
C GLN J 83 30.97 -21.71 -8.34
N ALA J 84 31.96 -21.89 -9.22
CA ALA J 84 33.02 -22.88 -9.05
C ALA J 84 33.71 -22.69 -7.70
N ARG J 85 34.07 -21.46 -7.41
CA ARG J 85 34.73 -21.13 -6.14
C ARG J 85 33.92 -21.57 -4.91
N GLY J 86 32.66 -21.96 -5.13
CA GLY J 86 31.80 -22.40 -4.04
C GLY J 86 31.14 -21.29 -3.23
N LEU J 87 31.03 -20.11 -3.82
CA LEU J 87 30.42 -18.97 -3.15
C LEU J 87 28.91 -19.04 -3.18
N ALA J 88 28.29 -18.48 -2.14
CA ALA J 88 26.85 -18.45 -1.96
C ALA J 88 26.12 -17.70 -3.07
N VAL J 89 24.99 -18.24 -3.51
CA VAL J 89 24.19 -17.62 -4.56
C VAL J 89 24.20 -16.10 -4.38
N LYS J 90 23.72 -15.65 -3.21
CA LYS J 90 23.67 -14.23 -2.92
C LYS J 90 25.02 -13.54 -3.14
N THR J 91 26.10 -14.08 -2.56
CA THR J 91 27.41 -13.47 -2.75
C THR J 91 27.71 -13.20 -4.22
N ILE J 92 27.30 -14.11 -5.09
CA ILE J 92 27.52 -13.97 -6.51
C ILE J 92 26.64 -12.89 -7.10
N GLN J 93 25.37 -12.82 -6.67
CA GLN J 93 24.49 -11.78 -7.17
C GLN J 93 25.05 -10.41 -6.78
N GLN J 94 25.63 -10.33 -5.59
CA GLN J 94 26.21 -9.10 -5.11
C GLN J 94 27.30 -8.64 -6.07
N HIS J 95 28.09 -9.59 -6.55
CA HIS J 95 29.17 -9.29 -7.49
C HIS J 95 28.57 -8.81 -8.79
N LEU J 96 27.64 -9.59 -9.34
CA LEU J 96 27.00 -9.19 -10.57
C LEU J 96 26.32 -7.83 -10.34
N GLY J 97 25.86 -7.61 -9.11
CA GLY J 97 25.19 -6.39 -8.76
C GLY J 97 26.03 -5.12 -8.82
N GLN J 98 27.23 -5.15 -8.27
CA GLN J 98 28.08 -3.97 -8.30
C GLN J 98 28.47 -3.70 -9.75
N LEU J 99 28.92 -4.75 -10.44
CA LEU J 99 29.31 -4.63 -11.84
C LEU J 99 28.24 -3.84 -12.59
N ASN J 100 26.97 -4.21 -12.39
CA ASN J 100 25.83 -3.54 -13.02
C ASN J 100 25.80 -2.06 -12.61
N MET J 101 25.68 -1.81 -11.33
CA MET J 101 25.62 -0.45 -10.86
C MET J 101 26.72 0.40 -11.49
N LEU J 102 27.93 -0.15 -11.59
CA LEU J 102 29.06 0.59 -12.16
C LEU J 102 28.80 1.01 -13.61
N HIS J 103 28.29 0.08 -14.41
CA HIS J 103 27.98 0.38 -15.79
C HIS J 103 26.81 1.33 -15.93
N ARG J 104 25.70 1.04 -15.26
CA ARG J 104 24.55 1.93 -15.39
C ARG J 104 24.79 3.36 -14.89
N ARG J 105 25.60 3.51 -13.86
CA ARG J 105 25.90 4.81 -13.30
C ARG J 105 26.86 5.52 -14.30
N SER J 106 27.46 4.73 -15.18
CA SER J 106 28.38 5.23 -16.21
C SER J 106 27.62 5.68 -17.43
N GLY J 107 26.49 5.03 -17.68
CA GLY J 107 25.73 5.38 -18.85
C GLY J 107 25.85 4.29 -19.90
N LEU J 108 26.62 3.25 -19.59
CA LEU J 108 26.82 2.13 -20.50
C LEU J 108 25.81 1.05 -20.18
N PRO J 109 25.47 0.20 -21.16
CA PRO J 109 24.51 -0.87 -20.88
C PRO J 109 25.17 -1.78 -19.85
N ARG J 110 24.38 -2.48 -19.04
CA ARG J 110 24.94 -3.36 -18.01
C ARG J 110 25.09 -4.80 -18.43
N PRO J 111 25.97 -5.54 -17.75
CA PRO J 111 26.18 -6.96 -18.06
C PRO J 111 24.82 -7.68 -18.10
N SER J 112 24.02 -7.44 -17.08
CA SER J 112 22.72 -8.08 -16.99
C SER J 112 21.77 -7.74 -18.11
N ASP J 113 22.20 -6.87 -19.03
CA ASP J 113 21.34 -6.51 -20.16
C ASP J 113 21.55 -7.49 -21.32
N SER J 114 22.42 -8.47 -21.11
CA SER J 114 22.71 -9.48 -22.11
C SER J 114 22.15 -10.84 -21.68
N ASN J 115 21.50 -11.55 -22.61
CA ASN J 115 20.96 -12.86 -22.29
C ASN J 115 22.03 -13.75 -21.67
N ALA J 116 23.25 -13.61 -22.16
CA ALA J 116 24.36 -14.41 -21.67
C ALA J 116 24.55 -14.30 -20.15
N VAL J 117 24.61 -13.09 -19.62
CA VAL J 117 24.79 -12.87 -18.18
C VAL J 117 23.43 -13.08 -17.48
N SER J 118 22.41 -12.49 -18.08
CA SER J 118 21.04 -12.58 -17.57
C SER J 118 20.67 -14.02 -17.22
N LEU J 119 20.87 -14.93 -18.18
CA LEU J 119 20.53 -16.35 -18.00
C LEU J 119 21.48 -17.14 -17.11
N VAL J 120 22.77 -16.99 -17.33
CA VAL J 120 23.72 -17.73 -16.52
C VAL J 120 23.42 -17.49 -15.04
N MET J 121 23.06 -16.24 -14.70
CA MET J 121 22.78 -15.91 -13.30
C MET J 121 21.66 -16.80 -12.76
N ARG J 122 20.58 -16.93 -13.53
CA ARG J 122 19.46 -17.75 -13.12
C ARG J 122 19.91 -19.20 -12.99
N ARG J 123 20.59 -19.69 -14.02
CA ARG J 123 21.07 -21.06 -14.01
C ARG J 123 21.80 -21.34 -12.70
N ILE J 124 22.65 -20.40 -12.29
CA ILE J 124 23.41 -20.58 -11.05
C ILE J 124 22.50 -20.59 -9.81
N ARG J 125 21.52 -19.70 -9.80
CA ARG J 125 20.58 -19.62 -8.68
C ARG J 125 19.83 -20.93 -8.65
N LYS J 126 19.45 -21.43 -9.82
CA LYS J 126 18.72 -22.69 -9.92
C LYS J 126 19.57 -23.87 -9.45
N GLU J 127 20.73 -24.05 -10.07
CA GLU J 127 21.63 -25.14 -9.70
C GLU J 127 21.88 -25.20 -8.20
N ASN J 128 22.62 -24.23 -7.66
CA ASN J 128 22.95 -24.19 -6.23
C ASN J 128 21.80 -24.45 -5.26
N VAL J 129 20.59 -24.04 -5.62
CA VAL J 129 19.46 -24.27 -4.73
C VAL J 129 19.18 -25.76 -4.65
N ASP J 130 19.16 -26.41 -5.81
CA ASP J 130 18.90 -27.85 -5.88
C ASP J 130 20.01 -28.63 -5.21
N ALA J 131 21.25 -28.20 -5.42
CA ALA J 131 22.39 -28.88 -4.80
C ALA J 131 22.25 -28.87 -3.28
N GLY J 132 21.11 -28.35 -2.81
CA GLY J 132 20.81 -28.29 -1.38
C GLY J 132 21.26 -27.04 -0.64
N GLU J 133 21.20 -25.89 -1.29
CA GLU J 133 21.63 -24.65 -0.67
C GLU J 133 20.47 -23.69 -0.45
N ARG J 134 20.41 -23.13 0.74
CA ARG J 134 19.38 -22.17 1.06
C ARG J 134 19.99 -21.09 1.94
N ALA J 135 19.39 -19.91 1.92
CA ALA J 135 19.90 -18.78 2.71
C ALA J 135 19.62 -19.01 4.18
N LYS J 136 20.56 -18.59 5.01
CA LYS J 136 20.44 -18.75 6.44
C LYS J 136 19.89 -17.46 7.08
N GLN J 137 19.68 -17.48 8.38
CA GLN J 137 19.22 -16.29 9.09
C GLN J 137 19.65 -16.41 10.55
N ALA J 138 19.90 -15.26 11.18
CA ALA J 138 20.34 -15.22 12.57
C ALA J 138 19.61 -16.15 13.51
N LEU J 139 20.35 -16.67 14.48
CA LEU J 139 19.83 -17.56 15.51
C LEU J 139 18.87 -16.70 16.34
N ALA J 140 17.62 -17.10 16.44
CA ALA J 140 16.64 -16.31 17.19
C ALA J 140 16.94 -16.02 18.65
N PHE J 141 16.60 -14.81 19.09
CA PHE J 141 16.75 -14.39 20.48
C PHE J 141 15.31 -14.04 20.83
N GLU J 142 14.59 -14.95 21.48
CA GLU J 142 13.20 -14.70 21.82
C GLU J 142 12.95 -14.32 23.27
N ARG J 143 11.68 -14.04 23.57
CA ARG J 143 11.23 -13.65 24.90
C ARG J 143 11.84 -14.60 25.93
N THR J 144 11.75 -15.88 25.62
CA THR J 144 12.28 -16.97 26.43
C THR J 144 13.67 -16.59 26.90
N ASP J 145 14.52 -16.38 25.91
CA ASP J 145 15.92 -16.04 26.09
C ASP J 145 16.11 -14.73 26.81
N PHE J 146 15.23 -13.78 26.57
CA PHE J 146 15.35 -12.49 27.23
C PHE J 146 15.12 -12.68 28.72
N ASP J 147 13.95 -13.20 29.09
CA ASP J 147 13.63 -13.42 30.50
C ASP J 147 14.76 -14.12 31.27
N GLN J 148 15.41 -15.07 30.61
CA GLN J 148 16.50 -15.81 31.21
C GLN J 148 17.70 -14.89 31.37
N VAL J 149 18.21 -14.35 30.27
CA VAL J 149 19.37 -13.47 30.32
C VAL J 149 19.15 -12.29 31.25
N ARG J 150 17.89 -11.95 31.49
CA ARG J 150 17.62 -10.84 32.39
C ARG J 150 17.75 -11.31 33.84
N SER J 151 16.92 -12.26 34.26
CA SER J 151 16.97 -12.75 35.63
C SER J 151 18.37 -13.26 36.02
N LEU J 152 19.22 -13.47 35.03
CA LEU J 152 20.56 -13.95 35.29
C LEU J 152 21.54 -12.79 35.55
N MET J 153 21.31 -11.65 34.90
CA MET J 153 22.19 -10.49 35.08
C MET J 153 21.47 -9.34 35.79
N GLU J 154 20.16 -9.51 35.91
CA GLU J 154 19.26 -8.56 36.53
C GLU J 154 19.80 -7.89 37.79
N ASN J 155 20.52 -8.67 38.60
CA ASN J 155 21.04 -8.16 39.87
C ASN J 155 22.48 -7.66 39.89
N SER J 156 23.26 -7.97 38.87
CA SER J 156 24.64 -7.51 38.79
C SER J 156 24.81 -6.01 39.03
N ASP J 157 26.01 -5.61 39.46
CA ASP J 157 26.29 -4.20 39.73
C ASP J 157 27.51 -3.76 38.92
N ARG J 158 27.83 -4.55 37.91
CA ARG J 158 28.96 -4.25 37.03
C ARG J 158 28.46 -3.35 35.89
N CYS J 159 29.28 -2.38 35.49
CA CYS J 159 28.90 -1.49 34.41
C CYS J 159 28.72 -2.28 33.14
N GLN J 160 29.65 -3.17 32.87
CA GLN J 160 29.56 -3.98 31.68
C GLN J 160 28.21 -4.71 31.62
N ASP J 161 27.85 -5.43 32.68
CA ASP J 161 26.59 -6.16 32.69
C ASP J 161 25.35 -5.28 32.55
N ILE J 162 25.24 -4.28 33.41
CA ILE J 162 24.11 -3.35 33.39
C ILE J 162 23.84 -2.83 31.99
N ARG J 163 24.91 -2.45 31.30
CA ARG J 163 24.84 -1.95 29.93
C ARG J 163 24.22 -3.00 29.01
N ASN J 164 24.95 -4.09 28.77
CA ASN J 164 24.50 -5.18 27.91
C ASN J 164 23.06 -5.63 28.11
N LEU J 165 22.57 -5.52 29.34
CA LEU J 165 21.20 -5.93 29.59
C LEU J 165 20.26 -4.91 28.95
N ALA J 166 20.67 -3.65 28.90
CA ALA J 166 19.82 -2.63 28.28
C ALA J 166 19.95 -2.79 26.77
N PHE J 167 21.17 -3.03 26.29
CA PHE J 167 21.36 -3.21 24.87
C PHE J 167 20.46 -4.33 24.37
N LEU J 168 20.35 -5.42 25.12
CA LEU J 168 19.52 -6.54 24.72
C LEU J 168 18.03 -6.19 24.83
N GLY J 169 17.69 -5.38 25.81
CA GLY J 169 16.29 -4.98 25.96
C GLY J 169 15.84 -4.17 24.74
N ILE J 170 16.61 -3.13 24.39
CA ILE J 170 16.29 -2.29 23.23
C ILE J 170 16.32 -3.15 21.97
N ALA J 171 17.40 -3.91 21.82
CA ALA J 171 17.53 -4.79 20.66
C ALA J 171 16.27 -5.62 20.43
N TYR J 172 15.75 -6.20 21.51
CA TYR J 172 14.57 -7.04 21.41
C TYR J 172 13.25 -6.29 21.32
N ASN J 173 13.10 -5.30 22.19
CA ASN J 173 11.90 -4.49 22.25
C ASN J 173 11.66 -3.70 20.97
N THR J 174 12.68 -3.03 20.46
CA THR J 174 12.51 -2.24 19.23
C THR J 174 12.76 -2.92 17.89
N LEU J 175 13.41 -4.07 17.86
CA LEU J 175 13.74 -4.74 16.60
C LEU J 175 14.75 -3.89 15.77
N LEU J 176 15.19 -2.77 16.32
CA LEU J 176 16.16 -1.94 15.62
C LEU J 176 17.43 -2.73 15.29
N ARG J 177 18.01 -2.47 14.13
CA ARG J 177 19.25 -3.11 13.69
C ARG J 177 20.42 -2.58 14.54
N ILE J 178 21.51 -3.32 14.67
CA ILE J 178 22.61 -2.80 15.49
C ILE J 178 23.14 -1.44 15.05
N ALA J 179 23.27 -1.20 13.75
CA ALA J 179 23.77 0.08 13.24
C ALA J 179 22.92 1.22 13.80
N GLU J 180 21.61 1.05 13.67
CA GLU J 180 20.67 2.02 14.17
C GLU J 180 20.87 2.24 15.67
N ILE J 181 21.11 1.18 16.43
CA ILE J 181 21.26 1.32 17.88
C ILE J 181 22.51 2.10 18.27
N ALA J 182 23.60 1.80 17.56
CA ALA J 182 24.88 2.43 17.80
C ALA J 182 24.80 3.97 17.71
N ARG J 183 23.86 4.48 16.92
CA ARG J 183 23.70 5.92 16.72
C ARG J 183 22.82 6.65 17.72
N ILE J 184 22.07 5.92 18.53
CA ILE J 184 21.19 6.59 19.48
C ILE J 184 21.98 7.54 20.40
N ARG J 185 21.52 8.79 20.49
CA ARG J 185 22.15 9.79 21.37
C ARG J 185 21.13 10.16 22.45
N VAL J 186 21.65 10.47 23.64
CA VAL J 186 20.82 10.83 24.77
C VAL J 186 19.75 11.86 24.44
N LYS J 187 20.05 12.75 23.50
CA LYS J 187 19.08 13.76 23.12
C LYS J 187 17.94 13.20 22.30
N ASP J 188 18.08 11.98 21.79
CA ASP J 188 17.02 11.37 20.99
C ASP J 188 15.99 10.72 21.87
N ILE J 189 16.27 10.67 23.16
CA ILE J 189 15.36 10.05 24.11
C ILE J 189 14.41 11.00 24.80
N SER J 190 13.13 10.64 24.83
CA SER J 190 12.11 11.43 25.50
C SER J 190 11.16 10.45 26.19
N ARG J 191 10.03 10.93 26.69
CA ARG J 191 9.09 10.05 27.38
C ARG J 191 7.63 10.27 27.02
N THR J 192 6.81 9.23 27.21
CA THR J 192 5.38 9.32 26.96
C THR J 192 4.77 9.83 28.26
N ASP J 193 3.50 10.19 28.25
CA ASP J 193 2.88 10.70 29.47
C ASP J 193 2.79 9.66 30.58
N GLY J 194 2.81 8.38 30.19
CA GLY J 194 2.72 7.31 31.17
C GLY J 194 4.05 6.87 31.76
N GLY J 195 5.15 7.45 31.31
CA GLY J 195 6.44 7.06 31.84
C GLY J 195 7.30 6.25 30.89
N ARG J 196 6.69 5.61 29.90
CA ARG J 196 7.43 4.81 28.92
C ARG J 196 8.40 5.68 28.13
N MET J 197 9.59 5.15 27.89
CA MET J 197 10.62 5.85 27.14
C MET J 197 10.28 5.87 25.64
N LEU J 198 10.92 6.78 24.90
CA LEU J 198 10.73 6.90 23.45
C LEU J 198 12.05 7.23 22.79
N ILE J 199 12.46 6.45 21.82
CA ILE J 199 13.71 6.76 21.14
C ILE J 199 13.41 7.28 19.74
N HIS J 200 14.06 8.38 19.36
CA HIS J 200 13.85 8.90 18.01
C HIS J 200 14.95 8.34 17.10
N ILE J 201 14.53 7.78 15.98
CA ILE J 201 15.49 7.23 15.03
C ILE J 201 15.36 8.01 13.74
N GLY J 202 16.50 8.50 13.24
CA GLY J 202 16.51 9.27 12.02
C GLY J 202 16.75 8.43 10.79
N ARG J 203 17.95 7.85 10.68
CA ARG J 203 18.30 7.04 9.53
C ARG J 203 18.33 5.55 9.79
N THR J 204 17.64 4.77 8.95
CA THR J 204 17.61 3.32 9.10
C THR J 204 18.15 2.74 7.80
N LYS J 205 18.00 1.44 7.61
CA LYS J 205 18.49 0.82 6.39
C LYS J 205 17.68 1.23 5.18
N THR J 206 16.39 1.47 5.38
CA THR J 206 15.52 1.83 4.28
C THR J 206 14.85 3.20 4.32
N LEU J 207 15.16 4.00 5.35
CA LEU J 207 14.58 5.31 5.46
C LEU J 207 15.61 6.37 5.83
N VAL J 208 15.53 7.53 5.19
CA VAL J 208 16.46 8.63 5.47
C VAL J 208 15.72 9.96 5.29
N SER J 209 14.99 10.35 6.33
CA SER J 209 14.22 11.58 6.32
C SER J 209 14.39 12.32 7.64
N THR J 210 13.92 13.56 7.67
CA THR J 210 14.02 14.37 8.87
C THR J 210 12.82 14.15 9.76
N ALA J 211 11.91 13.28 9.33
CA ALA J 211 10.71 13.00 10.11
C ALA J 211 11.02 11.92 11.14
N GLY J 212 11.92 11.03 10.78
CA GLY J 212 12.30 9.97 11.66
C GLY J 212 11.16 9.03 11.94
N VAL J 213 11.25 8.35 13.07
CA VAL J 213 10.28 7.37 13.53
C VAL J 213 10.56 7.21 15.03
N GLU J 214 9.53 7.02 15.84
CA GLU J 214 9.72 6.88 17.28
C GLU J 214 9.48 5.47 17.81
N LYS J 215 10.56 4.78 18.18
CA LYS J 215 10.45 3.43 18.72
C LYS J 215 10.29 3.50 20.25
N ALA J 216 9.19 2.95 20.77
CA ALA J 216 8.88 3.00 22.20
C ALA J 216 9.25 1.77 23.06
N LEU J 217 9.72 2.03 24.28
CA LEU J 217 10.11 0.97 25.21
C LEU J 217 9.02 0.66 26.22
N SER J 218 9.09 -0.53 26.80
CA SER J 218 8.14 -0.97 27.82
C SER J 218 8.58 -0.40 29.17
N LEU J 219 7.72 -0.50 30.18
CA LEU J 219 8.06 -0.01 31.52
C LEU J 219 9.25 -0.82 32.04
N GLY J 220 9.27 -2.10 31.71
CA GLY J 220 10.35 -2.95 32.14
C GLY J 220 11.69 -2.57 31.54
N VAL J 221 11.74 -2.44 30.21
CA VAL J 221 12.98 -2.09 29.52
C VAL J 221 13.36 -0.66 29.80
N THR J 222 12.39 0.24 29.82
CA THR J 222 12.68 1.63 30.07
C THR J 222 13.55 1.76 31.33
N LYS J 223 13.26 0.93 32.33
CA LYS J 223 14.03 0.97 33.58
C LYS J 223 15.45 0.44 33.38
N LEU J 224 15.58 -0.57 32.53
CA LEU J 224 16.88 -1.14 32.25
C LEU J 224 17.81 -0.11 31.64
N VAL J 225 17.25 0.80 30.85
CA VAL J 225 18.07 1.82 30.22
C VAL J 225 18.41 2.86 31.27
N GLU J 226 17.42 3.24 32.09
CA GLU J 226 17.62 4.22 33.15
C GLU J 226 18.79 3.84 34.04
N ARG J 227 18.83 2.57 34.42
CA ARG J 227 19.89 2.05 35.25
C ARG J 227 21.22 2.16 34.50
N TRP J 228 21.20 1.93 33.20
CA TRP J 228 22.44 2.04 32.44
C TRP J 228 22.85 3.49 32.28
N ILE J 229 21.87 4.38 32.25
CA ILE J 229 22.14 5.79 32.08
C ILE J 229 22.87 6.42 33.25
N SER J 230 22.42 6.15 34.48
CA SER J 230 23.06 6.73 35.66
C SER J 230 24.39 6.06 35.96
N VAL J 231 24.40 4.75 36.04
CA VAL J 231 25.63 4.05 36.30
C VAL J 231 26.74 4.43 35.30
N SER J 232 26.35 4.93 34.12
CA SER J 232 27.33 5.25 33.08
C SER J 232 27.64 6.72 32.93
N GLY J 233 26.71 7.57 33.37
CA GLY J 233 26.91 9.00 33.25
C GLY J 233 27.10 9.34 31.79
N VAL J 234 26.00 9.33 31.05
CA VAL J 234 26.03 9.64 29.64
C VAL J 234 25.04 10.75 29.40
N ALA J 235 24.25 11.06 30.41
CA ALA J 235 23.28 12.14 30.32
C ALA J 235 24.00 13.45 30.59
N ASP J 236 25.32 13.35 30.79
CA ASP J 236 26.18 14.49 31.05
C ASP J 236 26.14 15.47 29.88
N ASP J 237 26.19 14.91 28.67
CA ASP J 237 26.15 15.69 27.44
C ASP J 237 25.02 15.11 26.60
N PRO J 238 23.93 15.86 26.41
CA PRO J 238 22.84 15.32 25.59
C PRO J 238 23.27 14.74 24.25
N ASN J 239 24.47 15.10 23.81
CA ASN J 239 25.02 14.63 22.53
C ASN J 239 25.78 13.32 22.62
N ASN J 240 25.96 12.83 23.84
CA ASN J 240 26.67 11.56 24.02
C ASN J 240 25.79 10.48 23.45
N TYR J 241 26.43 9.42 22.94
CA TYR J 241 25.69 8.28 22.43
C TYR J 241 25.23 7.49 23.65
N LEU J 242 24.08 6.82 23.54
CA LEU J 242 23.53 6.03 24.63
C LEU J 242 24.48 4.92 25.05
N PHE J 243 25.05 4.21 24.08
CA PHE J 243 25.99 3.14 24.43
C PHE J 243 27.44 3.51 24.10
N CYS J 244 28.36 3.02 24.91
CA CYS J 244 29.79 3.28 24.76
C CYS J 244 30.59 2.13 25.33
N ARG J 245 31.90 2.34 25.44
CA ARG J 245 32.80 1.33 25.97
C ARG J 245 32.85 1.33 27.49
N VAL J 246 33.33 0.22 28.04
CA VAL J 246 33.53 0.03 29.48
C VAL J 246 34.82 -0.78 29.58
N ARG J 247 35.84 -0.21 30.23
CA ARG J 247 37.16 -0.85 30.35
C ARG J 247 37.30 -1.84 31.50
N LYS J 248 38.36 -2.64 31.47
CA LYS J 248 38.60 -3.65 32.50
C LYS J 248 38.36 -3.17 33.93
N ASN J 249 38.46 -1.86 34.16
CA ASN J 249 38.25 -1.34 35.50
C ASN J 249 36.78 -1.17 35.86
N GLY J 250 35.91 -1.41 34.90
CA GLY J 250 34.49 -1.30 35.13
C GLY J 250 33.92 0.11 35.03
N VAL J 251 34.64 1.02 34.40
CA VAL J 251 34.15 2.39 34.27
C VAL J 251 33.78 2.70 32.82
N ALA J 252 32.52 3.10 32.63
CA ALA J 252 31.98 3.44 31.32
C ALA J 252 32.61 4.73 30.84
N ALA J 253 33.10 4.72 29.60
CA ALA J 253 33.75 5.91 29.00
C ALA J 253 32.88 6.59 27.92
N PRO J 254 31.86 7.37 28.35
CA PRO J 254 30.96 8.06 27.41
C PRO J 254 31.67 8.97 26.42
N SER J 255 31.06 9.12 25.24
CA SER J 255 31.57 9.95 24.15
C SER J 255 30.42 10.52 23.32
N ALA J 256 30.73 11.54 22.53
CA ALA J 256 29.72 12.17 21.69
C ALA J 256 30.23 12.31 20.26
N THR J 257 31.30 11.59 19.95
CA THR J 257 31.89 11.62 18.62
C THR J 257 32.34 10.23 18.25
N SER J 258 32.33 9.32 19.22
CA SER J 258 32.72 7.96 18.94
C SER J 258 31.62 7.07 19.49
N GLN J 259 31.06 6.24 18.64
CA GLN J 259 30.00 5.38 19.06
C GLN J 259 30.53 3.96 19.13
N LEU J 260 29.89 3.15 19.97
CA LEU J 260 30.30 1.77 20.11
C LEU J 260 30.13 1.16 18.74
N SER J 261 31.08 0.33 18.32
CA SER J 261 30.99 -0.24 16.99
C SER J 261 29.98 -1.38 16.91
N THR J 262 29.39 -1.55 15.74
CA THR J 262 28.40 -2.62 15.55
C THR J 262 29.07 -3.98 15.76
N ARG J 263 30.41 -3.98 15.73
CA ARG J 263 31.18 -5.20 15.95
C ARG J 263 31.06 -5.58 17.43
N ALA J 264 31.00 -4.56 18.28
CA ALA J 264 30.88 -4.76 19.72
C ALA J 264 29.45 -5.19 20.06
N LEU J 265 28.46 -4.59 19.42
CA LEU J 265 27.09 -4.99 19.72
C LEU J 265 26.92 -6.46 19.30
N GLU J 266 27.54 -6.86 18.18
CA GLU J 266 27.47 -8.27 17.77
C GLU J 266 28.17 -9.06 18.88
N GLY J 267 29.20 -8.44 19.45
CA GLY J 267 29.93 -9.10 20.51
C GLY J 267 29.03 -9.30 21.71
N ILE J 268 28.32 -8.26 22.12
CA ILE J 268 27.44 -8.36 23.27
C ILE J 268 26.53 -9.56 23.06
N PHE J 269 26.13 -9.80 21.82
CA PHE J 269 25.26 -10.93 21.54
C PHE J 269 26.02 -12.26 21.68
N GLU J 270 27.11 -12.42 20.93
CA GLU J 270 27.88 -13.66 21.02
C GLU J 270 28.15 -14.01 22.48
N ALA J 271 28.83 -13.10 23.18
CA ALA J 271 29.19 -13.28 24.58
C ALA J 271 28.01 -13.71 25.44
N THR J 272 26.90 -12.97 25.40
CA THR J 272 25.76 -13.33 26.23
C THR J 272 25.29 -14.76 25.92
N HIS J 273 25.66 -15.28 24.76
CA HIS J 273 25.23 -16.63 24.40
C HIS J 273 26.27 -17.64 24.84
N ARG J 274 27.52 -17.21 24.82
CA ARG J 274 28.64 -18.04 25.23
C ARG J 274 28.58 -18.11 26.76
N LEU J 275 27.72 -17.29 27.34
CA LEU J 275 27.57 -17.22 28.78
C LEU J 275 26.55 -18.23 29.32
N ILE J 276 25.53 -18.51 28.54
CA ILE J 276 24.49 -19.44 28.96
C ILE J 276 24.69 -20.81 28.31
N TYR J 277 25.45 -20.85 27.22
CA TYR J 277 25.66 -22.09 26.50
C TYR J 277 27.15 -22.33 26.31
N GLY J 278 27.97 -21.39 26.77
CA GLY J 278 29.39 -21.56 26.61
C GLY J 278 29.84 -21.88 25.19
N ALA J 279 31.16 -22.00 25.03
CA ALA J 279 31.85 -22.30 23.77
C ALA J 279 31.02 -22.86 22.61
N LYS J 280 31.10 -22.18 21.47
CA LYS J 280 30.35 -22.61 20.30
C LYS J 280 31.16 -23.62 19.50
N ASP J 281 30.41 -24.44 18.76
CA ASP J 281 30.94 -25.49 17.89
C ASP J 281 32.26 -25.16 17.20
N ASP J 282 32.83 -26.17 16.53
CA ASP J 282 34.09 -26.04 15.79
C ASP J 282 33.80 -26.17 14.30
N SER J 283 32.51 -26.09 13.98
CA SER J 283 32.02 -26.22 12.62
C SER J 283 32.43 -25.14 11.65
N GLY J 284 32.67 -23.93 12.14
CA GLY J 284 33.04 -22.85 11.25
C GLY J 284 31.84 -22.40 10.45
N GLN J 285 30.66 -22.83 10.89
CA GLN J 285 29.39 -22.47 10.26
C GLN J 285 28.94 -21.12 10.79
N ARG J 286 28.04 -20.47 10.07
CA ARG J 286 27.53 -19.18 10.49
C ARG J 286 26.28 -19.33 11.37
N TYR J 287 26.06 -18.34 12.22
CA TYR J 287 24.89 -18.30 13.09
C TYR J 287 24.81 -19.41 14.14
N LEU J 288 25.94 -19.72 14.75
CA LEU J 288 26.01 -20.75 15.76
C LEU J 288 25.67 -20.18 17.13
N ALA J 289 25.78 -18.86 17.23
CA ALA J 289 25.48 -18.11 18.46
C ALA J 289 24.81 -16.81 18.06
N TRP J 290 24.02 -16.26 18.98
CA TRP J 290 23.34 -15.01 18.74
C TRP J 290 24.17 -13.95 18.05
N SER J 291 23.61 -13.33 17.03
CA SER J 291 24.31 -12.28 16.29
C SER J 291 23.44 -11.02 16.30
N GLY J 292 23.92 -9.97 15.65
CA GLY J 292 23.18 -8.73 15.63
C GLY J 292 21.70 -8.81 15.29
N HIS J 293 21.33 -9.61 14.31
CA HIS J 293 19.92 -9.69 13.89
C HIS J 293 19.01 -10.58 14.73
N SER J 294 19.62 -11.37 15.61
CA SER J 294 18.94 -12.32 16.50
C SER J 294 17.68 -11.85 17.23
N ALA J 295 17.72 -10.66 17.82
CA ALA J 295 16.53 -10.17 18.53
C ALA J 295 15.47 -9.81 17.49
N ARG J 296 15.89 -9.24 16.38
CA ARG J 296 14.98 -8.88 15.30
C ARG J 296 14.14 -10.08 14.88
N VAL J 297 14.82 -11.15 14.43
CA VAL J 297 14.15 -12.35 13.98
C VAL J 297 13.43 -13.02 15.14
N GLY J 298 14.03 -12.93 16.32
CA GLY J 298 13.42 -13.54 17.49
C GLY J 298 12.07 -12.90 17.79
N ALA J 299 12.05 -11.57 17.90
CA ALA J 299 10.84 -10.84 18.19
C ALA J 299 9.82 -11.09 17.09
N ALA J 300 10.28 -11.00 15.84
CA ALA J 300 9.42 -11.22 14.68
C ALA J 300 8.64 -12.50 14.93
N ARG J 301 9.33 -13.53 15.38
CA ARG J 301 8.68 -14.81 15.66
C ARG J 301 7.65 -14.67 16.78
N ASP J 302 8.11 -14.29 17.97
CA ASP J 302 7.21 -14.12 19.12
C ASP J 302 5.89 -13.45 18.78
N MET J 303 5.92 -12.42 17.94
CA MET J 303 4.69 -11.73 17.60
C MET J 303 3.80 -12.62 16.77
N ALA J 304 4.33 -13.11 15.66
CA ALA J 304 3.55 -13.99 14.79
C ALA J 304 2.87 -15.01 15.68
N ARG J 305 3.67 -15.63 16.53
CA ARG J 305 3.21 -16.65 17.44
C ARG J 305 2.17 -16.13 18.42
N ALA J 306 2.14 -14.82 18.65
CA ALA J 306 1.15 -14.27 19.57
C ALA J 306 -0.09 -13.77 18.85
N GLY J 307 -0.14 -13.97 17.54
CA GLY J 307 -1.29 -13.55 16.77
C GLY J 307 -1.36 -12.10 16.35
N VAL J 308 -0.27 -11.37 16.46
CA VAL J 308 -0.24 -9.96 16.08
C VAL J 308 -0.55 -9.84 14.59
N SER J 309 -1.33 -8.84 14.19
CA SER J 309 -1.69 -8.69 12.76
C SER J 309 -0.50 -8.40 11.86
N ILE J 310 -0.73 -8.49 10.55
CA ILE J 310 0.35 -8.23 9.59
C ILE J 310 0.82 -6.79 9.69
N PRO J 311 -0.12 -5.83 9.67
CA PRO J 311 0.28 -4.44 9.78
C PRO J 311 1.07 -4.16 11.06
N GLU J 312 0.56 -4.61 12.21
CA GLU J 312 1.26 -4.39 13.47
C GLU J 312 2.67 -4.96 13.53
N ILE J 313 2.88 -6.13 12.93
CA ILE J 313 4.20 -6.76 12.92
C ILE J 313 5.11 -5.98 11.99
N MET J 314 4.49 -5.22 11.08
CA MET J 314 5.25 -4.43 10.14
C MET J 314 5.77 -3.11 10.73
N GLN J 315 4.97 -2.45 11.56
CA GLN J 315 5.43 -1.20 12.15
C GLN J 315 6.50 -1.48 13.17
N ALA J 316 6.44 -2.67 13.75
CA ALA J 316 7.40 -3.06 14.75
C ALA J 316 8.76 -3.22 14.12
N GLY J 317 8.79 -3.89 12.97
CA GLY J 317 10.04 -4.17 12.30
C GLY J 317 10.48 -3.15 11.28
N GLY J 318 9.59 -2.22 10.93
CA GLY J 318 9.95 -1.23 9.93
C GLY J 318 9.86 -1.83 8.54
N TRP J 319 8.97 -2.79 8.38
CA TRP J 319 8.78 -3.45 7.10
C TRP J 319 7.59 -2.84 6.37
N THR J 320 7.68 -2.74 5.06
CA THR J 320 6.60 -2.14 4.26
C THR J 320 5.66 -3.15 3.61
N ASN J 321 6.06 -4.41 3.57
CA ASN J 321 5.20 -5.37 2.93
C ASN J 321 5.33 -6.77 3.49
N VAL J 322 4.20 -7.47 3.46
CA VAL J 322 4.07 -8.84 3.94
C VAL J 322 5.22 -9.69 3.45
N ASN J 323 5.70 -9.35 2.26
CA ASN J 323 6.79 -10.08 1.63
C ASN J 323 7.94 -10.43 2.56
N ILE J 324 8.52 -9.38 3.16
CA ILE J 324 9.64 -9.55 4.07
C ILE J 324 9.18 -10.23 5.34
N VAL J 325 8.27 -9.59 6.07
CA VAL J 325 7.73 -10.13 7.32
C VAL J 325 7.64 -11.66 7.27
N MET J 326 7.01 -12.13 6.21
CA MET J 326 6.83 -13.56 6.01
C MET J 326 8.19 -14.24 5.89
N ASN J 327 9.10 -13.62 5.14
CA ASN J 327 10.44 -14.18 4.99
C ASN J 327 11.00 -14.45 6.39
N TYR J 328 11.07 -13.40 7.22
CA TYR J 328 11.60 -13.55 8.66
C TYR J 328 10.91 -14.70 9.48
N ILE J 329 9.93 -15.41 8.93
CA ILE J 329 9.35 -16.50 9.72
C ILE J 329 9.76 -17.89 9.23
N ARG J 330 10.18 -18.73 10.18
CA ARG J 330 10.62 -20.09 9.93
C ARG J 330 9.97 -20.91 11.03
N ASN J 331 9.33 -20.17 11.93
CA ASN J 331 8.58 -20.64 13.09
C ASN J 331 8.78 -21.99 13.79
N LEU J 332 8.05 -22.08 14.90
CA LEU J 332 8.01 -23.20 15.83
C LEU J 332 8.38 -24.56 15.26
N ASP J 333 8.87 -25.45 16.13
CA ASP J 333 9.28 -26.79 15.72
C ASP J 333 8.92 -27.93 16.67
N SER J 334 9.64 -28.05 17.80
CA SER J 334 9.44 -29.10 18.82
C SER J 334 8.14 -29.92 18.64
N GLU J 335 7.03 -29.33 19.06
CA GLU J 335 5.69 -29.90 18.91
C GLU J 335 5.08 -28.95 17.91
N THR J 336 5.88 -27.93 17.57
CA THR J 336 5.54 -26.87 16.65
C THR J 336 4.35 -26.07 17.20
N GLY J 337 3.32 -25.96 16.38
CA GLY J 337 2.11 -25.24 16.74
C GLY J 337 1.27 -25.26 15.48
N ALA J 338 0.12 -24.59 15.50
CA ALA J 338 -0.78 -24.52 14.34
C ALA J 338 -1.48 -25.84 14.03
N MET J 339 -1.15 -26.46 12.90
CA MET J 339 -1.77 -27.72 12.49
C MET J 339 -1.63 -28.82 13.55
N VAL J 340 -0.41 -29.11 13.95
CA VAL J 340 -0.15 -30.12 14.96
C VAL J 340 -1.02 -29.81 16.15
N ARG J 341 -0.95 -28.55 16.55
CA ARG J 341 -1.70 -28.03 17.69
C ARG J 341 -3.20 -28.14 17.43
N LEU J 342 -3.57 -28.42 16.18
CA LEU J 342 -4.97 -28.52 15.79
C LEU J 342 -5.47 -29.96 15.73
N LEU J 343 -4.63 -30.85 15.19
CA LEU J 343 -5.00 -32.25 15.09
C LEU J 343 -5.13 -32.88 16.46
N GLU J 344 -4.08 -32.74 17.26
CA GLU J 344 -4.16 -33.29 18.60
C GLU J 344 -5.31 -32.60 19.35
N ASP J 345 -6.51 -33.12 19.17
CA ASP J 345 -7.67 -32.64 19.78
C ASP J 345 -7.51 -31.76 20.98
I IOD K . -37.30 4.16 -15.01
MG MG L . 4.50 47.10 18.95
MG MG M . 3.87 33.70 1.34
MG MG N . 4.54 25.36 27.35
MG MG O . -0.09 20.17 28.12
MG MG P . -4.51 38.37 25.39
MG MG Q . -5.98 6.00 18.81
I IOD R . 34.17 -6.87 20.50
MG MG S . 21.19 -8.80 -9.75
#